data_3NH7
#
_entry.id   3NH7
#
_cell.length_a   89.320
_cell.length_b   129.255
_cell.length_c   100.239
_cell.angle_alpha   90.00
_cell.angle_beta   92.27
_cell.angle_gamma   90.00
#
_symmetry.space_group_name_H-M   'P 1 21 1'
#
loop_
_entity.id
_entity.type
_entity.pdbx_description
1 polymer 'Antibody fragment Fab AbD1556, heavy chain'
2 polymer 'Antibody fragment Fab AbD1556, light chain'
3 polymer 'Bone morphogenetic protein receptor type-1A'
4 water water
#
loop_
_entity_poly.entity_id
_entity_poly.type
_entity_poly.pdbx_seq_one_letter_code
_entity_poly.pdbx_strand_id
1 'polypeptide(L)'
;QVQLVESGGGLVQPGGSLRLSCAASGFTFSNYTLNWVRQAPGKGLEWVSYTSSSGSLTGYADSVKGRFTISRDNSKNTLY
LQMNSLRAEDTAVYYCARERWHVRGYFDHWGQGTLVTVSSASTKGPSVFPLAPSSKSTSGGTAALGCLVKDYFPEPVTVS
WNSGALTSGVHTFPAVLQSSGLYSLSSVVTVPSSSLGTQTYICNVNHKPSNTKVDKKVEPKSEFSAWSHPQFEK
;
H,I,J,K
2 'polypeptide(L)'
;DIELTQPPSVSVAPGQTARISCSGDSLGSKYVIWYQQKPGQAPVLVIYDDSNRPSGIPERFSGSNSGNTATLTISGTQAE
DEADYYCSTFTMSGNGTVFGGGTKLTVLGQPKAAPSVTLFPPSSEELQANKATLVCLISDFYPGAVTVAWKADSSPVKAG
VETTTPSKQSNNKYAASSYLSLTPEQWKSHRSYSCQVTHEGSTVEKTVAPTEA
;
L,M,N,O
3 'polypeptide(L)'
;QNLDSMLHGTGMKSDSDQKKSENGVTLAPEDTLPFLKCYCSGHCPDDAINNTCITNGHCFAIIEEDDQGETTLASGCMKY
EGSDFQCKDSPKAQLRRTIECCRTNLCNQYLQPTLPPVVIGPFFDGSIR
;
A,B,C,D
#
# COMPACT_ATOMS: atom_id res chain seq x y z
N GLN A 1 21.18 -30.72 16.96
CA GLN A 1 21.17 -30.21 15.55
C GLN A 1 21.53 -31.31 14.55
N VAL A 2 20.54 -32.15 14.25
CA VAL A 2 20.74 -33.33 13.44
C VAL A 2 21.68 -33.09 12.24
N GLN A 3 22.55 -34.05 11.98
CA GLN A 3 23.24 -34.10 10.69
C GLN A 3 23.26 -35.48 10.04
N LEU A 4 23.26 -35.49 8.72
CA LEU A 4 23.24 -36.73 7.99
C LEU A 4 24.09 -36.60 6.72
N VAL A 5 25.17 -37.35 6.60
CA VAL A 5 25.98 -37.17 5.39
C VAL A 5 26.34 -38.42 4.56
N GLU A 6 25.78 -38.48 3.37
CA GLU A 6 25.97 -39.61 2.46
C GLU A 6 27.32 -39.53 1.80
N SER A 7 27.90 -40.68 1.50
CA SER A 7 29.15 -40.75 0.79
C SER A 7 29.21 -42.09 0.10
N GLY A 8 30.18 -42.25 -0.79
CA GLY A 8 30.43 -43.58 -1.36
C GLY A 8 29.76 -43.79 -2.68
N GLY A 9 29.02 -42.81 -3.17
CA GLY A 9 28.41 -42.89 -4.50
C GLY A 9 29.42 -42.87 -5.65
N GLY A 10 29.00 -42.40 -6.81
CA GLY A 10 29.93 -42.23 -7.94
C GLY A 10 29.62 -43.08 -9.16
N LEU A 11 30.63 -43.41 -9.95
CA LEU A 11 30.42 -44.22 -11.16
C LEU A 11 30.52 -45.74 -10.98
N VAL A 12 29.71 -46.47 -11.74
CA VAL A 12 29.74 -47.94 -11.71
C VAL A 12 29.21 -48.47 -13.03
N GLN A 13 29.69 -49.62 -13.47
CA GLN A 13 29.12 -50.27 -14.65
C GLN A 13 27.85 -51.00 -14.26
N PRO A 14 27.04 -51.36 -15.25
CA PRO A 14 25.85 -52.16 -14.98
C PRO A 14 26.31 -53.49 -14.47
N GLY A 15 25.68 -53.99 -13.41
CA GLY A 15 26.01 -55.30 -12.89
C GLY A 15 26.97 -55.14 -11.74
N GLY A 16 27.44 -53.91 -11.57
CA GLY A 16 28.42 -53.62 -10.54
C GLY A 16 27.72 -53.53 -9.21
N SER A 17 28.50 -53.30 -8.16
CA SER A 17 27.93 -52.90 -6.89
C SER A 17 28.71 -51.75 -6.30
N LEU A 18 28.00 -50.89 -5.59
CA LEU A 18 28.61 -49.88 -4.72
C LEU A 18 28.05 -50.05 -3.32
N ARG A 19 28.76 -49.53 -2.34
CA ARG A 19 28.19 -49.43 -1.01
C ARG A 19 28.13 -47.98 -0.60
N LEU A 20 26.94 -47.47 -0.33
CA LEU A 20 26.74 -46.12 0.21
C LEU A 20 26.76 -46.08 1.77
N SER A 21 27.37 -45.08 2.34
CA SER A 21 27.32 -44.89 3.79
C SER A 21 26.63 -43.58 4.05
N CYS A 22 25.96 -43.42 5.21
CA CYS A 22 25.64 -42.06 5.66
C CYS A 22 25.82 -41.86 7.16
N ALA A 23 26.65 -40.87 7.50
CA ALA A 23 27.12 -40.66 8.87
C ALA A 23 26.15 -39.76 9.63
N ALA A 24 25.61 -40.24 10.75
CA ALA A 24 24.66 -39.46 11.49
C ALA A 24 25.37 -38.79 12.65
N SER A 25 24.77 -37.72 13.16
CA SER A 25 25.27 -37.04 14.33
C SER A 25 24.25 -36.02 14.83
N GLY A 26 24.42 -35.58 16.09
CA GLY A 26 23.51 -34.61 16.69
C GLY A 26 22.21 -35.26 17.15
N PHE A 27 22.16 -36.58 17.12
CA PHE A 27 21.06 -37.29 17.73
C PHE A 27 21.48 -38.68 18.20
N THR A 28 20.84 -39.18 19.25
CA THR A 28 21.17 -40.51 19.69
C THR A 28 20.69 -41.47 18.60
N PHE A 29 21.58 -41.75 17.66
CA PHE A 29 21.34 -42.54 16.42
C PHE A 29 20.44 -43.77 16.55
N SER A 30 20.84 -44.72 17.38
CA SER A 30 20.09 -45.96 17.57
C SER A 30 18.65 -45.82 18.13
N ASN A 31 18.16 -44.60 18.26
CA ASN A 31 16.80 -44.38 18.73
C ASN A 31 15.81 -44.12 17.60
N TYR A 32 16.29 -44.18 16.34
CA TYR A 32 15.50 -43.74 15.19
C TYR A 32 15.57 -44.69 13.99
N THR A 33 14.50 -44.75 13.22
CA THR A 33 14.48 -45.48 11.98
C THR A 33 15.13 -44.62 10.90
N LEU A 34 15.90 -45.25 10.02
CA LEU A 34 16.56 -44.56 8.94
C LEU A 34 16.04 -45.06 7.60
N ASN A 35 16.02 -44.18 6.61
CA ASN A 35 15.53 -44.56 5.29
C ASN A 35 16.57 -44.27 4.19
N TRP A 36 16.47 -45.02 3.11
CA TRP A 36 17.09 -44.54 1.89
C TRP A 36 15.99 -44.06 0.97
N VAL A 37 16.16 -42.88 0.41
CA VAL A 37 15.23 -42.42 -0.59
C VAL A 37 16.07 -41.89 -1.74
N ARG A 38 15.63 -42.09 -2.97
CA ARG A 38 16.42 -41.58 -4.13
C ARG A 38 15.64 -40.73 -5.13
N GLN A 39 16.33 -40.15 -6.08
CA GLN A 39 15.70 -39.27 -7.07
C GLN A 39 16.54 -39.19 -8.36
N ALA A 40 16.00 -39.71 -9.47
CA ALA A 40 16.73 -39.69 -10.75
C ALA A 40 16.79 -38.26 -11.27
N PRO A 41 17.91 -37.86 -11.89
CA PRO A 41 18.09 -36.44 -12.15
C PRO A 41 16.81 -35.80 -12.68
N GLY A 42 16.29 -34.81 -11.97
CA GLY A 42 15.11 -34.10 -12.47
C GLY A 42 13.81 -34.86 -12.56
N LYS A 43 13.75 -36.06 -12.00
CA LYS A 43 12.49 -36.76 -11.82
C LYS A 43 12.07 -36.64 -10.38
N GLY A 44 11.23 -37.56 -9.91
CA GLY A 44 10.64 -37.47 -8.58
C GLY A 44 11.24 -38.33 -7.46
N LEU A 45 10.72 -38.21 -6.26
CA LEU A 45 11.28 -38.97 -5.15
C LEU A 45 10.81 -40.43 -5.24
N GLU A 46 11.73 -41.36 -5.08
CA GLU A 46 11.38 -42.77 -4.89
C GLU A 46 12.03 -43.34 -3.62
N TRP A 47 11.20 -43.84 -2.68
CA TRP A 47 11.65 -44.53 -1.48
C TRP A 47 12.22 -45.89 -1.83
N VAL A 48 13.35 -46.19 -1.22
CA VAL A 48 14.09 -47.39 -1.49
C VAL A 48 14.02 -48.41 -0.37
N SER A 49 14.23 -47.95 0.88
CA SER A 49 14.45 -48.86 2.01
C SER A 49 14.44 -48.22 3.41
N TYR A 50 14.04 -49.01 4.43
CA TYR A 50 14.10 -48.63 5.85
C TYR A 50 14.75 -49.74 6.68
N THR A 51 15.40 -49.37 7.80
CA THR A 51 15.70 -50.31 8.90
C THR A 51 15.14 -49.75 10.19
N SER A 52 14.56 -50.61 11.02
CA SER A 52 14.04 -50.14 12.30
C SER A 52 15.21 -49.60 13.11
N SER A 53 14.90 -48.94 14.21
CA SER A 53 15.94 -48.43 15.10
C SER A 53 16.93 -49.51 15.49
N SER A 54 16.43 -50.68 15.89
CA SER A 54 17.29 -51.75 16.43
C SER A 54 17.95 -52.54 15.33
N GLY A 55 17.67 -52.16 14.08
CA GLY A 55 18.20 -52.83 12.89
C GLY A 55 17.51 -54.13 12.52
N SER A 56 16.50 -54.53 13.28
CA SER A 56 15.94 -55.86 13.11
C SER A 56 14.79 -55.94 12.11
N LEU A 57 14.10 -54.83 11.91
CA LEU A 57 13.03 -54.82 10.94
C LEU A 57 13.61 -54.11 9.75
N THR A 58 13.24 -54.54 8.57
CA THR A 58 13.89 -54.07 7.37
C THR A 58 12.84 -54.10 6.26
N GLY A 59 12.98 -53.24 5.26
CA GLY A 59 11.96 -53.16 4.20
C GLY A 59 12.40 -52.49 2.92
N TYR A 60 11.85 -52.96 1.80
CA TYR A 60 12.38 -52.52 0.51
C TYR A 60 11.34 -52.19 -0.52
N ALA A 61 11.72 -51.41 -1.53
CA ALA A 61 10.86 -51.18 -2.68
C ALA A 61 11.03 -52.31 -3.69
N ASP A 62 9.92 -52.86 -4.16
CA ASP A 62 9.97 -53.87 -5.21
C ASP A 62 11.09 -53.61 -6.25
N SER A 63 11.31 -52.36 -6.60
CA SER A 63 12.29 -52.08 -7.62
C SER A 63 13.70 -52.35 -7.14
N VAL A 64 13.88 -52.65 -5.85
CA VAL A 64 15.24 -52.93 -5.38
C VAL A 64 15.42 -54.22 -4.59
N LYS A 65 14.32 -54.73 -4.00
CA LYS A 65 14.28 -56.00 -3.24
C LYS A 65 15.25 -57.03 -3.84
N GLY A 66 16.09 -57.65 -3.01
CA GLY A 66 16.99 -58.69 -3.50
C GLY A 66 18.32 -58.20 -4.04
N ARG A 67 18.41 -56.93 -4.38
CA ARG A 67 19.63 -56.41 -4.98
C ARG A 67 20.32 -55.44 -4.00
N PHE A 68 19.52 -54.79 -3.16
CA PHE A 68 20.05 -53.83 -2.21
C PHE A 68 19.86 -54.38 -0.82
N THR A 69 20.84 -54.21 0.06
CA THR A 69 20.67 -54.62 1.45
C THR A 69 20.96 -53.44 2.32
N ILE A 70 19.95 -53.01 3.07
CA ILE A 70 20.12 -51.87 3.95
C ILE A 70 20.75 -52.40 5.21
N SER A 71 21.44 -51.55 5.95
CA SER A 71 21.89 -51.94 7.28
C SER A 71 22.43 -50.76 8.07
N ARG A 72 22.71 -51.02 9.35
CA ARG A 72 23.17 -49.98 10.20
C ARG A 72 24.15 -50.55 11.17
N ASP A 73 25.01 -49.70 11.71
CA ASP A 73 25.85 -50.13 12.79
C ASP A 73 25.74 -49.14 13.92
N ASN A 74 24.93 -49.45 14.91
CA ASN A 74 24.71 -48.49 15.98
C ASN A 74 25.94 -48.13 16.83
N SER A 75 27.02 -48.90 16.66
CA SER A 75 28.34 -48.66 17.25
C SER A 75 28.97 -47.40 16.71
N LYS A 76 29.31 -47.44 15.43
CA LYS A 76 29.63 -46.23 14.69
C LYS A 76 28.28 -45.54 14.69
N ASN A 77 28.08 -44.51 13.90
CA ASN A 77 26.73 -43.95 13.85
C ASN A 77 26.47 -43.86 12.41
N THR A 78 26.31 -45.03 11.80
CA THR A 78 26.46 -45.15 10.37
C THR A 78 25.40 -46.03 9.76
N LEU A 79 24.77 -45.53 8.72
CA LEU A 79 23.78 -46.31 8.05
C LEU A 79 24.35 -46.66 6.67
N TYR A 80 24.09 -47.89 6.23
CA TYR A 80 24.59 -48.39 4.94
C TYR A 80 23.51 -48.84 3.95
N LEU A 81 23.90 -48.88 2.68
CA LEU A 81 23.08 -49.47 1.64
C LEU A 81 23.96 -50.20 0.61
N GLN A 82 23.98 -51.53 0.66
CA GLN A 82 24.77 -52.32 -0.29
C GLN A 82 24.03 -52.54 -1.60
N MET A 83 24.47 -51.86 -2.66
CA MET A 83 23.74 -51.89 -3.93
C MET A 83 24.37 -52.83 -4.90
N ASN A 84 23.83 -54.03 -5.07
CA ASN A 84 24.35 -54.96 -6.09
C ASN A 84 23.51 -55.09 -7.36
N SER A 85 24.08 -55.75 -8.38
CA SER A 85 23.41 -55.94 -9.67
C SER A 85 22.79 -54.64 -10.17
N LEU A 86 23.63 -53.61 -10.19
CA LEU A 86 23.18 -52.26 -10.51
C LEU A 86 22.68 -52.16 -11.95
N ARG A 87 21.72 -51.26 -12.19
CA ARG A 87 21.19 -51.03 -13.54
C ARG A 87 21.10 -49.56 -13.81
N ALA A 88 20.89 -49.22 -15.07
CA ALA A 88 20.74 -47.81 -15.46
C ALA A 88 19.63 -47.14 -14.64
N GLU A 89 18.53 -47.85 -14.45
CA GLU A 89 17.40 -47.39 -13.62
C GLU A 89 17.84 -47.03 -12.20
N ASP A 90 18.98 -47.52 -11.74
CA ASP A 90 19.32 -47.17 -10.37
C ASP A 90 20.00 -45.81 -10.27
N THR A 91 20.44 -45.23 -11.39
CA THR A 91 21.11 -43.92 -11.31
C THR A 91 20.18 -42.88 -10.77
N ALA A 92 20.60 -42.22 -9.70
CA ALA A 92 19.74 -41.31 -8.96
C ALA A 92 20.62 -40.74 -7.90
N VAL A 93 20.21 -39.61 -7.32
CA VAL A 93 20.86 -39.07 -6.15
C VAL A 93 20.23 -39.80 -5.01
N TYR A 94 21.06 -40.38 -4.14
CA TYR A 94 20.61 -41.10 -2.94
C TYR A 94 20.65 -40.24 -1.70
N TYR A 95 19.55 -40.26 -0.94
CA TYR A 95 19.40 -39.56 0.33
C TYR A 95 19.18 -40.53 1.48
N CYS A 96 19.85 -40.33 2.62
CA CYS A 96 19.38 -41.06 3.79
C CYS A 96 18.55 -40.07 4.57
N ALA A 97 17.60 -40.57 5.33
CA ALA A 97 16.59 -39.73 5.90
C ALA A 97 16.19 -40.34 7.21
N ARG A 98 15.96 -39.50 8.21
CA ARG A 98 15.53 -39.96 9.52
C ARG A 98 13.98 -40.01 9.58
N GLU A 99 13.43 -41.08 10.15
CA GLU A 99 11.99 -41.20 10.34
C GLU A 99 11.66 -40.67 11.72
N ARG A 100 10.52 -40.00 11.85
CA ARG A 100 10.05 -39.57 13.14
C ARG A 100 8.54 -39.59 13.16
N TRP A 101 7.95 -40.08 14.25
CA TRP A 101 6.49 -40.21 14.35
C TRP A 101 5.91 -39.24 15.33
N HIS A 102 4.79 -38.63 14.97
CA HIS A 102 3.96 -37.99 15.95
C HIS A 102 2.88 -39.03 16.13
N VAL A 103 1.78 -38.86 15.43
CA VAL A 103 0.79 -39.90 15.31
C VAL A 103 1.28 -40.90 14.29
N ARG A 104 1.79 -40.39 13.17
CA ARG A 104 2.37 -41.28 12.16
C ARG A 104 3.69 -40.77 11.58
N GLY A 105 4.42 -41.65 10.92
CA GLY A 105 5.77 -41.31 10.48
C GLY A 105 5.92 -40.20 9.43
N TYR A 106 7.00 -39.43 9.59
CA TYR A 106 7.45 -38.46 8.59
C TYR A 106 8.98 -38.46 8.62
N PHE A 107 9.60 -38.00 7.53
CA PHE A 107 11.05 -37.86 7.44
C PHE A 107 11.46 -36.42 7.75
N ASP A 108 11.98 -36.20 8.96
CA ASP A 108 12.25 -34.84 9.42
C ASP A 108 13.59 -34.27 9.01
N HIS A 109 14.50 -35.13 8.61
CA HIS A 109 15.87 -34.67 8.35
C HIS A 109 16.49 -35.53 7.30
N TRP A 110 17.12 -34.87 6.33
CA TRP A 110 17.68 -35.57 5.20
C TRP A 110 19.12 -35.16 5.02
N GLY A 111 19.96 -36.09 4.56
CA GLY A 111 21.30 -35.75 4.09
C GLY A 111 21.20 -34.91 2.82
N GLN A 112 22.32 -34.52 2.23
CA GLN A 112 22.17 -33.77 0.98
C GLN A 112 22.51 -34.65 -0.22
N GLY A 113 22.50 -35.96 -0.03
CA GLY A 113 22.65 -36.95 -1.11
C GLY A 113 23.98 -37.13 -1.84
N THR A 114 24.32 -38.38 -2.16
CA THR A 114 25.33 -38.66 -3.19
C THR A 114 24.71 -39.13 -4.47
N LEU A 115 25.31 -38.69 -5.57
CA LEU A 115 24.89 -39.12 -6.89
C LEU A 115 25.47 -40.49 -7.16
N VAL A 116 24.61 -41.45 -7.50
CA VAL A 116 25.12 -42.69 -8.09
C VAL A 116 24.82 -42.69 -9.58
N THR A 117 25.80 -42.90 -10.43
CA THR A 117 25.44 -42.95 -11.83
C THR A 117 25.90 -44.25 -12.47
N VAL A 118 24.97 -45.03 -13.00
CA VAL A 118 25.32 -46.36 -13.49
C VAL A 118 25.47 -46.38 -15.01
N SER A 119 26.68 -46.58 -15.50
CA SER A 119 26.78 -46.52 -16.91
C SER A 119 28.04 -47.13 -17.41
N SER A 120 27.90 -47.86 -18.51
CA SER A 120 29.02 -48.52 -19.12
C SER A 120 29.52 -47.55 -20.13
N ALA A 121 28.98 -46.33 -20.07
CA ALA A 121 29.49 -45.26 -20.88
C ALA A 121 30.84 -44.88 -20.33
N SER A 122 31.72 -44.53 -21.25
CA SER A 122 33.08 -44.10 -20.94
C SER A 122 33.59 -43.56 -22.25
N THR A 123 33.47 -42.24 -22.42
CA THR A 123 33.91 -41.60 -23.65
C THR A 123 33.47 -42.34 -24.92
N LYS A 124 32.55 -41.74 -25.65
CA LYS A 124 32.24 -42.15 -27.03
C LYS A 124 31.79 -40.89 -27.77
N GLY A 125 32.40 -40.61 -28.92
CA GLY A 125 32.02 -39.46 -29.74
C GLY A 125 30.61 -39.59 -30.30
N PRO A 126 29.99 -38.46 -30.68
CA PRO A 126 28.61 -38.51 -31.09
C PRO A 126 28.50 -38.69 -32.58
N SER A 127 27.37 -39.21 -33.02
CA SER A 127 27.07 -39.23 -34.44
C SER A 127 26.24 -37.98 -34.73
N VAL A 128 26.59 -37.25 -35.78
CA VAL A 128 25.79 -36.10 -36.16
C VAL A 128 24.90 -36.35 -37.38
N PHE A 129 23.63 -35.97 -37.25
CA PHE A 129 22.71 -35.95 -38.36
C PHE A 129 22.11 -34.55 -38.58
N PRO A 130 21.91 -34.16 -39.85
CA PRO A 130 21.37 -32.85 -40.17
C PRO A 130 19.83 -32.80 -40.03
N LEU A 131 19.34 -31.76 -39.37
CA LEU A 131 17.91 -31.51 -39.30
C LEU A 131 17.38 -30.67 -40.48
N ALA A 132 16.97 -31.38 -41.53
CA ALA A 132 16.57 -30.80 -42.81
C ALA A 132 15.33 -29.93 -42.69
N PRO A 133 15.44 -28.68 -43.15
CA PRO A 133 14.35 -27.70 -43.05
C PRO A 133 13.18 -28.00 -43.95
N SER A 134 11.98 -27.76 -43.44
CA SER A 134 10.75 -27.78 -44.23
C SER A 134 10.37 -26.35 -44.62
N SER A 135 9.79 -26.21 -45.81
CA SER A 135 9.29 -24.91 -46.28
C SER A 135 7.77 -24.82 -46.09
N ALA A 143 12.08 -20.34 -42.17
CA ALA A 143 12.60 -21.71 -42.20
C ALA A 143 13.47 -22.05 -41.00
N ALA A 144 13.31 -23.26 -40.47
CA ALA A 144 14.17 -23.76 -39.41
C ALA A 144 14.92 -25.02 -39.83
N LEU A 145 16.16 -25.15 -39.38
CA LEU A 145 16.99 -26.33 -39.66
C LEU A 145 17.99 -26.52 -38.51
N GLY A 146 18.56 -27.71 -38.37
CA GLY A 146 19.44 -27.99 -37.24
C GLY A 146 20.47 -29.11 -37.37
N CYS A 147 21.06 -29.50 -36.25
CA CYS A 147 21.88 -30.70 -36.20
C CYS A 147 21.46 -31.56 -35.02
N LEU A 148 21.21 -32.83 -35.29
CA LEU A 148 20.93 -33.81 -34.26
C LEU A 148 22.27 -34.38 -33.85
N VAL A 149 22.75 -34.03 -32.67
CA VAL A 149 24.06 -34.55 -32.24
C VAL A 149 23.79 -35.58 -31.16
N LYS A 150 24.09 -36.83 -31.50
CA LYS A 150 23.42 -37.95 -30.84
C LYS A 150 24.42 -38.95 -30.26
N ASP A 151 24.05 -39.47 -29.08
CA ASP A 151 24.67 -40.66 -28.52
C ASP A 151 26.08 -40.49 -28.00
N TYR A 152 26.40 -39.33 -27.43
CA TYR A 152 27.78 -39.09 -26.94
C TYR A 152 27.91 -39.18 -25.42
N PHE A 153 29.12 -38.94 -24.93
CA PHE A 153 29.42 -39.05 -23.50
C PHE A 153 30.88 -38.78 -23.26
N PRO A 154 31.20 -38.11 -22.13
CA PRO A 154 30.27 -37.42 -21.26
C PRO A 154 30.29 -35.96 -21.68
N GLU A 155 29.61 -35.11 -20.90
CA GLU A 155 29.56 -33.67 -21.19
C GLU A 155 30.97 -33.04 -21.23
N PRO A 156 31.16 -31.94 -21.98
CA PRO A 156 30.20 -31.19 -22.78
C PRO A 156 30.42 -31.26 -24.30
N VAL A 157 29.48 -30.73 -25.08
CA VAL A 157 29.62 -30.63 -26.53
C VAL A 157 29.29 -29.21 -26.97
N THR A 158 30.16 -28.61 -27.79
CA THR A 158 29.87 -27.31 -28.41
C THR A 158 29.45 -27.42 -29.88
N VAL A 159 28.47 -26.61 -30.29
CA VAL A 159 28.10 -26.48 -31.70
C VAL A 159 28.27 -25.03 -32.12
N SER A 160 29.05 -24.78 -33.16
CA SER A 160 28.97 -23.49 -33.81
C SER A 160 28.26 -23.67 -35.15
N TRP A 161 27.86 -22.58 -35.79
CA TRP A 161 27.41 -22.66 -37.18
C TRP A 161 28.33 -21.90 -38.15
N ASN A 162 28.42 -22.39 -39.38
CA ASN A 162 29.35 -21.87 -40.38
C ASN A 162 30.52 -21.23 -39.67
N SER A 163 31.35 -22.09 -39.09
CA SER A 163 32.52 -21.71 -38.25
C SER A 163 32.50 -20.35 -37.57
N GLY A 164 31.41 -20.06 -36.86
CA GLY A 164 31.32 -18.84 -36.10
C GLY A 164 30.56 -17.74 -36.82
N ALA A 165 30.60 -17.76 -38.14
CA ALA A 165 29.91 -16.75 -38.94
C ALA A 165 28.41 -16.62 -38.58
N LEU A 166 27.71 -17.75 -38.47
CA LEU A 166 26.27 -17.73 -38.20
C LEU A 166 25.99 -17.71 -36.70
N THR A 167 25.47 -16.59 -36.23
CA THR A 167 25.42 -16.32 -34.80
C THR A 167 24.00 -15.98 -34.33
N SER A 168 23.39 -15.08 -35.08
CA SER A 168 22.00 -14.66 -34.88
C SER A 168 21.01 -15.81 -35.12
N GLY A 169 19.97 -15.90 -34.30
CA GLY A 169 18.87 -16.85 -34.52
C GLY A 169 19.18 -18.30 -34.15
N VAL A 170 20.24 -18.50 -33.37
CA VAL A 170 20.63 -19.86 -32.99
C VAL A 170 20.16 -20.23 -31.60
N HIS A 171 19.77 -21.48 -31.46
CA HIS A 171 19.30 -21.99 -30.21
C HIS A 171 19.86 -23.38 -30.13
N THR A 172 20.93 -23.55 -29.39
CA THR A 172 21.35 -24.89 -29.07
C THR A 172 20.65 -25.30 -27.79
N PHE A 173 20.11 -26.51 -27.77
CA PHE A 173 19.32 -27.00 -26.62
C PHE A 173 20.15 -27.80 -25.64
N PRO A 174 19.80 -27.71 -24.35
CA PRO A 174 20.48 -28.58 -23.39
C PRO A 174 20.14 -30.05 -23.66
N ALA A 175 21.05 -30.94 -23.23
CA ALA A 175 21.06 -32.36 -23.62
C ALA A 175 20.20 -33.23 -22.71
N VAL A 176 19.69 -34.35 -23.25
CA VAL A 176 19.09 -35.44 -22.44
C VAL A 176 20.11 -36.47 -21.97
N LEU A 177 19.87 -36.99 -20.77
CA LEU A 177 20.65 -38.13 -20.30
C LEU A 177 19.73 -39.28 -20.51
N GLN A 178 20.06 -40.07 -21.52
CA GLN A 178 19.21 -41.19 -21.90
C GLN A 178 19.40 -42.38 -20.97
N SER A 179 18.50 -43.35 -21.06
CA SER A 179 18.60 -44.57 -20.24
C SER A 179 19.93 -45.23 -20.47
N SER A 180 20.32 -45.38 -21.73
CA SER A 180 21.60 -46.02 -22.06
C SER A 180 22.70 -45.47 -21.18
N GLY A 181 22.65 -44.17 -20.91
CA GLY A 181 23.67 -43.52 -20.11
C GLY A 181 24.40 -42.56 -21.01
N LEU A 182 23.96 -42.50 -22.26
CA LEU A 182 24.54 -41.58 -23.21
C LEU A 182 23.66 -40.35 -23.35
N TYR A 183 24.22 -39.31 -23.94
CA TYR A 183 23.54 -38.03 -24.07
C TYR A 183 23.20 -37.75 -25.56
N SER A 184 22.23 -36.86 -25.78
CA SER A 184 21.99 -36.25 -27.11
C SER A 184 21.55 -34.81 -26.93
N LEU A 185 21.85 -33.97 -27.90
CA LEU A 185 21.39 -32.59 -27.86
C LEU A 185 21.09 -32.14 -29.27
N SER A 186 20.48 -30.96 -29.39
CA SER A 186 20.19 -30.39 -30.68
C SER A 186 20.55 -28.91 -30.72
N SER A 187 21.07 -28.47 -31.87
CA SER A 187 21.25 -27.05 -32.15
C SER A 187 20.35 -26.72 -33.35
N VAL A 188 19.43 -25.79 -33.20
CA VAL A 188 18.62 -25.36 -34.33
C VAL A 188 18.76 -23.86 -34.58
N VAL A 189 18.97 -23.47 -35.84
CA VAL A 189 19.09 -22.06 -36.26
C VAL A 189 17.91 -21.65 -37.16
N THR A 190 17.41 -20.42 -37.00
CA THR A 190 16.30 -19.98 -37.85
C THR A 190 16.81 -19.02 -38.93
N VAL A 191 16.50 -19.33 -40.19
CA VAL A 191 17.06 -18.61 -41.34
C VAL A 191 16.01 -18.55 -42.47
N PRO A 192 16.26 -17.69 -43.49
CA PRO A 192 15.46 -17.69 -44.72
C PRO A 192 16.38 -17.64 -45.95
N SER A 193 15.86 -17.93 -47.13
CA SER A 193 16.67 -17.75 -48.35
C SER A 193 15.87 -17.72 -49.66
N THR A 200 23.19 -23.81 -47.58
CA THR A 200 24.53 -23.28 -47.44
C THR A 200 25.10 -23.39 -46.01
N TYR A 201 24.45 -24.19 -45.16
CA TYR A 201 24.72 -24.18 -43.70
C TYR A 201 25.38 -25.44 -43.08
N ILE A 202 26.26 -25.22 -42.10
CA ILE A 202 27.09 -26.27 -41.49
C ILE A 202 27.17 -26.18 -39.95
N CYS A 203 27.09 -27.31 -39.24
CA CYS A 203 27.34 -27.27 -37.80
C CYS A 203 28.70 -27.84 -37.41
N ASN A 204 29.41 -27.13 -36.53
CA ASN A 204 30.74 -27.55 -36.06
C ASN A 204 30.67 -28.17 -34.66
N VAL A 205 30.35 -29.46 -34.62
CA VAL A 205 30.20 -30.21 -33.37
C VAL A 205 31.56 -30.58 -32.80
N ASN A 206 31.83 -30.12 -31.59
CA ASN A 206 33.15 -30.23 -30.97
C ASN A 206 32.99 -30.96 -29.64
N HIS A 207 33.64 -32.10 -29.48
CA HIS A 207 33.44 -32.88 -28.27
C HIS A 207 34.79 -33.20 -27.64
N LYS A 208 35.48 -32.15 -27.19
CA LYS A 208 36.87 -32.22 -26.69
C LYS A 208 37.23 -33.49 -25.94
N PRO A 209 36.35 -33.91 -25.02
CA PRO A 209 36.49 -35.17 -24.28
C PRO A 209 36.84 -36.40 -25.14
N SER A 210 36.66 -36.32 -26.45
CA SER A 210 36.92 -37.47 -27.31
C SER A 210 37.49 -37.09 -28.67
N ASN A 211 38.35 -36.06 -28.68
CA ASN A 211 38.93 -35.56 -29.92
C ASN A 211 38.07 -35.76 -31.18
N THR A 212 36.78 -35.43 -31.08
CA THR A 212 35.86 -35.52 -32.20
C THR A 212 35.47 -34.13 -32.72
N LYS A 213 35.80 -33.86 -33.98
CA LYS A 213 35.28 -32.67 -34.64
C LYS A 213 34.54 -33.05 -35.92
N VAL A 214 33.23 -32.96 -35.90
CA VAL A 214 32.41 -33.27 -37.07
C VAL A 214 31.76 -32.00 -37.60
N ASP A 215 31.96 -31.75 -38.89
CA ASP A 215 31.22 -30.70 -39.56
C ASP A 215 30.20 -31.35 -40.46
N LYS A 216 28.92 -31.05 -40.25
CA LYS A 216 27.89 -31.64 -41.10
C LYS A 216 27.13 -30.57 -41.85
N LYS A 217 27.28 -30.56 -43.17
CA LYS A 217 26.52 -29.67 -44.01
C LYS A 217 25.05 -30.11 -44.01
N VAL A 218 24.18 -29.23 -43.58
CA VAL A 218 22.78 -29.53 -43.57
C VAL A 218 22.14 -28.86 -44.77
N GLU A 219 21.27 -29.59 -45.46
CA GLU A 219 20.60 -29.04 -46.63
C GLU A 219 19.11 -29.33 -46.65
N PRO A 220 18.44 -29.03 -47.79
CA PRO A 220 17.06 -29.42 -48.11
C PRO A 220 16.93 -30.86 -48.58
N ILE B 2 -2.07 -46.60 -2.22
CA ILE B 2 -0.97 -47.32 -2.96
C ILE B 2 -0.37 -46.46 -4.09
N GLU B 3 -1.06 -45.40 -4.54
CA GLU B 3 -0.53 -44.57 -5.65
C GLU B 3 -1.02 -43.12 -5.69
N LEU B 4 -0.12 -42.17 -5.50
CA LEU B 4 -0.54 -40.81 -5.29
C LEU B 4 -0.41 -39.99 -6.59
N THR B 5 -1.42 -39.19 -6.87
CA THR B 5 -1.43 -38.45 -8.12
C THR B 5 -1.43 -36.96 -7.89
N GLN B 6 -0.39 -36.26 -8.34
CA GLN B 6 -0.34 -34.81 -8.28
C GLN B 6 -0.26 -34.18 -9.66
N PRO B 7 -0.85 -32.98 -9.86
CA PRO B 7 -0.69 -32.34 -11.17
C PRO B 7 0.74 -31.88 -11.33
N PRO B 8 1.26 -31.94 -12.57
CA PRO B 8 2.72 -31.80 -12.73
C PRO B 8 3.14 -30.42 -12.33
N SER B 9 2.27 -29.46 -12.57
CA SER B 9 2.64 -28.08 -12.33
C SER B 9 1.47 -27.20 -12.04
N VAL B 10 1.70 -26.18 -11.19
CA VAL B 10 0.67 -25.25 -10.74
C VAL B 10 1.33 -23.91 -10.58
N SER B 11 0.63 -22.84 -10.97
CA SER B 11 1.19 -21.51 -10.96
C SER B 11 0.21 -20.51 -10.37
N VAL B 12 0.74 -19.46 -9.73
CA VAL B 12 -0.08 -18.43 -9.06
C VAL B 12 0.51 -17.07 -9.25
N ALA B 13 -0.29 -16.05 -9.18
CA ALA B 13 0.25 -14.71 -9.21
C ALA B 13 0.77 -14.36 -7.83
N PRO B 14 1.76 -13.46 -7.74
CA PRO B 14 2.31 -13.12 -6.44
C PRO B 14 1.21 -12.66 -5.52
N GLY B 15 1.21 -13.15 -4.29
CA GLY B 15 0.17 -12.82 -3.33
C GLY B 15 -1.02 -13.76 -3.30
N GLN B 16 -1.25 -14.49 -4.40
CA GLN B 16 -2.46 -15.32 -4.46
C GLN B 16 -2.28 -16.65 -3.81
N THR B 17 -3.38 -17.36 -3.57
CA THR B 17 -3.31 -18.62 -2.86
C THR B 17 -3.01 -19.77 -3.79
N ALA B 18 -2.13 -20.66 -3.40
CA ALA B 18 -1.87 -21.80 -4.27
C ALA B 18 -2.45 -23.02 -3.61
N ARG B 19 -3.06 -23.86 -4.43
CA ARG B 19 -3.58 -25.12 -3.94
C ARG B 19 -2.97 -26.27 -4.72
N ILE B 20 -2.24 -27.15 -4.03
CA ILE B 20 -1.66 -28.31 -4.72
C ILE B 20 -2.32 -29.61 -4.29
N SER B 21 -2.96 -30.30 -5.22
CA SER B 21 -3.74 -31.46 -4.83
C SER B 21 -2.92 -32.75 -4.90
N CYS B 22 -3.42 -33.79 -4.23
CA CYS B 22 -2.76 -35.10 -4.15
C CYS B 22 -3.87 -36.12 -3.94
N SER B 23 -4.08 -37.01 -4.91
CA SER B 23 -5.23 -37.90 -4.80
C SER B 23 -4.91 -39.36 -5.08
N GLY B 24 -5.68 -40.26 -4.43
CA GLY B 24 -5.57 -41.71 -4.61
C GLY B 24 -6.69 -42.44 -3.86
N ASP B 25 -6.90 -43.74 -4.16
CA ASP B 25 -7.98 -44.50 -3.50
C ASP B 25 -7.99 -44.35 -1.97
N SER B 26 -9.06 -43.78 -1.46
CA SER B 26 -9.26 -43.68 -0.02
C SER B 26 -8.14 -42.94 0.69
N LEU B 27 -7.52 -41.98 0.03
CA LEU B 27 -6.44 -41.20 0.63
C LEU B 27 -6.86 -40.62 1.99
N GLY B 28 -8.10 -40.23 2.10
CA GLY B 28 -8.56 -39.62 3.32
C GLY B 28 -8.62 -40.54 4.53
N SER B 29 -8.33 -41.83 4.36
CA SER B 29 -8.24 -42.75 5.49
C SER B 29 -6.75 -43.00 5.80
N LYS B 30 -5.89 -42.23 5.16
CA LYS B 30 -4.47 -42.34 5.37
C LYS B 30 -3.90 -40.97 5.73
N TYR B 31 -2.84 -40.96 6.53
CA TYR B 31 -2.22 -39.68 6.89
C TYR B 31 -1.20 -39.26 5.86
N VAL B 32 -1.36 -38.03 5.37
CA VAL B 32 -0.51 -37.51 4.30
C VAL B 32 0.50 -36.53 4.84
N ILE B 33 1.70 -36.56 4.22
CA ILE B 33 2.88 -35.79 4.60
C ILE B 33 3.39 -34.99 3.39
N TRP B 34 3.83 -33.75 3.57
CA TRP B 34 4.26 -32.95 2.43
C TRP B 34 5.69 -32.39 2.52
N TYR B 35 6.42 -32.50 1.41
CA TYR B 35 7.75 -31.92 1.37
C TYR B 35 7.88 -30.86 0.29
N GLN B 36 8.65 -29.82 0.60
CA GLN B 36 9.00 -28.79 -0.34
C GLN B 36 10.45 -29.04 -0.71
N GLN B 37 10.75 -28.90 -1.99
CA GLN B 37 12.09 -29.11 -2.45
C GLN B 37 12.62 -28.07 -3.45
N LYS B 38 13.64 -27.31 -3.05
CA LYS B 38 14.24 -26.31 -3.93
C LYS B 38 15.46 -26.85 -4.69
N PRO B 39 15.67 -26.38 -5.92
CA PRO B 39 16.78 -26.79 -6.77
C PRO B 39 18.08 -26.91 -5.98
N GLY B 40 18.78 -28.03 -6.13
CA GLY B 40 20.06 -28.20 -5.46
C GLY B 40 20.02 -28.59 -4.00
N GLN B 41 18.83 -28.86 -3.46
CA GLN B 41 18.82 -29.28 -2.06
C GLN B 41 17.86 -30.38 -1.62
N ALA B 42 18.00 -30.82 -0.38
CA ALA B 42 17.20 -31.89 0.16
C ALA B 42 15.74 -31.47 0.32
N PRO B 43 14.82 -32.44 0.23
CA PRO B 43 13.47 -32.02 0.51
C PRO B 43 13.34 -31.55 1.96
N VAL B 44 12.30 -30.77 2.26
CA VAL B 44 12.10 -30.21 3.58
C VAL B 44 10.67 -30.50 4.03
N LEU B 45 10.49 -31.01 5.25
CA LEU B 45 9.17 -31.27 5.81
C LEU B 45 8.40 -29.97 5.93
N VAL B 46 7.17 -29.91 5.40
CA VAL B 46 6.33 -28.75 5.60
C VAL B 46 5.01 -29.07 6.26
N ILE B 47 4.50 -30.29 6.07
CA ILE B 47 3.25 -30.69 6.75
C ILE B 47 3.23 -32.19 7.05
N TYR B 48 2.86 -32.57 8.27
CA TYR B 48 3.16 -33.93 8.70
C TYR B 48 2.04 -34.91 9.16
N ASP B 49 1.08 -34.55 9.99
CA ASP B 49 -0.04 -35.49 10.02
C ASP B 49 -0.90 -34.69 9.07
N ASP B 50 -2.11 -35.04 8.69
CA ASP B 50 -2.46 -34.43 7.42
C ASP B 50 -2.22 -32.91 7.38
N SER B 51 -2.10 -32.27 8.56
CA SER B 51 -2.14 -30.83 8.61
C SER B 51 -1.34 -30.14 9.73
N ASN B 52 -0.25 -30.75 10.21
CA ASN B 52 0.55 -30.13 11.28
C ASN B 52 1.73 -29.45 10.66
N ARG B 53 2.10 -28.27 11.17
CA ARG B 53 3.27 -27.57 10.65
C ARG B 53 4.41 -27.77 11.59
N PRO B 54 5.52 -28.29 11.07
CA PRO B 54 6.67 -28.30 11.96
C PRO B 54 6.97 -26.86 12.41
N SER B 55 7.38 -26.70 13.67
CA SER B 55 7.69 -25.37 14.15
C SER B 55 8.76 -24.75 13.23
N GLY B 56 8.47 -23.60 12.65
CA GLY B 56 9.45 -22.97 11.80
C GLY B 56 9.15 -23.01 10.31
N ILE B 57 8.05 -23.65 9.93
CA ILE B 57 7.44 -23.50 8.61
C ILE B 57 6.33 -22.48 8.80
N PRO B 58 6.26 -21.46 7.92
CA PRO B 58 5.34 -20.30 8.10
C PRO B 58 3.88 -20.67 8.07
N GLU B 59 3.04 -19.98 8.87
CA GLU B 59 1.59 -20.24 8.98
C GLU B 59 0.89 -20.28 7.62
N ARG B 60 1.51 -19.59 6.67
CA ARG B 60 1.14 -19.55 5.25
C ARG B 60 0.83 -20.90 4.65
N PHE B 61 1.48 -21.94 5.17
CA PHE B 61 1.31 -23.32 4.76
C PHE B 61 0.35 -24.09 5.61
N SER B 62 -0.60 -24.77 4.98
CA SER B 62 -1.54 -25.61 5.69
C SER B 62 -1.84 -26.77 4.76
N GLY B 63 -2.32 -27.87 5.34
CA GLY B 63 -2.78 -29.00 4.54
C GLY B 63 -4.08 -29.57 5.08
N SER B 64 -4.86 -30.19 4.20
CA SER B 64 -6.09 -30.83 4.63
C SER B 64 -6.22 -32.12 3.85
N ASN B 65 -7.08 -33.02 4.31
CA ASN B 65 -7.26 -34.31 3.66
C ASN B 65 -8.65 -34.92 3.88
N SER B 66 -9.37 -35.15 2.78
CA SER B 66 -10.61 -35.92 2.82
C SER B 66 -10.94 -36.54 1.46
N GLY B 67 -11.88 -37.49 1.48
CA GLY B 67 -12.30 -38.16 0.27
C GLY B 67 -11.13 -38.90 -0.31
N ASN B 68 -10.79 -38.57 -1.54
CA ASN B 68 -9.65 -39.17 -2.22
C ASN B 68 -8.55 -38.12 -2.38
N THR B 69 -8.70 -36.99 -1.72
CA THR B 69 -7.87 -35.83 -2.04
C THR B 69 -7.22 -35.10 -0.86
N ALA B 70 -5.91 -34.93 -0.90
CA ALA B 70 -5.18 -34.17 0.10
C ALA B 70 -4.70 -32.91 -0.58
N THR B 71 -4.64 -31.80 0.16
CA THR B 71 -4.35 -30.52 -0.48
C THR B 71 -3.35 -29.66 0.34
N LEU B 72 -2.29 -29.17 -0.33
CA LEU B 72 -1.37 -28.23 0.30
C LEU B 72 -1.76 -26.90 -0.22
N THR B 73 -2.00 -26.00 0.72
CA THR B 73 -2.51 -24.69 0.48
C THR B 73 -1.47 -23.68 0.97
N ILE B 74 -1.01 -22.80 0.08
CA ILE B 74 -0.04 -21.77 0.44
C ILE B 74 -0.72 -20.45 0.26
N SER B 75 -1.09 -19.80 1.36
CA SER B 75 -1.85 -18.55 1.25
C SER B 75 -0.85 -17.44 0.92
N GLY B 76 -1.32 -16.26 0.55
CA GLY B 76 -0.43 -15.19 0.10
C GLY B 76 1.00 -15.62 -0.22
N THR B 77 1.25 -16.12 -1.43
CA THR B 77 2.50 -16.82 -1.73
C THR B 77 3.57 -15.93 -2.32
N GLN B 78 4.83 -16.29 -2.10
CA GLN B 78 5.93 -15.40 -2.47
C GLN B 78 6.92 -16.05 -3.41
N ALA B 79 7.84 -15.27 -3.96
CA ALA B 79 8.86 -15.82 -4.85
C ALA B 79 9.54 -17.01 -4.17
N GLU B 80 9.84 -16.83 -2.89
CA GLU B 80 10.61 -17.82 -2.14
C GLU B 80 9.88 -19.17 -2.02
N ASP B 81 8.61 -19.20 -2.38
CA ASP B 81 7.84 -20.44 -2.30
C ASP B 81 7.95 -21.28 -3.56
N GLU B 82 8.68 -20.80 -4.57
CA GLU B 82 8.86 -21.58 -5.80
C GLU B 82 9.73 -22.77 -5.56
N ALA B 83 9.19 -23.95 -5.86
CA ALA B 83 9.81 -25.19 -5.44
C ALA B 83 9.01 -26.33 -5.97
N ASP B 84 9.52 -27.55 -5.79
CA ASP B 84 8.69 -28.73 -6.03
C ASP B 84 8.10 -29.19 -4.70
N TYR B 85 6.83 -29.58 -4.75
CA TYR B 85 6.17 -30.13 -3.58
C TYR B 85 5.77 -31.55 -3.88
N TYR B 86 6.08 -32.43 -2.93
CA TYR B 86 5.70 -33.83 -3.02
C TYR B 86 4.80 -34.21 -1.85
N CYS B 87 3.71 -34.91 -2.14
CA CYS B 87 2.98 -35.53 -1.05
C CYS B 87 3.48 -36.94 -0.86
N SER B 88 3.10 -37.56 0.25
CA SER B 88 3.45 -38.94 0.47
C SER B 88 2.59 -39.53 1.55
N THR B 89 2.62 -40.85 1.65
CA THR B 89 1.91 -41.56 2.72
C THR B 89 2.54 -42.93 2.94
N PHE B 90 2.20 -43.58 4.04
CA PHE B 90 2.68 -44.90 4.36
C PHE B 90 1.95 -45.96 3.54
N THR B 91 2.72 -46.74 2.78
CA THR B 91 2.28 -47.94 2.06
C THR B 91 2.66 -49.19 2.87
N MET B 92 1.93 -50.29 2.65
CA MET B 92 2.25 -51.54 3.33
C MET B 92 3.16 -52.41 2.43
N SER B 93 3.81 -51.77 1.43
CA SER B 93 4.67 -52.47 0.46
C SER B 93 6.18 -52.06 0.42
N GLY B 94 7.17 -52.91 0.75
CA GLY B 94 7.41 -53.60 2.01
C GLY B 94 7.53 -52.62 3.17
N ASN B 95 6.37 -52.18 3.63
CA ASN B 95 6.21 -51.47 4.89
C ASN B 95 6.84 -50.09 4.83
N GLY B 96 6.93 -49.56 3.61
CA GLY B 96 7.60 -48.31 3.34
C GLY B 96 6.68 -47.13 3.17
N THR B 97 7.05 -46.23 2.26
CA THR B 97 6.38 -44.96 2.08
C THR B 97 6.22 -44.74 0.60
N VAL B 98 5.22 -44.01 0.19
CA VAL B 98 5.03 -43.75 -1.23
C VAL B 98 4.91 -42.26 -1.49
N PHE B 99 5.47 -41.78 -2.60
CA PHE B 99 5.50 -40.36 -2.89
C PHE B 99 4.59 -40.03 -4.07
N GLY B 100 3.97 -38.87 -4.07
CA GLY B 100 3.36 -38.40 -5.32
C GLY B 100 4.44 -38.11 -6.35
N GLY B 101 4.05 -37.91 -7.59
CA GLY B 101 5.04 -37.59 -8.62
C GLY B 101 5.54 -36.16 -8.49
N GLY B 102 5.01 -35.42 -7.53
CA GLY B 102 5.47 -34.09 -7.21
C GLY B 102 4.95 -33.04 -8.17
N THR B 103 4.77 -31.82 -7.68
CA THR B 103 4.29 -30.73 -8.54
C THR B 103 5.15 -29.46 -8.47
N LYS B 104 5.37 -28.80 -9.59
CA LYS B 104 6.20 -27.60 -9.58
C LYS B 104 5.39 -26.35 -9.42
N LEU B 105 5.67 -25.59 -8.37
CA LEU B 105 4.90 -24.38 -8.09
C LEU B 105 5.62 -23.20 -8.66
N THR B 106 5.05 -22.61 -9.69
CA THR B 106 5.59 -21.36 -10.23
C THR B 106 4.86 -20.10 -9.73
N VAL B 107 5.64 -19.12 -9.25
CA VAL B 107 5.07 -17.86 -8.84
C VAL B 107 5.34 -16.84 -9.95
N LEU B 108 4.33 -16.69 -10.78
CA LEU B 108 4.40 -15.88 -12.01
C LEU B 108 5.12 -14.57 -11.88
N GLY B 109 6.33 -14.50 -12.42
CA GLY B 109 7.08 -13.25 -12.43
C GLY B 109 7.01 -12.56 -13.77
N GLN B 110 6.27 -13.14 -14.72
CA GLN B 110 6.10 -12.52 -16.03
C GLN B 110 4.84 -13.05 -16.68
N PRO B 111 4.46 -12.49 -17.83
CA PRO B 111 3.23 -13.01 -18.47
C PRO B 111 3.45 -14.40 -19.02
N LYS B 112 2.41 -15.21 -18.88
CA LYS B 112 2.38 -16.61 -19.25
C LYS B 112 2.42 -16.80 -20.76
N ALA B 113 3.25 -17.73 -21.23
CA ALA B 113 3.58 -17.84 -22.66
C ALA B 113 3.61 -19.27 -23.18
N ALA B 114 2.85 -19.52 -24.25
CA ALA B 114 2.79 -20.87 -24.83
C ALA B 114 4.05 -21.19 -25.62
N PRO B 115 4.44 -22.47 -25.66
CA PRO B 115 5.71 -22.90 -26.24
C PRO B 115 5.63 -22.99 -27.76
N SER B 116 6.77 -22.86 -28.43
CA SER B 116 6.85 -23.10 -29.86
C SER B 116 7.37 -24.50 -30.07
N VAL B 117 6.72 -25.25 -30.95
CA VAL B 117 7.12 -26.62 -31.18
C VAL B 117 7.59 -26.83 -32.61
N THR B 118 8.83 -27.26 -32.77
CA THR B 118 9.31 -27.65 -34.10
C THR B 118 9.55 -29.14 -34.10
N LEU B 119 9.08 -29.85 -35.13
CA LEU B 119 9.19 -31.30 -35.17
C LEU B 119 9.90 -31.76 -36.41
N PHE B 120 11.05 -32.41 -36.24
CA PHE B 120 11.78 -32.96 -37.39
C PHE B 120 11.64 -34.48 -37.52
N PRO B 121 11.40 -34.98 -38.75
CA PRO B 121 11.33 -36.42 -38.96
C PRO B 121 12.75 -37.02 -38.94
N PRO B 122 12.87 -38.34 -39.07
CA PRO B 122 14.21 -38.90 -39.17
C PRO B 122 14.82 -38.48 -40.49
N SER B 123 16.08 -38.12 -40.47
CA SER B 123 16.80 -37.79 -41.68
C SER B 123 16.88 -39.01 -42.56
N SER B 124 17.08 -38.82 -43.87
CA SER B 124 17.21 -39.98 -44.75
C SER B 124 18.58 -40.60 -44.54
N GLU B 125 19.50 -39.80 -44.01
CA GLU B 125 20.83 -40.32 -43.71
C GLU B 125 20.80 -41.29 -42.53
N GLU B 126 20.10 -40.93 -41.48
CA GLU B 126 19.95 -41.85 -40.35
C GLU B 126 19.16 -43.10 -40.75
N LEU B 127 18.16 -42.92 -41.61
CA LEU B 127 17.34 -44.04 -42.01
C LEU B 127 18.21 -45.11 -42.69
N GLN B 128 19.19 -44.67 -43.49
CA GLN B 128 20.08 -45.61 -44.16
C GLN B 128 21.06 -46.31 -43.23
N ALA B 129 21.22 -45.77 -42.03
CA ALA B 129 22.04 -46.43 -41.02
C ALA B 129 21.18 -47.26 -40.07
N ASN B 130 19.98 -47.60 -40.52
CA ASN B 130 19.07 -48.44 -39.76
C ASN B 130 18.69 -47.93 -38.38
N LYS B 131 18.57 -46.62 -38.25
CA LYS B 131 18.06 -46.01 -37.04
C LYS B 131 17.07 -44.94 -37.39
N ALA B 132 16.30 -44.49 -36.40
CA ALA B 132 15.32 -43.46 -36.62
C ALA B 132 14.96 -42.69 -35.35
N THR B 133 15.18 -41.39 -35.37
CA THR B 133 14.88 -40.55 -34.23
C THR B 133 14.04 -39.36 -34.67
N LEU B 134 12.97 -39.09 -33.93
CA LEU B 134 12.15 -37.90 -34.16
C LEU B 134 12.60 -36.88 -33.14
N VAL B 135 12.80 -35.66 -33.58
CA VAL B 135 13.26 -34.62 -32.69
C VAL B 135 12.20 -33.54 -32.53
N CYS B 136 11.73 -33.38 -31.30
CA CYS B 136 10.69 -32.41 -31.02
C CYS B 136 11.26 -31.30 -30.16
N LEU B 137 11.43 -30.11 -30.74
CA LEU B 137 12.05 -28.95 -30.06
C LEU B 137 11.03 -27.94 -29.48
N ILE B 138 10.98 -27.85 -28.17
CA ILE B 138 10.00 -27.00 -27.49
C ILE B 138 10.66 -25.77 -26.87
N SER B 139 10.12 -24.58 -27.11
CA SER B 139 10.85 -23.36 -26.69
C SER B 139 10.01 -22.13 -26.34
N ASP B 140 10.64 -21.18 -25.65
CA ASP B 140 10.00 -19.90 -25.38
C ASP B 140 8.76 -20.01 -24.50
N PHE B 141 8.68 -21.01 -23.64
CA PHE B 141 7.51 -21.15 -22.78
C PHE B 141 7.72 -20.67 -21.34
N TYR B 142 6.63 -20.29 -20.68
CA TYR B 142 6.66 -19.91 -19.27
C TYR B 142 5.24 -20.04 -18.75
N PRO B 143 5.08 -20.63 -17.55
CA PRO B 143 6.14 -21.21 -16.70
C PRO B 143 6.85 -22.44 -17.27
N GLY B 144 8.01 -22.77 -16.71
CA GLY B 144 8.85 -23.83 -17.24
C GLY B 144 8.39 -25.21 -16.84
N ALA B 145 7.25 -25.60 -17.39
CA ALA B 145 6.68 -26.93 -17.17
C ALA B 145 5.77 -27.33 -18.36
N VAL B 146 6.14 -28.42 -19.02
CA VAL B 146 5.32 -29.01 -20.06
C VAL B 146 5.25 -30.49 -19.83
N THR B 147 4.20 -31.06 -20.35
CA THR B 147 4.04 -32.49 -20.39
C THR B 147 4.03 -32.84 -21.87
N VAL B 148 4.81 -33.85 -22.25
CA VAL B 148 5.00 -34.22 -23.64
C VAL B 148 4.40 -35.58 -23.92
N ALA B 149 3.64 -35.66 -25.02
CA ALA B 149 3.00 -36.91 -25.40
C ALA B 149 3.22 -37.19 -26.91
N TRP B 150 3.65 -38.41 -27.22
CA TRP B 150 3.87 -38.77 -28.60
C TRP B 150 2.74 -39.64 -29.10
N LYS B 151 2.44 -39.55 -30.39
CA LYS B 151 1.40 -40.35 -31.00
C LYS B 151 1.89 -40.97 -32.30
N ALA B 152 1.58 -42.25 -32.50
CA ALA B 152 1.72 -42.83 -33.83
C ALA B 152 0.30 -43.00 -34.32
N ASP B 153 -0.06 -42.35 -35.41
CA ASP B 153 -1.40 -42.45 -35.94
C ASP B 153 -2.48 -42.13 -34.88
N SER B 154 -2.14 -41.34 -33.88
CA SER B 154 -3.10 -41.12 -32.78
C SER B 154 -3.24 -42.26 -31.74
N SER B 155 -2.28 -43.19 -31.71
CA SER B 155 -2.11 -44.14 -30.61
C SER B 155 -0.95 -43.69 -29.73
N PRO B 156 -1.09 -43.76 -28.40
CA PRO B 156 -0.01 -43.22 -27.58
C PRO B 156 1.24 -44.06 -27.74
N VAL B 157 2.40 -43.42 -27.60
CA VAL B 157 3.70 -44.08 -27.72
C VAL B 157 4.47 -44.10 -26.40
N LYS B 158 4.52 -45.26 -25.76
CA LYS B 158 5.15 -45.38 -24.45
C LYS B 158 6.68 -45.45 -24.53
N ALA B 159 7.19 -46.36 -25.35
CA ALA B 159 8.59 -46.70 -25.38
C ALA B 159 9.45 -45.83 -26.29
N GLY B 160 10.69 -45.65 -25.87
CA GLY B 160 11.68 -44.99 -26.69
C GLY B 160 11.59 -43.48 -26.68
N VAL B 161 10.84 -42.93 -25.72
CA VAL B 161 10.82 -41.49 -25.59
C VAL B 161 11.72 -41.08 -24.45
N GLU B 162 12.27 -39.88 -24.60
CA GLU B 162 13.38 -39.47 -23.81
C GLU B 162 13.29 -37.95 -23.79
N THR B 163 12.98 -37.39 -22.62
CA THR B 163 12.66 -35.98 -22.56
C THR B 163 13.57 -35.25 -21.59
N THR B 164 13.96 -34.02 -21.91
CA THR B 164 14.74 -33.24 -20.95
C THR B 164 13.83 -32.52 -19.96
N THR B 165 14.39 -32.23 -18.79
CA THR B 165 13.75 -31.26 -17.92
C THR B 165 13.96 -29.90 -18.61
N PRO B 166 13.11 -28.90 -18.28
CA PRO B 166 13.19 -27.55 -18.84
C PRO B 166 14.35 -26.72 -18.28
N SER B 167 14.96 -25.87 -19.12
CA SER B 167 16.02 -25.01 -18.64
C SER B 167 15.79 -23.57 -19.07
N LYS B 168 15.99 -22.63 -18.15
CA LYS B 168 15.98 -21.20 -18.46
C LYS B 168 16.76 -20.82 -19.72
N GLN B 169 16.12 -20.07 -20.61
CA GLN B 169 16.80 -19.53 -21.78
C GLN B 169 17.44 -18.18 -21.43
N SER B 170 18.26 -17.63 -22.32
CA SER B 170 18.88 -16.33 -22.04
C SER B 170 17.82 -15.24 -21.73
N ASN B 171 16.61 -15.43 -22.24
CA ASN B 171 15.53 -14.46 -22.04
C ASN B 171 14.55 -14.79 -20.91
N ASN B 172 14.85 -15.81 -20.11
CA ASN B 172 14.03 -16.19 -18.95
C ASN B 172 12.73 -16.91 -19.23
N LYS B 173 12.52 -17.30 -20.48
CA LYS B 173 11.50 -18.31 -20.78
C LYS B 173 12.19 -19.68 -20.77
N TYR B 174 11.45 -20.75 -21.01
CA TYR B 174 12.05 -22.09 -20.87
C TYR B 174 12.12 -22.88 -22.18
N ALA B 175 13.07 -23.81 -22.24
CA ALA B 175 13.19 -24.68 -23.39
C ALA B 175 13.21 -26.14 -22.98
N ALA B 176 12.78 -27.01 -23.90
CA ALA B 176 12.99 -28.42 -23.70
C ALA B 176 12.90 -29.20 -24.99
N SER B 177 13.39 -30.44 -24.94
CA SER B 177 13.45 -31.27 -26.09
C SER B 177 12.99 -32.65 -25.68
N SER B 178 12.47 -33.40 -26.65
CA SER B 178 12.04 -34.76 -26.47
C SER B 178 12.36 -35.51 -27.77
N TYR B 179 13.01 -36.68 -27.62
CA TYR B 179 13.43 -37.53 -28.76
C TYR B 179 12.69 -38.88 -28.72
N LEU B 180 12.10 -39.29 -29.85
CA LEU B 180 11.44 -40.60 -29.94
C LEU B 180 12.26 -41.47 -30.84
N SER B 181 12.76 -42.59 -30.30
CA SER B 181 13.53 -43.55 -31.08
C SER B 181 12.64 -44.61 -31.71
N LEU B 182 12.82 -44.85 -33.01
CA LEU B 182 11.97 -45.84 -33.68
C LEU B 182 12.84 -46.77 -34.50
N THR B 183 12.25 -47.89 -34.86
CA THR B 183 12.71 -48.74 -35.96
C THR B 183 12.38 -48.08 -37.32
N PRO B 184 13.30 -48.21 -38.31
CA PRO B 184 12.90 -47.66 -39.60
C PRO B 184 11.56 -48.21 -40.08
N GLU B 185 11.32 -49.52 -39.92
CA GLU B 185 10.04 -50.12 -40.35
C GLU B 185 8.82 -49.59 -39.55
N GLN B 186 9.05 -49.17 -38.30
CA GLN B 186 7.99 -48.58 -37.49
C GLN B 186 7.68 -47.21 -38.03
N TRP B 187 8.73 -46.47 -38.34
CA TRP B 187 8.57 -45.16 -38.93
C TRP B 187 7.70 -45.25 -40.18
N LYS B 188 8.08 -46.10 -41.13
CA LYS B 188 7.32 -46.22 -42.38
C LYS B 188 5.96 -46.87 -42.21
N SER B 189 5.76 -47.61 -41.13
CA SER B 189 4.55 -48.42 -41.00
C SER B 189 3.36 -47.62 -40.49
N HIS B 190 3.62 -46.45 -39.94
CA HIS B 190 2.54 -45.60 -39.52
C HIS B 190 2.34 -44.53 -40.55
N ARG B 191 1.19 -43.88 -40.48
CA ARG B 191 0.89 -42.86 -41.45
C ARG B 191 1.48 -41.52 -41.05
N SER B 192 1.69 -41.34 -39.75
CA SER B 192 2.26 -40.11 -39.25
C SER B 192 2.55 -40.30 -37.76
N TYR B 193 3.45 -39.46 -37.25
CA TYR B 193 3.73 -39.37 -35.83
C TYR B 193 3.55 -37.93 -35.41
N SER B 194 3.33 -37.72 -34.13
CA SER B 194 2.97 -36.40 -33.63
C SER B 194 3.61 -36.11 -32.29
N CYS B 195 4.00 -34.86 -32.08
CA CYS B 195 4.54 -34.46 -30.82
C CYS B 195 3.55 -33.52 -30.21
N GLN B 196 3.02 -33.90 -29.06
CA GLN B 196 2.01 -33.10 -28.39
C GLN B 196 2.48 -32.50 -27.06
N VAL B 197 2.65 -31.19 -27.08
CA VAL B 197 3.14 -30.53 -25.90
C VAL B 197 1.98 -29.86 -25.19
N THR B 198 1.77 -30.22 -23.92
CA THR B 198 0.74 -29.55 -23.11
C THR B 198 1.36 -28.60 -22.14
N HIS B 199 0.86 -27.37 -22.09
CA HIS B 199 1.43 -26.35 -21.23
C HIS B 199 0.31 -25.53 -20.63
N GLU B 200 0.38 -25.30 -19.33
CA GLU B 200 -0.69 -24.61 -18.61
C GLU B 200 -2.05 -25.06 -19.10
N GLY B 201 -2.26 -26.38 -19.14
CA GLY B 201 -3.56 -26.96 -19.44
C GLY B 201 -3.98 -26.73 -20.88
N SER B 202 -3.01 -26.50 -21.74
CA SER B 202 -3.28 -26.08 -23.10
C SER B 202 -2.26 -26.74 -24.00
N THR B 203 -2.74 -27.30 -25.11
CA THR B 203 -1.90 -28.21 -25.92
C THR B 203 -1.56 -27.66 -27.29
N VAL B 204 -0.29 -27.75 -27.65
CA VAL B 204 0.14 -27.45 -29.02
C VAL B 204 0.85 -28.64 -29.65
N GLU B 205 0.41 -28.95 -30.86
CA GLU B 205 0.73 -30.21 -31.52
C GLU B 205 1.38 -30.01 -32.89
N LYS B 206 2.46 -30.73 -33.14
CA LYS B 206 3.09 -30.74 -34.44
C LYS B 206 3.23 -32.18 -34.92
N THR B 207 3.20 -32.39 -36.23
CA THR B 207 3.12 -33.73 -36.75
C THR B 207 3.89 -33.94 -38.06
N VAL B 208 4.54 -35.10 -38.19
CA VAL B 208 5.34 -35.41 -39.39
C VAL B 208 4.99 -36.74 -40.02
N ALA B 209 5.24 -36.85 -41.32
CA ALA B 209 4.96 -38.09 -42.05
C ALA B 209 6.17 -38.60 -42.81
N PRO B 210 6.20 -39.91 -43.07
CA PRO B 210 7.26 -40.57 -43.85
C PRO B 210 7.23 -40.12 -45.31
N THR B 211 8.38 -40.15 -45.98
CA THR B 211 8.47 -39.79 -47.42
C THR B 211 7.12 -39.35 -48.01
N PRO C 34 -18.79 -39.27 11.86
CA PRO C 34 -18.02 -39.00 13.09
C PRO C 34 -18.94 -38.88 14.32
N PHE C 35 -18.49 -39.44 15.45
CA PHE C 35 -19.34 -39.64 16.64
C PHE C 35 -18.55 -39.74 17.96
N LEU C 36 -17.27 -39.42 17.92
CA LEU C 36 -16.44 -39.45 19.12
C LEU C 36 -15.89 -38.07 19.47
N LYS C 37 -15.93 -37.68 20.74
CA LYS C 37 -15.35 -36.41 21.18
C LYS C 37 -14.06 -36.63 21.96
N CYS C 38 -13.01 -35.92 21.58
CA CYS C 38 -11.74 -36.03 22.29
C CYS C 38 -11.22 -34.67 22.78
N TYR C 39 -10.47 -34.70 23.89
CA TYR C 39 -9.74 -33.55 24.39
C TYR C 39 -8.62 -33.31 23.40
N CYS C 40 -8.18 -32.08 23.23
CA CYS C 40 -6.95 -31.87 22.45
C CYS C 40 -6.10 -30.71 22.89
N SER C 41 -4.81 -30.81 22.61
CA SER C 41 -3.85 -29.76 22.93
C SER C 41 -2.58 -29.97 22.13
N GLY C 42 -1.79 -28.90 22.01
CA GLY C 42 -0.57 -28.96 21.21
C GLY C 42 -0.90 -28.70 19.76
N HIS C 43 -1.68 -29.59 19.16
CA HIS C 43 -2.15 -29.37 17.79
C HIS C 43 -3.65 -29.68 17.57
N CYS C 44 -4.51 -28.70 17.86
CA CYS C 44 -5.94 -28.87 17.67
C CYS C 44 -6.36 -28.37 16.29
N PRO C 45 -7.18 -29.15 15.56
CA PRO C 45 -7.82 -28.67 14.33
C PRO C 45 -8.61 -27.40 14.60
N ASP C 46 -8.51 -26.45 13.70
CA ASP C 46 -9.14 -25.17 13.94
C ASP C 46 -10.65 -25.22 13.75
N ASP C 47 -11.21 -26.43 13.78
CA ASP C 47 -12.66 -26.51 14.01
C ASP C 47 -12.90 -26.97 15.44
N ALA C 48 -12.15 -26.36 16.34
CA ALA C 48 -12.24 -26.65 17.75
C ALA C 48 -13.15 -25.64 18.45
N ILE C 49 -14.18 -26.15 19.11
CA ILE C 49 -14.64 -25.51 20.33
C ILE C 49 -13.57 -26.04 21.27
N ASN C 50 -12.91 -25.14 21.99
CA ASN C 50 -11.52 -25.38 22.40
C ASN C 50 -11.24 -26.65 23.19
N ASN C 51 -10.21 -27.35 22.74
CA ASN C 51 -9.81 -28.60 23.37
C ASN C 51 -10.85 -29.68 23.13
N THR C 52 -11.48 -29.64 21.96
CA THR C 52 -12.35 -30.72 21.56
C THR C 52 -12.33 -30.84 20.06
N CYS C 53 -12.11 -32.05 19.57
CA CYS C 53 -12.28 -32.36 18.17
C CYS C 53 -13.25 -33.52 18.08
N ILE C 54 -14.03 -33.57 17.02
CA ILE C 54 -14.88 -34.73 16.80
C ILE C 54 -14.13 -35.66 15.88
N THR C 55 -14.22 -36.96 16.12
CA THR C 55 -13.69 -37.92 15.17
C THR C 55 -14.50 -39.20 15.12
N ASN C 56 -14.22 -39.99 14.08
CA ASN C 56 -14.83 -41.30 13.91
C ASN C 56 -13.84 -42.38 14.28
N GLY C 57 -12.61 -41.97 14.63
CA GLY C 57 -11.50 -42.90 14.91
C GLY C 57 -11.26 -43.16 16.39
N HIS C 58 -10.16 -42.63 16.92
CA HIS C 58 -9.86 -42.77 18.34
C HIS C 58 -9.40 -41.46 18.94
N CYS C 59 -9.35 -41.44 20.26
CA CYS C 59 -8.70 -40.35 20.96
C CYS C 59 -7.29 -40.78 21.30
N PHE C 60 -6.37 -39.82 21.41
CA PHE C 60 -5.01 -40.16 21.76
C PHE C 60 -4.39 -39.09 22.65
N ALA C 61 -3.39 -39.51 23.42
CA ALA C 61 -2.47 -38.61 24.10
C ALA C 61 -1.08 -39.15 23.78
N ILE C 62 -0.11 -38.27 23.68
CA ILE C 62 1.24 -38.68 23.30
C ILE C 62 2.27 -37.91 24.11
N ILE C 63 3.42 -38.54 24.38
CA ILE C 63 4.57 -37.85 24.94
C ILE C 63 5.77 -38.13 24.04
N GLU C 64 6.60 -37.11 23.78
CA GLU C 64 7.84 -37.35 23.07
C GLU C 64 8.95 -36.44 23.53
N GLU C 65 10.18 -36.93 23.47
CA GLU C 65 11.28 -36.07 23.86
C GLU C 65 12.19 -35.86 22.68
N ASP C 66 12.60 -34.62 22.46
CA ASP C 66 13.38 -34.31 21.27
C ASP C 66 14.86 -34.55 21.49
N ASP C 67 15.70 -34.00 20.63
CA ASP C 67 17.10 -34.36 20.63
C ASP C 67 17.89 -33.76 21.79
N GLN C 68 17.31 -32.76 22.45
CA GLN C 68 17.76 -32.37 23.79
C GLN C 68 16.70 -32.91 24.73
N GLY C 69 16.98 -32.89 26.03
CA GLY C 69 16.10 -33.57 27.01
C GLY C 69 14.65 -33.11 27.03
N GLU C 70 14.29 -32.23 26.11
CA GLU C 70 12.99 -31.58 26.17
C GLU C 70 11.84 -32.51 25.81
N THR C 71 10.84 -32.58 26.70
CA THR C 71 9.68 -33.43 26.47
C THR C 71 8.43 -32.58 26.23
N THR C 72 7.66 -32.91 25.19
CA THR C 72 6.43 -32.18 24.89
C THR C 72 5.20 -33.09 24.86
N LEU C 73 4.10 -32.63 25.44
CA LEU C 73 2.85 -33.39 25.41
C LEU C 73 1.93 -32.94 24.30
N ALA C 74 1.08 -33.85 23.84
CA ALA C 74 0.00 -33.51 22.91
C ALA C 74 -1.15 -34.51 23.02
N SER C 75 -2.35 -34.03 22.74
CA SER C 75 -3.50 -34.91 22.60
C SER C 75 -4.48 -34.39 21.54
N GLY C 76 -5.35 -35.27 21.07
CA GLY C 76 -6.26 -34.94 19.98
C GLY C 76 -6.89 -36.15 19.35
N CYS C 77 -7.33 -35.99 18.11
CA CYS C 77 -8.09 -37.01 17.42
C CYS C 77 -7.20 -37.75 16.43
N MET C 78 -7.32 -39.08 16.44
CA MET C 78 -6.63 -39.91 15.48
C MET C 78 -7.72 -40.34 14.53
N LYS C 79 -7.62 -39.93 13.27
CA LYS C 79 -8.67 -40.21 12.32
C LYS C 79 -8.86 -41.71 12.00
N TYR C 80 -10.09 -42.12 11.70
CA TYR C 80 -10.35 -43.51 11.35
C TYR C 80 -9.57 -43.90 10.10
N GLU C 81 -8.83 -45.00 10.16
CA GLU C 81 -7.92 -45.35 9.08
C GLU C 81 -8.37 -46.51 8.23
N GLY C 82 -9.64 -46.83 8.32
CA GLY C 82 -10.16 -47.95 7.56
C GLY C 82 -9.71 -49.27 8.15
N SER C 83 -9.20 -50.14 7.30
CA SER C 83 -8.75 -51.46 7.74
C SER C 83 -7.52 -51.29 8.64
N ASP C 84 -6.68 -50.31 8.32
CA ASP C 84 -5.45 -50.12 9.09
C ASP C 84 -5.72 -49.50 10.43
N PHE C 85 -4.93 -49.92 11.42
CA PHE C 85 -4.94 -49.26 12.71
C PHE C 85 -3.71 -49.61 13.47
N GLN C 86 -3.21 -48.64 14.23
CA GLN C 86 -1.94 -48.79 14.85
C GLN C 86 -1.84 -47.79 15.97
N CYS C 87 -1.68 -48.24 17.21
CA CYS C 87 -1.46 -47.31 18.33
C CYS C 87 -0.18 -47.66 19.10
N LYS C 88 -0.21 -48.79 19.81
CA LYS C 88 0.99 -49.25 20.45
C LYS C 88 2.06 -49.88 19.51
N ASP C 89 1.64 -50.50 18.41
CA ASP C 89 2.54 -51.35 17.64
C ASP C 89 3.11 -50.63 16.43
N SER C 90 4.07 -49.75 16.68
CA SER C 90 4.68 -49.00 15.61
C SER C 90 6.20 -49.16 15.67
N PRO C 91 6.68 -50.34 15.28
CA PRO C 91 8.09 -50.68 15.46
C PRO C 91 9.01 -49.67 14.77
N LYS C 92 8.49 -48.86 13.84
CA LYS C 92 9.31 -47.93 13.06
C LYS C 92 9.42 -46.58 13.72
N ALA C 93 8.50 -46.32 14.65
CA ALA C 93 8.50 -45.09 15.41
C ALA C 93 9.71 -44.98 16.32
N GLN C 94 10.14 -43.75 16.53
CA GLN C 94 11.25 -43.41 17.42
C GLN C 94 11.04 -44.00 18.80
N LEU C 95 12.13 -44.23 19.53
CA LEU C 95 12.02 -44.84 20.85
C LEU C 95 11.47 -43.90 21.90
N ARG C 96 11.92 -42.65 21.90
CA ARG C 96 11.51 -41.65 22.89
C ARG C 96 10.17 -41.02 22.53
N ARG C 97 9.15 -41.87 22.45
CA ARG C 97 7.79 -41.47 22.09
C ARG C 97 6.86 -42.55 22.66
N THR C 98 5.81 -42.16 23.34
CA THR C 98 4.86 -43.14 23.83
C THR C 98 3.48 -42.56 23.58
N ILE C 99 2.60 -43.31 22.91
CA ILE C 99 1.28 -42.81 22.58
C ILE C 99 0.25 -43.78 23.10
N GLU C 100 -0.89 -43.30 23.57
CA GLU C 100 -1.94 -44.23 24.05
C GLU C 100 -3.26 -43.85 23.40
N CYS C 101 -4.11 -44.84 23.16
CA CYS C 101 -5.38 -44.59 22.50
C CYS C 101 -6.53 -45.15 23.29
N CYS C 102 -7.72 -44.64 23.04
CA CYS C 102 -8.96 -45.13 23.67
C CYS C 102 -10.15 -44.57 22.90
N ARG C 103 -11.32 -45.18 23.07
CA ARG C 103 -12.43 -44.87 22.16
C ARG C 103 -13.73 -44.48 22.84
N THR C 104 -13.63 -43.82 23.98
CA THR C 104 -14.80 -43.39 24.74
C THR C 104 -14.84 -41.87 24.76
N ASN C 105 -16.03 -41.29 24.73
CA ASN C 105 -16.14 -39.86 24.85
C ASN C 105 -15.21 -39.26 25.89
N LEU C 106 -14.32 -38.40 25.40
CA LEU C 106 -13.37 -37.65 26.21
C LEU C 106 -12.37 -38.53 26.97
N CYS C 107 -12.21 -39.77 26.54
CA CYS C 107 -11.42 -40.72 27.33
C CYS C 107 -9.97 -40.32 27.56
N ASN C 108 -9.48 -39.37 26.79
CA ASN C 108 -8.04 -39.11 26.83
C ASN C 108 -7.60 -38.10 27.86
N GLN C 109 -8.54 -37.44 28.54
CA GLN C 109 -8.19 -36.57 29.66
C GLN C 109 -7.54 -37.40 30.73
N TYR C 110 -8.15 -38.56 31.02
CA TYR C 110 -7.60 -39.53 31.95
C TYR C 110 -6.40 -40.27 31.35
N LEU C 111 -5.47 -39.57 30.72
CA LEU C 111 -4.45 -40.29 29.99
C LEU C 111 -3.08 -39.64 30.06
N GLN C 112 -2.09 -40.46 30.40
CA GLN C 112 -0.88 -40.03 31.06
C GLN C 112 0.33 -40.79 30.57
N PRO C 113 0.53 -40.85 29.26
CA PRO C 113 1.56 -41.75 28.75
C PRO C 113 2.96 -41.44 29.29
N THR C 114 3.75 -42.47 29.62
CA THR C 114 5.13 -42.26 30.08
C THR C 114 6.20 -42.78 29.11
N LEU C 115 7.25 -41.99 28.89
CA LEU C 115 8.40 -42.43 28.14
C LEU C 115 9.01 -43.64 28.85
N PRO C 116 9.53 -44.61 28.07
CA PRO C 116 10.26 -45.73 28.69
C PRO C 116 11.46 -45.21 29.48
N PRO C 117 12.04 -46.03 30.39
CA PRO C 117 13.05 -45.51 31.30
C PRO C 117 14.52 -45.41 30.79
N VAL C 118 14.93 -46.16 29.78
CA VAL C 118 16.40 -46.28 29.46
C VAL C 118 17.24 -46.85 30.63
N GLN D 1 23.75 -20.08 43.51
CA GLN D 1 23.79 -18.89 42.63
C GLN D 1 22.62 -18.90 41.65
N VAL D 2 22.27 -17.75 41.11
CA VAL D 2 21.24 -17.66 40.10
C VAL D 2 21.71 -18.34 38.82
N GLN D 3 20.80 -19.05 38.16
CA GLN D 3 21.06 -19.71 36.87
C GLN D 3 19.91 -19.46 35.90
N LEU D 4 20.23 -19.07 34.67
CA LEU D 4 19.22 -18.96 33.62
C LEU D 4 19.74 -19.68 32.38
N VAL D 5 19.01 -20.68 31.88
CA VAL D 5 19.44 -21.31 30.63
C VAL D 5 18.35 -21.34 29.54
N GLU D 6 18.62 -20.57 28.47
CA GLU D 6 17.72 -20.43 27.31
C GLU D 6 17.76 -21.64 26.45
N SER D 7 16.69 -21.90 25.70
CA SER D 7 16.70 -23.00 24.74
C SER D 7 15.60 -22.81 23.74
N GLY D 8 15.66 -23.56 22.64
CA GLY D 8 14.65 -23.48 21.61
C GLY D 8 15.11 -22.74 20.38
N GLY D 9 16.29 -22.15 20.43
CA GLY D 9 16.85 -21.49 19.25
C GLY D 9 16.95 -22.44 18.07
N GLY D 10 17.23 -21.91 16.87
CA GLY D 10 17.36 -22.77 15.69
C GLY D 10 16.98 -22.07 14.40
N LEU D 11 17.04 -22.81 13.29
CA LEU D 11 16.80 -22.22 11.97
C LEU D 11 15.33 -22.21 11.57
N VAL D 12 14.89 -21.09 10.99
CA VAL D 12 13.49 -20.87 10.65
C VAL D 12 13.38 -20.03 9.39
N GLN D 13 12.35 -20.28 8.59
CA GLN D 13 12.14 -19.47 7.42
C GLN D 13 11.36 -18.24 7.82
N PRO D 14 11.57 -17.12 7.12
CA PRO D 14 10.76 -15.92 7.33
C PRO D 14 9.30 -16.28 7.32
N GLY D 15 8.59 -15.85 8.34
CA GLY D 15 7.16 -16.05 8.40
C GLY D 15 6.82 -17.30 9.16
N GLY D 16 7.85 -18.01 9.61
CA GLY D 16 7.67 -19.14 10.50
C GLY D 16 7.62 -18.70 11.97
N SER D 17 7.43 -19.64 12.87
CA SER D 17 7.46 -19.30 14.30
C SER D 17 8.23 -20.29 15.12
N LEU D 18 8.65 -19.82 16.29
CA LEU D 18 9.56 -20.53 17.14
C LEU D 18 9.17 -20.21 18.54
N ARG D 19 9.46 -21.09 19.48
CA ARG D 19 9.23 -20.73 20.87
C ARG D 19 10.42 -20.87 21.82
N LEU D 20 10.90 -19.76 22.38
CA LEU D 20 12.01 -19.84 23.31
C LEU D 20 11.56 -20.05 24.75
N SER D 21 12.38 -20.77 25.50
CA SER D 21 12.15 -21.00 26.91
C SER D 21 13.43 -20.64 27.65
N CYS D 22 13.30 -20.31 28.91
CA CYS D 22 14.49 -20.23 29.71
C CYS D 22 14.14 -20.66 31.11
N ALA D 23 14.86 -21.67 31.58
CA ALA D 23 14.61 -22.23 32.87
C ALA D 23 15.43 -21.46 33.88
N ALA D 24 14.83 -21.09 35.01
CA ALA D 24 15.55 -20.41 36.07
C ALA D 24 15.70 -21.27 37.33
N SER D 25 16.83 -21.14 38.00
CA SER D 25 16.96 -21.79 39.28
C SER D 25 17.78 -20.94 40.23
N GLY D 26 17.83 -21.35 41.50
CA GLY D 26 18.66 -20.69 42.48
C GLY D 26 18.14 -19.39 43.06
N PHE D 27 16.91 -19.03 42.69
CA PHE D 27 16.27 -17.86 43.27
C PHE D 27 14.79 -18.11 43.24
N THR D 28 14.02 -17.32 43.97
CA THR D 28 12.60 -17.54 43.94
C THR D 28 11.92 -16.82 42.76
N PHE D 29 11.51 -17.61 41.78
CA PHE D 29 11.21 -17.16 40.43
C PHE D 29 10.13 -16.10 40.34
N SER D 30 9.07 -16.25 41.14
CA SER D 30 7.94 -15.36 41.02
C SER D 30 8.09 -14.13 41.88
N ASN D 31 9.32 -13.87 42.30
CA ASN D 31 9.63 -12.64 43.00
C ASN D 31 10.23 -11.58 42.06
N TYR D 32 10.62 -11.96 40.84
CA TYR D 32 11.36 -11.04 39.96
C TYR D 32 10.73 -10.85 38.57
N THR D 33 10.84 -9.66 37.97
CA THR D 33 10.47 -9.58 36.56
C THR D 33 11.59 -10.14 35.68
N LEU D 34 11.24 -10.81 34.59
CA LEU D 34 12.25 -11.33 33.68
C LEU D 34 12.19 -10.61 32.34
N ASN D 35 13.31 -10.56 31.64
CA ASN D 35 13.29 -9.96 30.31
C ASN D 35 13.91 -10.83 29.27
N TRP D 36 13.52 -10.58 28.04
CA TRP D 36 14.31 -11.00 26.89
C TRP D 36 15.07 -9.81 26.35
N VAL D 37 16.36 -10.00 26.17
CA VAL D 37 17.15 -9.06 25.40
C VAL D 37 17.81 -9.85 24.25
N ARG D 38 17.97 -9.23 23.09
CA ARG D 38 18.63 -9.92 21.98
C ARG D 38 19.76 -9.14 21.36
N GLN D 39 20.56 -9.85 20.58
CA GLN D 39 21.72 -9.25 19.93
C GLN D 39 22.05 -9.89 18.56
N ALA D 40 21.86 -9.14 17.48
CA ALA D 40 22.23 -9.61 16.13
C ALA D 40 23.75 -9.75 15.95
N PRO D 41 24.19 -10.79 15.21
CA PRO D 41 25.64 -10.98 15.04
C PRO D 41 26.37 -9.64 14.89
N GLY D 42 27.36 -9.39 15.74
CA GLY D 42 28.20 -8.22 15.55
C GLY D 42 27.55 -6.86 15.81
N LYS D 43 26.31 -6.88 16.28
CA LYS D 43 25.63 -5.63 16.58
C LYS D 43 25.46 -5.47 18.07
N GLY D 44 24.63 -4.51 18.49
CA GLY D 44 24.45 -4.16 19.90
C GLY D 44 23.35 -4.90 20.62
N LEU D 45 23.13 -4.56 21.89
CA LEU D 45 22.05 -5.13 22.64
C LEU D 45 20.70 -4.43 22.33
N GLU D 46 19.62 -5.21 22.20
CA GLU D 46 18.28 -4.62 21.99
C GLU D 46 17.27 -5.23 22.92
N TRP D 47 16.73 -4.43 23.83
CA TRP D 47 15.65 -4.89 24.68
C TRP D 47 14.47 -5.35 23.87
N VAL D 48 13.87 -6.48 24.27
CA VAL D 48 12.75 -7.05 23.54
C VAL D 48 11.44 -7.04 24.33
N SER D 49 11.46 -7.57 25.55
CA SER D 49 10.23 -7.69 26.31
C SER D 49 10.43 -7.93 27.82
N TYR D 50 9.42 -7.58 28.63
CA TYR D 50 9.44 -7.90 30.05
C TYR D 50 8.11 -8.50 30.51
N THR D 51 8.11 -9.28 31.60
CA THR D 51 6.90 -9.66 32.34
C THR D 51 7.20 -9.38 33.77
N SER D 52 6.29 -8.69 34.47
CA SER D 52 6.44 -8.52 35.93
C SER D 52 6.43 -9.85 36.68
N SER D 53 6.85 -9.78 37.94
CA SER D 53 6.88 -10.96 38.81
C SER D 53 5.62 -11.83 38.72
N SER D 54 4.44 -11.21 38.73
CA SER D 54 3.22 -12.00 38.65
C SER D 54 2.85 -12.33 37.22
N GLY D 55 3.49 -11.67 36.26
CA GLY D 55 3.11 -11.86 34.89
C GLY D 55 1.88 -11.09 34.41
N SER D 56 1.29 -10.30 35.29
CA SER D 56 0.12 -9.54 34.88
C SER D 56 0.47 -8.28 34.04
N LEU D 57 1.72 -7.82 34.14
CA LEU D 57 2.22 -6.68 33.38
C LEU D 57 3.22 -7.24 32.40
N THR D 58 3.35 -6.58 31.26
CA THR D 58 3.95 -7.19 30.09
C THR D 58 4.23 -6.05 29.10
N GLY D 59 5.39 -6.06 28.45
CA GLY D 59 5.82 -4.95 27.61
C GLY D 59 6.75 -5.39 26.47
N TYR D 60 6.68 -4.67 25.37
CA TYR D 60 7.40 -5.03 24.15
C TYR D 60 8.03 -3.86 23.43
N ALA D 61 9.06 -4.14 22.65
CA ALA D 61 9.75 -3.10 21.87
C ALA D 61 8.90 -2.88 20.65
N ASP D 62 8.84 -1.66 20.15
CA ASP D 62 8.05 -1.46 18.92
C ASP D 62 8.37 -2.48 17.83
N SER D 63 9.62 -2.91 17.71
CA SER D 63 10.00 -3.83 16.66
C SER D 63 9.40 -5.24 16.77
N VAL D 64 8.80 -5.58 17.91
CA VAL D 64 8.23 -6.91 18.06
C VAL D 64 6.79 -6.98 18.56
N LYS D 65 6.27 -5.85 19.05
CA LYS D 65 4.92 -5.75 19.59
C LYS D 65 3.99 -6.43 18.61
N GLY D 66 3.22 -7.40 19.08
CA GLY D 66 2.17 -7.98 18.24
C GLY D 66 2.57 -9.28 17.54
N ARG D 67 3.87 -9.52 17.41
CA ARG D 67 4.35 -10.68 16.71
C ARG D 67 4.95 -11.63 17.72
N PHE D 68 5.48 -11.06 18.79
CA PHE D 68 6.06 -11.86 19.84
C PHE D 68 5.15 -11.77 21.07
N THR D 69 5.07 -12.85 21.84
CA THR D 69 4.32 -12.85 23.09
C THR D 69 5.22 -13.43 24.17
N ILE D 70 5.43 -12.66 25.24
CA ILE D 70 6.16 -13.14 26.41
C ILE D 70 5.12 -13.78 27.30
N SER D 71 5.57 -14.71 28.14
CA SER D 71 4.75 -15.23 29.19
C SER D 71 5.66 -16.02 30.08
N ARG D 72 5.15 -16.41 31.25
CA ARG D 72 5.96 -17.13 32.23
C ARG D 72 5.10 -18.15 32.91
N ASP D 73 5.72 -19.22 33.41
CA ASP D 73 4.99 -20.21 34.17
C ASP D 73 5.58 -20.32 35.57
N ASN D 74 4.93 -19.70 36.56
CA ASN D 74 5.48 -19.73 37.92
C ASN D 74 5.41 -21.07 38.69
N SER D 75 4.67 -22.04 38.14
CA SER D 75 4.68 -23.47 38.56
C SER D 75 5.98 -24.16 38.20
N LYS D 76 6.20 -24.40 36.92
CA LYS D 76 7.54 -24.75 36.45
C LYS D 76 8.33 -23.49 36.76
N ASN D 77 9.57 -23.33 36.30
CA ASN D 77 10.26 -22.10 36.62
C ASN D 77 10.79 -21.53 35.34
N THR D 78 9.89 -21.25 34.42
CA THR D 78 10.25 -21.03 33.05
C THR D 78 9.61 -19.79 32.50
N LEU D 79 10.37 -19.10 31.67
CA LEU D 79 9.93 -17.92 30.99
C LEU D 79 9.80 -18.36 29.53
N TYR D 80 8.92 -17.75 28.78
CA TYR D 80 8.74 -18.10 27.37
C TYR D 80 8.74 -16.86 26.50
N LEU D 81 9.06 -17.06 25.23
CA LEU D 81 8.88 -16.03 24.21
C LEU D 81 8.34 -16.72 22.97
N GLN D 82 7.06 -16.52 22.70
CA GLN D 82 6.44 -17.04 21.48
C GLN D 82 6.70 -16.04 20.37
N MET D 83 7.36 -16.49 19.32
CA MET D 83 7.78 -15.57 18.27
C MET D 83 7.10 -15.93 16.97
N ASN D 84 6.17 -15.09 16.51
CA ASN D 84 5.53 -15.35 15.22
C ASN D 84 5.88 -14.35 14.11
N SER D 85 5.48 -14.68 12.88
CA SER D 85 5.74 -13.81 11.74
C SER D 85 7.18 -13.33 11.66
N LEU D 86 8.12 -14.24 11.91
CA LEU D 86 9.55 -13.92 11.96
C LEU D 86 10.07 -13.28 10.68
N ARG D 87 11.06 -12.40 10.88
CA ARG D 87 11.69 -11.64 9.82
C ARG D 87 13.17 -11.91 9.90
N ALA D 88 13.88 -11.73 8.79
CA ALA D 88 15.33 -11.78 8.83
C ALA D 88 15.85 -10.87 9.97
N GLU D 89 15.24 -9.72 10.18
CA GLU D 89 15.72 -8.74 11.16
C GLU D 89 15.75 -9.36 12.55
N ASP D 90 14.94 -10.40 12.77
CA ASP D 90 14.74 -10.96 14.08
C ASP D 90 15.87 -11.89 14.43
N THR D 91 16.72 -12.21 13.46
CA THR D 91 17.78 -13.15 13.73
C THR D 91 18.80 -12.55 14.68
N ALA D 92 19.06 -13.28 15.76
CA ALA D 92 19.93 -12.81 16.83
C ALA D 92 20.14 -13.87 17.89
N VAL D 93 21.01 -13.56 18.84
CA VAL D 93 21.19 -14.42 20.01
C VAL D 93 20.21 -13.85 21.04
N TYR D 94 19.37 -14.69 21.65
CA TYR D 94 18.34 -14.19 22.58
C TYR D 94 18.65 -14.53 24.04
N TYR D 95 18.60 -13.55 24.92
CA TYR D 95 19.02 -13.73 26.30
C TYR D 95 17.83 -13.57 27.22
N CYS D 96 17.65 -14.45 28.19
CA CYS D 96 16.73 -14.06 29.26
C CYS D 96 17.55 -13.38 30.40
N ALA D 97 16.98 -12.34 31.00
CA ALA D 97 17.70 -11.60 32.01
C ALA D 97 16.78 -11.27 33.13
N ARG D 98 17.34 -11.30 34.33
CA ARG D 98 16.58 -11.03 35.52
C ARG D 98 16.69 -9.54 35.90
N GLU D 99 15.55 -8.90 36.05
CA GLU D 99 15.49 -7.52 36.52
C GLU D 99 15.56 -7.48 38.05
N ARG D 100 16.37 -6.57 38.57
CA ARG D 100 16.36 -6.28 39.98
C ARG D 100 16.47 -4.77 40.14
N TRP D 101 15.95 -4.24 41.26
CA TRP D 101 15.92 -2.80 41.50
C TRP D 101 16.55 -2.49 42.82
N HIS D 102 17.39 -1.46 42.84
CA HIS D 102 17.80 -0.83 44.09
C HIS D 102 16.93 0.46 44.19
N VAL D 103 17.47 1.63 43.80
CA VAL D 103 16.64 2.77 43.49
C VAL D 103 15.87 2.55 42.18
N ARG D 104 16.59 2.10 41.13
CA ARG D 104 15.98 1.77 39.82
C ARG D 104 16.46 0.42 39.27
N GLY D 105 15.86 -0.04 38.17
CA GLY D 105 16.13 -1.36 37.65
C GLY D 105 17.45 -1.59 36.96
N TYR D 106 17.95 -2.83 37.07
CA TYR D 106 19.09 -3.32 36.31
C TYR D 106 18.97 -4.85 36.08
N PHE D 107 19.70 -5.36 35.09
CA PHE D 107 19.66 -6.77 34.76
C PHE D 107 20.89 -7.35 35.40
N ASP D 108 20.70 -8.12 36.48
CA ASP D 108 21.80 -8.53 37.29
C ASP D 108 22.24 -9.92 36.92
N HIS D 109 21.40 -10.64 36.16
CA HIS D 109 21.76 -11.97 35.67
C HIS D 109 21.25 -12.31 34.26
N TRP D 110 22.16 -12.85 33.45
CA TRP D 110 21.87 -13.16 32.08
C TRP D 110 22.22 -14.61 31.78
N GLY D 111 21.40 -15.27 30.99
CA GLY D 111 21.75 -16.58 30.48
C GLY D 111 22.80 -16.45 29.39
N GLN D 112 23.28 -17.58 28.89
CA GLN D 112 24.30 -17.49 27.85
C GLN D 112 23.68 -17.42 26.46
N GLY D 113 22.33 -17.45 26.40
CA GLY D 113 21.55 -17.26 25.17
C GLY D 113 21.38 -18.42 24.18
N THR D 114 20.37 -18.33 23.32
CA THR D 114 20.19 -19.23 22.17
C THR D 114 20.08 -18.42 20.89
N LEU D 115 20.63 -19.00 19.83
CA LEU D 115 20.69 -18.43 18.51
C LEU D 115 19.39 -18.67 17.81
N VAL D 116 18.80 -17.63 17.27
CA VAL D 116 17.68 -17.80 16.40
C VAL D 116 18.14 -17.22 15.07
N THR D 117 18.13 -18.02 14.01
CA THR D 117 18.48 -17.43 12.72
C THR D 117 17.32 -17.61 11.75
N VAL D 118 16.91 -16.53 11.10
CA VAL D 118 15.78 -16.59 10.22
C VAL D 118 16.28 -16.29 8.82
N SER D 119 16.15 -17.24 7.91
CA SER D 119 16.67 -17.04 6.58
C SER D 119 15.88 -17.92 5.61
N SER D 120 15.61 -17.42 4.42
CA SER D 120 14.96 -18.22 3.39
C SER D 120 15.98 -18.66 2.39
N ALA D 121 17.24 -18.35 2.66
CA ALA D 121 18.32 -18.72 1.78
C ALA D 121 18.43 -20.22 1.65
N SER D 122 18.67 -20.67 0.43
CA SER D 122 18.92 -22.07 0.18
C SER D 122 20.13 -22.17 -0.74
N THR D 123 20.64 -23.36 -0.95
CA THR D 123 21.89 -23.53 -1.68
C THR D 123 21.90 -22.72 -2.98
N LYS D 124 22.89 -21.86 -3.11
CA LYS D 124 23.10 -21.12 -4.36
C LYS D 124 24.58 -20.94 -4.63
N GLY D 125 24.99 -21.21 -5.88
CA GLY D 125 26.39 -21.02 -6.29
C GLY D 125 26.69 -19.56 -6.62
N PRO D 126 27.91 -19.11 -6.34
CA PRO D 126 28.29 -17.70 -6.57
C PRO D 126 28.42 -17.28 -8.03
N SER D 127 28.22 -15.99 -8.26
CA SER D 127 28.67 -15.35 -9.50
C SER D 127 30.04 -14.80 -9.21
N VAL D 128 30.97 -14.94 -10.15
CA VAL D 128 32.35 -14.50 -9.94
C VAL D 128 32.75 -13.41 -10.93
N PHE D 129 33.17 -12.27 -10.41
CA PHE D 129 33.49 -11.12 -11.26
C PHE D 129 34.95 -10.75 -11.03
N PRO D 130 35.62 -10.21 -12.05
CA PRO D 130 37.02 -9.81 -11.92
C PRO D 130 37.14 -8.41 -11.33
N LEU D 131 38.01 -8.25 -10.34
CA LEU D 131 38.38 -6.91 -9.89
C LEU D 131 39.66 -6.43 -10.60
N ALA D 132 39.44 -5.57 -11.58
CA ALA D 132 40.51 -5.19 -12.49
C ALA D 132 41.55 -4.30 -11.80
N PRO D 133 42.85 -4.57 -12.07
CA PRO D 133 43.87 -3.69 -11.57
C PRO D 133 43.81 -2.40 -12.35
N SER D 134 43.45 -1.33 -11.65
CA SER D 134 43.38 0.00 -12.23
C SER D 134 44.65 0.76 -11.90
N SER D 135 45.23 1.42 -12.89
CA SER D 135 46.47 2.16 -12.67
C SER D 135 46.26 3.34 -11.70
N GLY D 141 54.85 0.95 -6.46
CA GLY D 141 55.20 0.37 -7.75
C GLY D 141 54.73 -1.07 -7.90
N THR D 142 53.47 -1.30 -7.53
CA THR D 142 52.89 -2.62 -7.34
C THR D 142 51.38 -2.42 -7.43
N ALA D 143 50.64 -3.37 -7.98
CA ALA D 143 49.21 -3.16 -8.22
C ALA D 143 48.33 -4.23 -7.57
N ALA D 144 47.06 -3.92 -7.32
CA ALA D 144 46.16 -4.86 -6.64
C ALA D 144 44.99 -5.28 -7.55
N LEU D 145 44.68 -6.57 -7.54
CA LEU D 145 43.63 -7.11 -8.38
C LEU D 145 42.99 -8.30 -7.68
N GLY D 146 41.78 -8.66 -8.10
CA GLY D 146 41.07 -9.71 -7.38
C GLY D 146 39.86 -10.32 -8.03
N CYS D 147 39.09 -11.03 -7.22
CA CYS D 147 37.81 -11.55 -7.64
C CYS D 147 36.76 -11.25 -6.62
N LEU D 148 35.57 -10.94 -7.13
CA LEU D 148 34.42 -10.73 -6.26
C LEU D 148 33.59 -11.98 -6.44
N VAL D 149 33.48 -12.78 -5.39
CA VAL D 149 32.58 -13.92 -5.44
C VAL D 149 31.30 -13.53 -4.73
N LYS D 150 30.23 -13.48 -5.50
CA LYS D 150 29.04 -12.76 -5.08
C LYS D 150 27.83 -13.70 -4.92
N ASP D 151 27.09 -13.52 -3.82
CA ASP D 151 25.79 -14.17 -3.57
C ASP D 151 25.74 -15.69 -3.49
N TYR D 152 26.48 -16.27 -2.54
CA TYR D 152 26.48 -17.73 -2.40
C TYR D 152 25.89 -18.17 -1.03
N PHE D 153 25.45 -19.42 -0.94
CA PHE D 153 25.00 -20.03 0.30
C PHE D 153 24.97 -21.54 0.14
N PRO D 154 25.45 -22.26 1.16
CA PRO D 154 26.01 -21.68 2.37
C PRO D 154 27.53 -21.53 2.27
N GLU D 155 28.15 -21.07 3.37
CA GLU D 155 29.58 -21.11 3.60
C GLU D 155 30.05 -22.59 3.49
N PRO D 156 31.32 -22.85 3.12
CA PRO D 156 32.43 -21.96 2.80
C PRO D 156 32.69 -21.89 1.30
N VAL D 157 33.74 -21.17 0.94
CA VAL D 157 34.22 -21.16 -0.44
C VAL D 157 35.75 -21.08 -0.53
N THR D 158 36.38 -21.95 -1.31
CA THR D 158 37.81 -21.82 -1.54
C THR D 158 38.07 -20.94 -2.76
N VAL D 159 38.96 -19.95 -2.61
CA VAL D 159 39.59 -19.31 -3.77
C VAL D 159 41.08 -19.56 -3.74
N SER D 160 41.64 -19.94 -4.86
CA SER D 160 43.08 -19.98 -4.98
C SER D 160 43.39 -19.14 -6.21
N TRP D 161 44.67 -18.89 -6.45
CA TRP D 161 45.06 -18.13 -7.61
C TRP D 161 46.04 -18.93 -8.46
N ASN D 162 45.84 -18.88 -9.78
CA ASN D 162 46.64 -19.64 -10.74
C ASN D 162 46.83 -21.09 -10.29
N SER D 163 45.72 -21.72 -9.93
CA SER D 163 45.70 -23.12 -9.51
C SER D 163 46.64 -23.45 -8.34
N GLY D 164 46.77 -22.51 -7.40
CA GLY D 164 47.57 -22.71 -6.20
C GLY D 164 49.01 -22.25 -6.31
N ALA D 165 49.46 -21.99 -7.55
CA ALA D 165 50.83 -21.55 -7.84
C ALA D 165 51.08 -20.12 -7.38
N LEU D 166 50.06 -19.27 -7.45
CA LEU D 166 50.18 -17.91 -6.95
C LEU D 166 49.65 -17.87 -5.52
N THR D 167 50.56 -17.69 -4.57
CA THR D 167 50.19 -17.85 -3.18
C THR D 167 50.56 -16.62 -2.37
N SER D 168 51.68 -15.99 -2.76
CA SER D 168 52.22 -14.88 -2.01
C SER D 168 51.44 -13.58 -2.28
N GLY D 169 51.24 -12.78 -1.24
CA GLY D 169 50.52 -11.51 -1.38
C GLY D 169 49.02 -11.66 -1.56
N VAL D 170 48.53 -12.88 -1.34
CA VAL D 170 47.11 -13.16 -1.43
C VAL D 170 46.35 -12.89 -0.13
N HIS D 171 45.25 -12.16 -0.26
CA HIS D 171 44.39 -11.84 0.86
C HIS D 171 42.95 -12.18 0.50
N THR D 172 42.45 -13.28 1.05
CA THR D 172 41.06 -13.60 0.83
C THR D 172 40.28 -13.21 2.08
N PHE D 173 39.30 -12.33 1.94
CA PHE D 173 38.67 -11.72 3.10
C PHE D 173 37.50 -12.57 3.63
N PRO D 174 37.25 -12.55 4.94
CA PRO D 174 36.04 -13.17 5.45
C PRO D 174 34.87 -12.53 4.73
N ALA D 175 33.74 -13.24 4.65
CA ALA D 175 32.61 -12.83 3.83
C ALA D 175 31.56 -12.06 4.61
N VAL D 176 30.80 -11.21 3.94
CA VAL D 176 29.68 -10.55 4.60
C VAL D 176 28.50 -11.43 4.49
N LEU D 177 27.71 -11.48 5.58
CA LEU D 177 26.44 -12.14 5.58
C LEU D 177 25.43 -11.02 5.32
N GLN D 178 24.98 -10.92 4.08
CA GLN D 178 24.11 -9.82 3.68
C GLN D 178 22.70 -10.06 4.16
N SER D 179 21.96 -8.97 4.33
CA SER D 179 20.53 -9.01 4.62
C SER D 179 19.86 -10.21 3.95
N SER D 180 20.15 -10.37 2.66
CA SER D 180 19.41 -11.33 1.85
C SER D 180 19.56 -12.77 2.34
N GLY D 181 20.54 -13.02 3.18
CA GLY D 181 20.76 -14.37 3.69
C GLY D 181 21.95 -14.98 2.98
N LEU D 182 22.37 -14.35 1.88
CA LEU D 182 23.44 -14.88 1.03
C LEU D 182 24.80 -14.29 1.35
N TYR D 183 25.85 -15.11 1.29
CA TYR D 183 27.22 -14.64 1.53
C TYR D 183 27.84 -13.98 0.31
N SER D 184 28.88 -13.16 0.53
CA SER D 184 29.78 -12.62 -0.52
C SER D 184 31.13 -12.38 0.11
N LEU D 185 32.19 -12.52 -0.67
CA LEU D 185 33.56 -12.27 -0.20
C LEU D 185 34.45 -11.85 -1.36
N SER D 186 35.57 -11.20 -1.07
CA SER D 186 36.55 -10.89 -2.11
C SER D 186 37.94 -11.41 -1.77
N SER D 187 38.69 -11.70 -2.82
CA SER D 187 40.05 -12.15 -2.67
C SER D 187 40.94 -11.32 -3.56
N VAL D 188 41.86 -10.56 -2.97
CA VAL D 188 42.71 -9.69 -3.77
C VAL D 188 44.17 -10.11 -3.66
N VAL D 189 44.93 -9.95 -4.73
CA VAL D 189 46.34 -10.29 -4.69
C VAL D 189 47.19 -9.09 -5.09
N THR D 190 48.36 -8.97 -4.48
CA THR D 190 49.21 -7.83 -4.70
C THR D 190 50.39 -8.26 -5.54
N VAL D 191 50.71 -7.43 -6.52
CA VAL D 191 51.40 -7.89 -7.71
C VAL D 191 52.23 -6.76 -8.28
N PRO D 192 53.42 -7.09 -8.76
CA PRO D 192 54.28 -6.13 -9.45
C PRO D 192 53.62 -5.56 -10.72
N SER D 193 53.54 -4.23 -10.79
CA SER D 193 52.81 -3.56 -11.87
C SER D 193 53.47 -3.68 -13.27
N SER D 194 54.72 -4.12 -13.30
CA SER D 194 55.38 -4.34 -14.59
C SER D 194 54.96 -5.68 -15.15
N SER D 195 54.33 -6.48 -14.30
CA SER D 195 54.08 -7.88 -14.60
C SER D 195 52.84 -8.20 -15.45
N LEU D 196 52.02 -7.22 -15.82
CA LEU D 196 50.74 -7.54 -16.44
C LEU D 196 50.78 -7.82 -17.95
N GLY D 197 51.54 -7.04 -18.70
CA GLY D 197 51.65 -7.34 -20.11
C GLY D 197 52.16 -8.76 -20.29
N THR D 198 52.68 -9.32 -19.19
CA THR D 198 53.41 -10.58 -19.24
C THR D 198 52.75 -11.71 -18.43
N GLN D 199 52.09 -11.34 -17.35
CA GLN D 199 51.71 -12.29 -16.32
C GLN D 199 50.19 -12.51 -16.31
N THR D 200 49.76 -13.76 -16.28
CA THR D 200 48.35 -14.12 -16.38
C THR D 200 47.75 -14.47 -15.03
N TYR D 201 46.72 -13.75 -14.61
CA TYR D 201 46.22 -13.99 -13.25
C TYR D 201 44.80 -14.55 -13.24
N ILE D 202 44.66 -15.78 -12.77
CA ILE D 202 43.36 -16.41 -12.75
C ILE D 202 42.90 -16.72 -11.33
N CYS D 203 41.62 -16.53 -11.05
CA CYS D 203 41.11 -16.93 -9.75
C CYS D 203 40.27 -18.20 -9.86
N ASN D 204 40.47 -19.09 -8.90
CA ASN D 204 39.82 -20.38 -8.87
C ASN D 204 38.82 -20.42 -7.72
N VAL D 205 37.56 -20.21 -8.06
CA VAL D 205 36.51 -20.28 -7.06
C VAL D 205 35.85 -21.66 -7.05
N ASN D 206 35.80 -22.25 -5.86
CA ASN D 206 35.13 -23.52 -5.67
C ASN D 206 34.11 -23.42 -4.55
N HIS D 207 32.83 -23.62 -4.91
CA HIS D 207 31.70 -23.72 -3.95
C HIS D 207 31.20 -25.15 -3.95
N LYS D 208 31.56 -25.90 -2.91
CA LYS D 208 31.28 -27.32 -2.94
C LYS D 208 29.81 -27.71 -2.86
N PRO D 209 29.07 -27.10 -1.93
CA PRO D 209 27.66 -27.46 -1.79
C PRO D 209 26.80 -27.33 -3.06
N SER D 210 27.24 -26.56 -4.05
CA SER D 210 26.45 -26.37 -5.28
C SER D 210 27.21 -26.82 -6.52
N ASN D 211 28.23 -27.66 -6.33
CA ASN D 211 29.02 -28.16 -7.43
C ASN D 211 29.46 -27.03 -8.33
N THR D 212 29.81 -25.90 -7.72
CA THR D 212 30.23 -24.75 -8.50
C THR D 212 31.74 -24.54 -8.51
N LYS D 213 32.31 -24.65 -9.71
CA LYS D 213 33.70 -24.31 -9.95
C LYS D 213 33.79 -23.27 -11.05
N VAL D 214 34.38 -22.13 -10.71
CA VAL D 214 34.61 -21.07 -11.69
C VAL D 214 36.08 -20.63 -11.72
N ASP D 215 36.59 -20.39 -12.91
CA ASP D 215 37.92 -19.82 -13.09
C ASP D 215 37.70 -18.48 -13.79
N LYS D 216 37.93 -17.37 -13.10
CA LYS D 216 37.84 -16.07 -13.80
C LYS D 216 39.20 -15.54 -14.23
N LYS D 217 39.28 -15.11 -15.49
CA LYS D 217 40.47 -14.45 -15.96
C LYS D 217 40.40 -12.97 -15.55
N VAL D 218 41.34 -12.51 -14.73
CA VAL D 218 41.38 -11.09 -14.33
C VAL D 218 42.27 -10.25 -15.26
N GLU D 219 41.66 -9.45 -16.13
CA GLU D 219 42.47 -8.66 -17.08
C GLU D 219 42.56 -7.18 -16.73
N PRO D 220 43.75 -6.60 -16.91
CA PRO D 220 44.08 -5.16 -16.83
C PRO D 220 43.21 -4.25 -17.73
N ILE E 2 15.66 8.93 25.56
CA ILE E 2 15.11 8.11 24.44
C ILE E 2 16.19 7.52 23.49
N GLU E 3 17.38 8.09 23.44
CA GLU E 3 18.42 7.55 22.55
C GLU E 3 19.83 7.79 23.06
N LEU E 4 20.57 6.71 23.27
CA LEU E 4 21.86 6.80 23.92
C LEU E 4 23.00 6.68 22.92
N THR E 5 23.97 7.57 23.02
CA THR E 5 25.05 7.65 22.04
C THR E 5 26.43 7.40 22.65
N GLN E 6 27.07 6.30 22.25
CA GLN E 6 28.45 5.98 22.68
C GLN E 6 29.38 6.02 21.50
N PRO E 7 30.64 6.43 21.71
CA PRO E 7 31.58 6.38 20.60
C PRO E 7 31.78 4.92 20.32
N PRO E 8 32.01 4.56 19.07
CA PRO E 8 32.07 3.14 18.71
C PRO E 8 33.27 2.44 19.32
N SER E 9 34.34 3.19 19.60
CA SER E 9 35.57 2.54 20.08
C SER E 9 36.49 3.46 20.87
N VAL E 10 37.19 2.88 21.83
CA VAL E 10 38.06 3.64 22.72
C VAL E 10 39.19 2.71 23.08
N SER E 11 40.40 3.25 23.13
CA SER E 11 41.57 2.44 23.42
C SER E 11 42.45 3.13 24.45
N VAL E 12 43.18 2.31 25.22
CA VAL E 12 44.06 2.82 26.28
C VAL E 12 45.33 2.02 26.39
N ALA E 13 46.38 2.66 26.88
CA ALA E 13 47.59 1.91 27.13
C ALA E 13 47.40 1.13 28.44
N PRO E 14 47.96 -0.09 28.50
CA PRO E 14 47.86 -0.82 29.74
C PRO E 14 48.23 0.09 30.91
N GLY E 15 47.38 0.12 31.92
CA GLY E 15 47.70 0.91 33.09
C GLY E 15 46.98 2.23 33.13
N GLN E 16 46.65 2.77 31.96
CA GLN E 16 45.98 4.05 31.94
C GLN E 16 44.50 4.00 32.18
N THR E 17 43.88 5.16 32.37
CA THR E 17 42.49 5.21 32.78
C THR E 17 41.66 5.27 31.53
N ALA E 18 40.60 4.46 31.45
CA ALA E 18 39.70 4.52 30.30
C ALA E 18 38.39 5.24 30.64
N ARG E 19 37.93 6.09 29.72
CA ARG E 19 36.67 6.81 29.88
C ARG E 19 35.75 6.53 28.70
N ILE E 20 34.61 5.95 28.99
CA ILE E 20 33.66 5.63 27.96
C ILE E 20 32.40 6.45 28.19
N SER E 21 32.03 7.25 27.20
CA SER E 21 30.95 8.18 27.40
C SER E 21 29.65 7.66 26.79
N CYS E 22 28.54 8.25 27.24
CA CYS E 22 27.20 7.83 26.87
C CYS E 22 26.32 9.07 27.05
N SER E 23 25.81 9.58 25.94
CA SER E 23 25.07 10.82 25.99
C SER E 23 23.68 10.79 25.30
N GLY E 24 22.78 11.65 25.77
CA GLY E 24 21.41 11.75 25.24
C GLY E 24 20.67 12.83 25.99
N ASP E 25 19.52 13.25 25.49
CA ASP E 25 18.76 14.38 26.07
C ASP E 25 18.40 14.20 27.53
N SER E 26 18.90 15.09 28.37
CA SER E 26 18.64 15.02 29.81
C SER E 26 19.00 13.69 30.44
N LEU E 27 20.05 13.02 29.95
CA LEU E 27 20.45 11.75 30.52
C LEU E 27 20.61 11.90 32.04
N GLY E 28 21.11 13.05 32.48
CA GLY E 28 21.40 13.28 33.89
C GLY E 28 20.17 13.21 34.78
N SER E 29 19.00 13.15 34.18
CA SER E 29 17.78 13.03 34.96
C SER E 29 17.26 11.61 34.87
N LYS E 30 18.09 10.72 34.36
CA LYS E 30 17.74 9.31 34.29
C LYS E 30 18.86 8.50 34.90
N TYR E 31 18.53 7.37 35.51
CA TYR E 31 19.53 6.47 36.03
C TYR E 31 20.13 5.56 34.96
N VAL E 32 21.45 5.57 34.85
CA VAL E 32 22.13 4.80 33.82
C VAL E 32 22.75 3.53 34.38
N ILE E 33 22.83 2.51 33.55
CA ILE E 33 23.30 1.19 33.96
C ILE E 33 24.35 0.79 32.94
N TRP E 34 25.41 0.09 33.36
CA TRP E 34 26.42 -0.34 32.39
C TRP E 34 26.70 -1.84 32.37
N TYR E 35 26.90 -2.38 31.19
CA TYR E 35 27.26 -3.77 31.07
C TYR E 35 28.58 -3.94 30.28
N GLN E 36 29.34 -4.94 30.68
CA GLN E 36 30.58 -5.34 30.02
C GLN E 36 30.26 -6.64 29.31
N GLN E 37 30.74 -6.80 28.07
CA GLN E 37 30.52 -8.03 27.33
C GLN E 37 31.71 -8.50 26.52
N LYS E 38 32.20 -9.67 26.89
CA LYS E 38 33.31 -10.28 26.20
C LYS E 38 32.86 -11.25 25.11
N PRO E 39 33.64 -11.38 24.03
CA PRO E 39 33.31 -12.21 22.87
C PRO E 39 32.83 -13.59 23.30
N GLY E 40 31.67 -14.03 22.79
CA GLY E 40 31.21 -15.38 23.08
C GLY E 40 30.40 -15.49 24.38
N GLN E 41 30.20 -14.37 25.07
CA GLN E 41 29.37 -14.46 26.27
C GLN E 41 28.37 -13.35 26.59
N ALA E 42 27.55 -13.65 27.57
CA ALA E 42 26.47 -12.78 28.02
C ALA E 42 26.99 -11.45 28.54
N PRO E 43 26.19 -10.40 28.41
CA PRO E 43 26.66 -9.23 29.09
C PRO E 43 26.72 -9.46 30.61
N VAL E 44 27.52 -8.65 31.28
CA VAL E 44 27.72 -8.74 32.72
C VAL E 44 27.56 -7.35 33.34
N LEU E 45 26.77 -7.27 34.41
CA LEU E 45 26.47 -6.03 35.13
C LEU E 45 27.73 -5.50 35.74
N VAL E 46 28.05 -4.22 35.51
CA VAL E 46 29.20 -3.63 36.15
C VAL E 46 28.85 -2.37 36.93
N ILE E 47 27.87 -1.60 36.46
CA ILE E 47 27.42 -0.43 37.22
C ILE E 47 25.92 -0.18 37.15
N TYR E 48 25.25 0.03 38.29
CA TYR E 48 23.80 -0.07 38.25
C TYR E 48 22.91 1.11 38.60
N ASP E 49 23.02 1.79 39.72
CA ASP E 49 22.28 3.06 39.69
C ASP E 49 23.40 3.87 39.12
N ASP E 50 23.35 5.20 38.94
CA ASP E 50 24.44 5.67 38.06
C ASP E 50 25.86 5.25 38.46
N SER E 51 26.06 4.85 39.71
CA SER E 51 27.40 4.57 40.15
C SER E 51 27.61 3.51 41.22
N ASN E 52 26.73 2.52 41.33
CA ASN E 52 26.91 1.40 42.25
C ASN E 52 27.61 0.25 41.56
N ARG E 53 28.45 -0.45 42.32
CA ARG E 53 29.13 -1.63 41.78
C ARG E 53 28.53 -2.87 42.38
N PRO E 54 28.05 -3.78 41.55
CA PRO E 54 27.63 -4.99 42.19
C PRO E 54 28.82 -5.55 42.97
N SER E 55 28.56 -6.19 44.10
CA SER E 55 29.64 -6.88 44.81
C SER E 55 30.37 -7.80 43.83
N GLY E 56 31.69 -7.64 43.69
CA GLY E 56 32.46 -8.59 42.90
C GLY E 56 32.91 -8.05 41.55
N ILE E 57 32.46 -6.84 41.23
CA ILE E 57 33.08 -6.04 40.19
C ILE E 57 34.19 -5.22 40.89
N PRO E 58 35.43 -5.27 40.37
CA PRO E 58 36.55 -4.59 41.02
C PRO E 58 36.39 -3.06 41.13
N GLU E 59 36.96 -2.46 42.18
CA GLU E 59 36.88 -1.01 42.49
C GLU E 59 37.38 -0.11 41.37
N ARG E 60 38.31 -0.62 40.60
CA ARG E 60 38.71 -0.08 39.30
C ARG E 60 37.58 0.59 38.51
N PHE E 61 36.41 -0.04 38.52
CA PHE E 61 35.29 0.46 37.75
C PHE E 61 34.49 1.46 38.58
N SER E 62 34.11 2.56 37.93
CA SER E 62 33.20 3.52 38.53
C SER E 62 32.42 4.20 37.43
N GLY E 63 31.26 4.73 37.79
CA GLY E 63 30.40 5.43 36.83
C GLY E 63 29.87 6.74 37.41
N SER E 64 29.62 7.72 36.54
CA SER E 64 29.05 8.97 36.98
C SER E 64 28.06 9.46 35.92
N ASN E 65 27.18 10.37 36.28
CA ASN E 65 26.20 10.87 35.34
C ASN E 65 25.71 12.28 35.66
N SER E 66 25.91 13.19 34.72
CA SER E 66 25.36 14.54 34.84
C SER E 66 25.28 15.22 33.50
N GLY E 67 24.47 16.27 33.44
CA GLY E 67 24.26 16.98 32.18
C GLY E 67 23.58 16.10 31.15
N ASN E 68 24.25 15.93 30.01
CA ASN E 68 23.74 15.01 29.01
C ASN E 68 24.62 13.76 28.94
N THR E 69 25.53 13.58 29.89
CA THR E 69 26.57 12.58 29.72
C THR E 69 26.77 11.65 30.92
N ALA E 70 26.78 10.35 30.65
CA ALA E 70 27.13 9.36 31.65
C ALA E 70 28.46 8.78 31.25
N THR E 71 29.32 8.49 32.23
CA THR E 71 30.65 8.00 31.92
C THR E 71 31.08 6.79 32.74
N LEU E 72 31.57 5.75 32.04
CA LEU E 72 32.18 4.59 32.69
C LEU E 72 33.66 4.82 32.69
N THR E 73 34.27 4.71 33.87
CA THR E 73 35.67 5.03 34.08
C THR E 73 36.36 3.82 34.67
N ILE E 74 37.35 3.33 33.95
CA ILE E 74 38.10 2.18 34.39
C ILE E 74 39.50 2.67 34.69
N SER E 75 39.84 2.73 35.97
CA SER E 75 41.19 3.18 36.36
C SER E 75 42.18 2.04 36.12
N GLY E 76 43.47 2.39 36.03
CA GLY E 76 44.52 1.40 35.83
C GLY E 76 44.04 0.10 35.22
N THR E 77 43.85 0.11 33.89
CA THR E 77 43.13 -0.95 33.23
C THR E 77 44.03 -2.09 32.74
N GLN E 78 43.48 -3.30 32.64
CA GLN E 78 44.26 -4.45 32.21
C GLN E 78 43.74 -5.15 30.98
N ALA E 79 44.55 -6.06 30.45
CA ALA E 79 44.15 -6.83 29.28
C ALA E 79 42.72 -7.34 29.45
N GLU E 80 42.43 -7.84 30.65
CA GLU E 80 41.17 -8.52 30.96
C GLU E 80 39.96 -7.57 30.96
N ASP E 81 40.22 -6.29 30.74
CA ASP E 81 39.15 -5.33 30.63
C ASP E 81 38.73 -5.09 29.19
N GLU E 82 39.38 -5.74 28.23
CA GLU E 82 38.96 -5.62 26.83
C GLU E 82 37.62 -6.24 26.68
N ALA E 83 36.69 -5.46 26.14
CA ALA E 83 35.34 -5.93 25.98
C ALA E 83 34.52 -4.85 25.34
N ASP E 84 33.27 -5.19 25.00
CA ASP E 84 32.29 -4.16 24.63
C ASP E 84 31.54 -3.71 25.89
N TYR E 85 31.35 -2.41 26.00
CA TYR E 85 30.61 -1.82 27.09
C TYR E 85 29.40 -1.06 26.57
N TYR E 86 28.22 -1.42 27.08
CA TYR E 86 26.98 -0.78 26.70
C TYR E 86 26.38 -0.03 27.88
N CYS E 87 25.96 1.21 27.68
CA CYS E 87 25.15 1.89 28.68
C CYS E 87 23.70 1.63 28.36
N SER E 88 22.83 1.85 29.34
CA SER E 88 21.42 1.72 29.10
C SER E 88 20.63 2.52 30.11
N THR E 89 19.35 2.69 29.83
CA THR E 89 18.47 3.36 30.76
C THR E 89 17.03 2.98 30.49
N PHE E 90 16.16 3.22 31.47
CA PHE E 90 14.73 2.97 31.32
C PHE E 90 14.03 3.99 30.43
N THR E 91 13.41 3.49 29.36
CA THR E 91 12.59 4.24 28.40
C THR E 91 11.13 4.01 28.74
N MET E 92 10.25 4.93 28.37
CA MET E 92 8.80 4.74 28.59
C MET E 92 8.15 4.12 27.35
N SER E 93 8.97 3.72 26.40
CA SER E 93 8.50 3.18 25.10
C SER E 93 8.50 1.65 25.08
N GLY E 94 7.27 1.13 25.01
CA GLY E 94 6.92 -0.18 25.54
C GLY E 94 7.26 -0.33 27.02
N ASN E 95 7.55 0.77 27.72
CA ASN E 95 7.85 0.74 29.16
C ASN E 95 9.09 -0.11 29.43
N GLY E 96 9.98 -0.11 28.44
CA GLY E 96 11.18 -0.94 28.49
C GLY E 96 12.51 -0.29 28.83
N THR E 97 13.54 -0.67 28.09
CA THR E 97 14.89 -0.27 28.36
C THR E 97 15.58 0.04 27.04
N VAL E 98 16.49 0.99 27.06
CA VAL E 98 17.20 1.36 25.85
C VAL E 98 18.71 1.24 26.04
N PHE E 99 19.41 0.70 25.06
CA PHE E 99 20.86 0.52 25.17
C PHE E 99 21.62 1.48 24.29
N GLY E 100 22.82 1.84 24.70
CA GLY E 100 23.69 2.60 23.81
C GLY E 100 24.08 1.63 22.72
N GLY E 101 24.71 2.13 21.65
CA GLY E 101 25.16 1.26 20.58
C GLY E 101 26.34 0.45 21.04
N GLY E 102 26.89 0.76 22.20
CA GLY E 102 28.00 0.00 22.77
C GLY E 102 29.37 0.41 22.24
N THR E 103 30.40 0.45 23.07
CA THR E 103 31.72 0.85 22.58
C THR E 103 32.78 -0.25 22.83
N LYS E 104 33.71 -0.39 21.90
CA LYS E 104 34.73 -1.40 22.05
C LYS E 104 36.04 -0.90 22.71
N LEU E 105 36.30 -1.36 23.93
CA LEU E 105 37.51 -1.01 24.68
C LEU E 105 38.67 -1.91 24.29
N THR E 106 39.67 -1.34 23.62
CA THR E 106 40.89 -2.06 23.30
C THR E 106 41.98 -1.61 24.25
N VAL E 107 42.66 -2.56 24.86
CA VAL E 107 43.84 -2.29 25.67
C VAL E 107 45.08 -2.53 24.85
N LEU E 108 45.62 -1.45 24.30
CA LEU E 108 46.76 -1.47 23.36
C LEU E 108 47.81 -2.48 23.72
N GLY E 109 47.92 -3.53 22.92
CA GLY E 109 48.95 -4.55 23.07
C GLY E 109 50.08 -4.43 22.04
N GLN E 110 49.92 -3.50 21.08
CA GLN E 110 50.96 -3.19 20.10
C GLN E 110 50.86 -1.74 19.60
N PRO E 111 51.79 -1.33 18.73
CA PRO E 111 51.61 0.03 18.25
C PRO E 111 50.38 0.16 17.34
N LYS E 112 49.64 1.23 17.55
CA LYS E 112 48.47 1.61 16.79
C LYS E 112 48.82 1.81 15.30
N ALA E 113 48.00 1.22 14.42
CA ALA E 113 48.31 1.15 12.99
C ALA E 113 47.11 1.50 12.09
N ALA E 114 47.28 2.48 11.19
CA ALA E 114 46.18 2.90 10.34
C ALA E 114 45.92 1.83 9.28
N PRO E 115 44.68 1.73 8.80
CA PRO E 115 44.30 0.69 7.84
C PRO E 115 44.71 1.04 6.41
N SER E 116 44.86 0.02 5.57
CA SER E 116 45.03 0.21 4.12
C SER E 116 43.71 0.04 3.38
N VAL E 117 43.38 0.97 2.51
CA VAL E 117 42.10 0.88 1.84
C VAL E 117 42.27 0.72 0.34
N THR E 118 41.79 -0.38 -0.21
CA THR E 118 41.73 -0.55 -1.64
C THR E 118 40.28 -0.51 -2.09
N LEU E 119 39.99 0.30 -3.11
CA LEU E 119 38.63 0.47 -3.61
C LEU E 119 38.48 0.02 -5.06
N PHE E 120 37.63 -0.96 -5.32
CA PHE E 120 37.35 -1.44 -6.70
C PHE E 120 35.97 -1.01 -7.19
N PRO E 121 35.87 -0.43 -8.39
CA PRO E 121 34.57 -0.10 -8.95
C PRO E 121 33.88 -1.36 -9.43
N PRO E 122 32.65 -1.26 -9.93
CA PRO E 122 31.97 -2.42 -10.47
C PRO E 122 32.63 -2.91 -11.73
N SER E 123 32.75 -4.21 -11.87
CA SER E 123 33.38 -4.77 -13.06
C SER E 123 32.49 -4.49 -14.26
N SER E 124 33.05 -4.50 -15.46
CA SER E 124 32.18 -4.31 -16.60
C SER E 124 31.32 -5.53 -16.81
N GLU E 125 31.82 -6.69 -16.38
CA GLU E 125 31.08 -7.93 -16.52
C GLU E 125 29.81 -7.90 -15.66
N GLU E 126 29.93 -7.40 -14.42
CA GLU E 126 28.78 -7.28 -13.53
C GLU E 126 27.84 -6.23 -14.08
N LEU E 127 28.38 -5.13 -14.56
CA LEU E 127 27.52 -4.09 -15.13
C LEU E 127 26.63 -4.62 -16.25
N GLN E 128 27.14 -5.53 -17.08
CA GLN E 128 26.30 -6.12 -18.13
C GLN E 128 25.23 -7.09 -17.63
N ALA E 129 25.36 -7.52 -16.39
CA ALA E 129 24.37 -8.41 -15.80
C ALA E 129 23.39 -7.57 -14.96
N ASN E 130 23.40 -6.27 -15.20
CA ASN E 130 22.49 -5.33 -14.54
C ASN E 130 22.58 -5.23 -13.05
N LYS E 131 23.78 -5.39 -12.54
CA LYS E 131 24.04 -5.23 -11.12
C LYS E 131 25.28 -4.37 -11.01
N ALA E 132 25.56 -3.85 -9.81
CA ALA E 132 26.78 -3.08 -9.57
C ALA E 132 27.18 -3.04 -8.10
N THR E 133 28.38 -3.54 -7.81
CA THR E 133 28.89 -3.59 -6.44
C THR E 133 30.23 -2.85 -6.30
N LEU E 134 30.38 -1.97 -5.29
CA LEU E 134 31.69 -1.38 -5.00
C LEU E 134 32.29 -2.17 -3.89
N VAL E 135 33.57 -2.47 -4.01
CA VAL E 135 34.25 -3.29 -3.02
C VAL E 135 35.31 -2.46 -2.34
N CYS E 136 35.16 -2.27 -1.04
CA CYS E 136 36.13 -1.52 -0.26
C CYS E 136 36.90 -2.41 0.71
N LEU E 137 38.18 -2.66 0.45
CA LEU E 137 38.96 -3.62 1.26
C LEU E 137 39.85 -2.95 2.30
N ILE E 138 39.56 -3.20 3.58
CA ILE E 138 40.25 -2.49 4.66
C ILE E 138 41.16 -3.47 5.36
N SER E 139 42.42 -3.11 5.61
CA SER E 139 43.35 -4.10 6.20
C SER E 139 44.54 -3.57 7.02
N ASP E 140 45.16 -4.48 7.77
CA ASP E 140 46.32 -4.16 8.57
C ASP E 140 46.10 -3.10 9.64
N PHE E 141 44.90 -2.97 10.18
CA PHE E 141 44.69 -1.93 11.18
C PHE E 141 44.72 -2.46 12.63
N TYR E 142 45.03 -1.58 13.58
CA TYR E 142 44.94 -1.92 15.00
C TYR E 142 44.90 -0.62 15.77
N PRO E 143 44.04 -0.54 16.79
CA PRO E 143 43.06 -1.57 17.20
C PRO E 143 42.00 -1.93 16.15
N GLY E 144 41.34 -3.06 16.34
CA GLY E 144 40.36 -3.55 15.40
C GLY E 144 38.97 -2.92 15.48
N ALA E 145 38.88 -1.62 15.23
CA ALA E 145 37.63 -0.92 15.09
C ALA E 145 37.73 0.16 14.00
N VAL E 146 36.84 0.10 13.01
CA VAL E 146 36.73 1.16 12.01
C VAL E 146 35.27 1.53 11.83
N THR E 147 35.02 2.75 11.41
CA THR E 147 33.71 3.19 11.04
C THR E 147 33.84 3.48 9.55
N VAL E 148 32.87 3.07 8.74
CA VAL E 148 32.99 3.15 7.29
C VAL E 148 31.88 4.00 6.75
N ALA E 149 32.21 4.95 5.89
CA ALA E 149 31.19 5.86 5.34
C ALA E 149 31.33 5.97 3.82
N TRP E 150 30.22 5.85 3.10
CA TRP E 150 30.31 5.90 1.66
C TRP E 150 29.78 7.23 1.20
N LYS E 151 30.27 7.71 0.06
CA LYS E 151 29.80 8.97 -0.51
C LYS E 151 29.56 8.79 -1.99
N ALA E 152 28.45 9.32 -2.48
CA ALA E 152 28.30 9.49 -3.91
C ALA E 152 28.44 10.99 -4.13
N ASP E 153 29.43 11.40 -4.92
CA ASP E 153 29.64 12.85 -5.14
C ASP E 153 29.74 13.64 -3.84
N SER E 154 30.21 13.04 -2.77
CA SER E 154 30.20 13.73 -1.49
C SER E 154 28.80 13.95 -0.86
N SER E 155 27.85 13.11 -1.23
CA SER E 155 26.59 12.96 -0.50
C SER E 155 26.64 11.61 0.24
N PRO E 156 26.16 11.56 1.49
CA PRO E 156 26.26 10.30 2.21
C PRO E 156 25.32 9.23 1.65
N VAL E 157 25.74 7.97 1.73
CA VAL E 157 24.97 6.89 1.13
C VAL E 157 24.43 5.91 2.17
N LYS E 158 23.13 5.93 2.40
CA LYS E 158 22.57 5.16 3.50
C LYS E 158 22.35 3.70 3.11
N ALA E 159 21.77 3.52 1.93
CA ALA E 159 21.21 2.25 1.49
C ALA E 159 22.22 1.37 0.73
N GLY E 160 22.10 0.07 0.92
CA GLY E 160 22.86 -0.87 0.11
C GLY E 160 24.28 -1.04 0.59
N VAL E 161 24.62 -0.50 1.76
CA VAL E 161 25.93 -0.81 2.29
C VAL E 161 25.86 -1.97 3.26
N GLU E 162 26.98 -2.68 3.40
CA GLU E 162 26.94 -3.97 4.00
C GLU E 162 28.36 -4.18 4.44
N THR E 163 28.60 -4.17 5.75
CA THR E 163 29.97 -4.12 6.23
C THR E 163 30.22 -5.28 7.18
N THR E 164 31.45 -5.77 7.22
CA THR E 164 31.79 -6.87 8.11
C THR E 164 32.28 -6.36 9.45
N THR E 165 32.17 -7.18 10.47
CA THR E 165 32.87 -6.86 11.68
C THR E 165 34.32 -7.19 11.37
N PRO E 166 35.28 -6.55 12.07
CA PRO E 166 36.70 -6.82 11.88
C PRO E 166 37.07 -8.24 12.32
N SER E 167 38.10 -8.83 11.70
CA SER E 167 38.65 -10.09 12.22
C SER E 167 40.18 -10.12 12.24
N LYS E 168 40.74 -10.73 13.29
CA LYS E 168 42.19 -10.84 13.46
C LYS E 168 42.83 -11.45 12.23
N GLN E 169 43.88 -10.81 11.69
CA GLN E 169 44.63 -11.41 10.59
C GLN E 169 45.73 -12.30 11.18
N SER E 170 46.42 -13.04 10.33
CA SER E 170 47.49 -13.89 10.81
C SER E 170 48.55 -13.11 11.61
N ASN E 171 48.67 -11.80 11.35
CA ASN E 171 49.67 -10.96 12.02
C ASN E 171 49.13 -10.16 13.21
N ASN E 172 47.89 -10.41 13.58
CA ASN E 172 47.29 -9.77 14.74
C ASN E 172 46.87 -8.32 14.52
N LYS E 173 46.91 -7.86 13.28
CA LYS E 173 46.25 -6.62 12.94
C LYS E 173 44.87 -7.05 12.44
N TYR E 174 43.98 -6.12 12.15
CA TYR E 174 42.63 -6.51 11.73
C TYR E 174 42.32 -6.20 10.27
N ALA E 175 41.29 -6.87 9.76
CA ALA E 175 40.81 -6.62 8.39
C ALA E 175 39.30 -6.48 8.35
N ALA E 176 38.80 -5.83 7.32
CA ALA E 176 37.38 -5.72 7.14
C ALA E 176 37.02 -5.29 5.72
N SER E 177 35.80 -5.62 5.29
CA SER E 177 35.37 -5.25 3.98
C SER E 177 33.97 -4.67 4.02
N SER E 178 33.70 -3.78 3.07
CA SER E 178 32.41 -3.13 2.97
C SER E 178 31.97 -3.15 1.52
N TYR E 179 30.74 -3.52 1.25
CA TYR E 179 30.26 -3.59 -0.11
C TYR E 179 29.06 -2.63 -0.28
N LEU E 180 29.13 -1.75 -1.28
CA LEU E 180 28.00 -0.89 -1.61
C LEU E 180 27.31 -1.37 -2.87
N SER E 181 26.04 -1.74 -2.76
CA SER E 181 25.27 -2.22 -3.91
C SER E 181 24.57 -1.04 -4.62
N LEU E 182 24.66 -0.99 -5.94
CA LEU E 182 24.07 0.12 -6.70
C LEU E 182 23.34 -0.37 -7.91
N THR E 183 22.54 0.53 -8.45
CA THR E 183 21.94 0.37 -9.75
C THR E 183 23.00 0.71 -10.82
N PRO E 184 23.01 -0.01 -11.93
CA PRO E 184 23.97 0.48 -12.93
C PRO E 184 23.76 1.96 -13.23
N GLU E 185 22.52 2.39 -13.46
CA GLU E 185 22.27 3.80 -13.71
C GLU E 185 22.64 4.71 -12.53
N GLN E 186 22.58 4.25 -11.29
CA GLN E 186 23.05 5.08 -10.18
C GLN E 186 24.56 5.24 -10.22
N TRP E 187 25.26 4.14 -10.48
CA TRP E 187 26.70 4.16 -10.69
C TRP E 187 27.09 5.20 -11.71
N LYS E 188 26.52 5.13 -12.93
CA LYS E 188 26.87 6.06 -14.02
C LYS E 188 26.40 7.50 -13.76
N SER E 189 25.46 7.70 -12.86
CA SER E 189 24.78 8.99 -12.75
C SER E 189 25.45 9.91 -11.75
N HIS E 190 26.41 9.37 -11.03
CA HIS E 190 27.25 10.19 -10.19
C HIS E 190 28.60 10.34 -10.84
N ARG E 191 29.33 11.32 -10.37
CA ARG E 191 30.62 11.58 -10.90
C ARG E 191 31.72 10.74 -10.26
N SER E 192 31.47 10.28 -9.05
CA SER E 192 32.38 9.41 -8.37
C SER E 192 31.77 8.93 -7.06
N TYR E 193 32.33 7.86 -6.52
CA TYR E 193 31.92 7.33 -5.25
C TYR E 193 33.17 7.20 -4.42
N SER E 194 33.01 7.24 -3.09
CA SER E 194 34.16 7.19 -2.19
C SER E 194 33.95 6.27 -1.00
N CYS E 195 35.00 5.55 -0.62
CA CYS E 195 34.98 4.73 0.58
C CYS E 195 35.81 5.43 1.65
N GLN E 196 35.17 5.80 2.76
CA GLN E 196 35.84 6.58 3.82
C GLN E 196 35.95 5.81 5.10
N VAL E 197 37.17 5.37 5.41
CA VAL E 197 37.42 4.58 6.59
C VAL E 197 37.99 5.44 7.71
N THR E 198 37.31 5.50 8.85
CA THR E 198 37.80 6.30 9.95
C THR E 198 38.32 5.33 10.97
N HIS E 199 39.53 5.60 11.46
CA HIS E 199 40.15 4.74 12.43
C HIS E 199 40.89 5.58 13.47
N GLU E 200 40.70 5.26 14.74
CA GLU E 200 41.26 6.07 15.81
C GLU E 200 41.16 7.56 15.52
N GLY E 201 39.96 8.04 15.19
CA GLY E 201 39.71 9.47 15.03
C GLY E 201 40.42 10.08 13.84
N SER E 202 40.79 9.19 12.91
CA SER E 202 41.57 9.54 11.75
C SER E 202 41.00 8.86 10.49
N THR E 203 40.88 9.61 9.40
CA THR E 203 40.18 9.08 8.25
C THR E 203 41.05 8.85 7.02
N VAL E 204 40.94 7.68 6.42
CA VAL E 204 41.57 7.46 5.12
C VAL E 204 40.57 7.11 4.04
N GLU E 205 40.69 7.77 2.90
CA GLU E 205 39.65 7.80 1.87
C GLU E 205 40.18 7.35 0.52
N LYS E 206 39.40 6.52 -0.15
CA LYS E 206 39.70 6.12 -1.51
C LYS E 206 38.45 6.36 -2.37
N THR E 207 38.66 6.65 -3.64
CA THR E 207 37.55 7.02 -4.49
C THR E 207 37.66 6.52 -5.94
N VAL E 208 36.52 6.17 -6.51
CA VAL E 208 36.48 5.59 -7.87
C VAL E 208 35.44 6.27 -8.73
N ALA E 209 35.66 6.23 -10.05
CA ALA E 209 34.73 6.85 -10.98
C ALA E 209 34.31 5.87 -12.09
N PRO E 210 33.15 6.12 -12.70
CA PRO E 210 32.63 5.39 -13.88
C PRO E 210 33.49 5.54 -15.13
N THR E 211 33.51 4.53 -16.01
CA THR E 211 34.28 4.58 -17.28
C THR E 211 35.09 5.88 -17.42
N PRO F 34 20.58 22.05 43.45
CA PRO F 34 20.42 21.09 44.55
C PRO F 34 20.28 21.79 45.91
N PHE F 35 19.39 21.30 46.77
CA PHE F 35 18.94 22.07 47.92
C PHE F 35 18.33 21.19 48.98
N LEU F 36 18.55 19.88 48.89
CA LEU F 36 18.04 18.97 49.89
C LEU F 36 19.18 18.16 50.51
N LYS F 37 19.16 17.99 51.81
CA LYS F 37 20.16 17.15 52.49
C LYS F 37 19.56 15.84 52.96
N CYS F 38 20.24 14.74 52.65
CA CYS F 38 19.78 13.43 53.10
C CYS F 38 20.86 12.65 53.87
N TYR F 39 20.43 11.84 54.83
CA TYR F 39 21.29 10.86 55.46
C TYR F 39 21.62 9.83 54.38
N CYS F 40 22.79 9.22 54.43
CA CYS F 40 23.03 8.05 53.58
C CYS F 40 23.91 6.98 54.23
N SER F 41 23.72 5.75 53.78
CA SER F 41 24.50 4.62 54.21
C SER F 41 24.38 3.51 53.17
N GLY F 42 25.32 2.58 53.18
CA GLY F 42 25.33 1.50 52.20
C GLY F 42 26.08 1.91 50.94
N HIS F 43 25.56 2.93 50.27
CA HIS F 43 26.20 3.48 49.09
C HIS F 43 26.13 5.02 49.00
N CYS F 44 26.99 5.69 49.77
CA CYS F 44 27.10 7.15 49.73
C CYS F 44 28.05 7.61 48.63
N PRO F 45 27.63 8.61 47.84
CA PRO F 45 28.50 9.26 46.89
C PRO F 45 29.72 9.79 47.60
N ASP F 46 30.87 9.65 46.96
CA ASP F 46 32.12 10.03 47.61
C ASP F 46 32.32 11.54 47.64
N ASP F 47 31.24 12.30 47.45
CA ASP F 47 31.24 13.69 47.86
C ASP F 47 30.43 13.84 49.14
N ALA F 48 30.69 12.92 50.05
CA ALA F 48 30.03 12.91 51.33
C ALA F 48 30.91 13.55 52.40
N ILE F 49 30.35 14.56 53.07
CA ILE F 49 30.67 14.77 54.46
C ILE F 49 29.76 13.69 55.04
N ASN F 50 30.34 12.80 55.84
CA ASN F 50 29.82 11.44 55.98
C ASN F 50 28.37 11.28 56.38
N ASN F 51 27.68 10.44 55.63
CA ASN F 51 26.26 10.20 55.82
C ASN F 51 25.41 11.42 55.47
N THR F 52 25.88 12.16 54.46
CA THR F 52 25.12 13.25 53.90
C THR F 52 25.45 13.41 52.43
N CYS F 53 24.39 13.41 51.62
CA CYS F 53 24.48 13.82 50.23
C CYS F 53 23.54 14.99 50.02
N ILE F 54 23.89 15.90 49.11
CA ILE F 54 22.94 16.91 48.68
C ILE F 54 22.28 16.44 47.39
N THR F 55 20.99 16.71 47.27
CA THR F 55 20.29 16.41 46.02
C THR F 55 19.19 17.40 45.78
N ASN F 56 18.68 17.38 44.54
CA ASN F 56 17.56 18.22 44.14
C ASN F 56 16.28 17.39 44.07
N GLY F 57 16.42 16.11 44.41
CA GLY F 57 15.35 15.15 44.24
C GLY F 57 14.64 14.80 45.52
N HIS F 58 14.79 13.54 45.94
CA HIS F 58 14.22 13.08 47.20
C HIS F 58 15.26 12.32 48.06
N CYS F 59 14.95 12.19 49.35
CA CYS F 59 15.69 11.28 50.23
C CYS F 59 14.97 9.95 50.20
N PHE F 60 15.71 8.86 50.40
CA PHE F 60 15.11 7.54 50.46
C PHE F 60 15.79 6.66 51.51
N ALA F 61 15.05 5.68 51.99
CA ALA F 61 15.63 4.55 52.71
C ALA F 61 15.03 3.32 52.05
N ILE F 62 15.76 2.23 52.09
CA ILE F 62 15.34 1.02 51.42
C ILE F 62 15.72 -0.21 52.25
N ILE F 63 14.90 -1.26 52.16
CA ILE F 63 15.27 -2.57 52.69
C ILE F 63 15.06 -3.59 51.59
N GLU F 64 16.00 -4.50 51.41
CA GLU F 64 15.78 -5.61 50.50
C GLU F 64 16.41 -6.89 51.02
N GLU F 65 15.84 -8.03 50.66
CA GLU F 65 16.40 -9.31 51.09
C GLU F 65 16.83 -10.10 49.89
N ASP F 66 18.02 -10.66 49.94
CA ASP F 66 18.56 -11.38 48.79
C ASP F 66 18.10 -12.82 48.73
N ASP F 67 18.71 -13.59 47.86
CA ASP F 67 18.19 -14.92 47.56
C ASP F 67 18.34 -15.96 48.67
N GLN F 68 19.17 -15.64 49.67
CA GLN F 68 19.07 -16.27 50.98
C GLN F 68 18.40 -15.24 51.89
N GLY F 69 17.98 -15.64 53.07
CA GLY F 69 17.13 -14.75 53.87
C GLY F 69 17.78 -13.44 54.28
N GLU F 70 18.91 -13.10 53.69
CA GLU F 70 19.68 -11.97 54.19
C GLU F 70 19.05 -10.65 53.79
N THR F 71 18.91 -9.75 54.77
CA THR F 71 18.32 -8.43 54.52
C THR F 71 19.36 -7.31 54.71
N THR F 72 19.42 -6.38 53.75
CA THR F 72 20.35 -5.28 53.85
C THR F 72 19.64 -3.92 53.75
N LEU F 73 20.07 -2.97 54.58
CA LEU F 73 19.53 -1.60 54.55
C LEU F 73 20.42 -0.68 53.77
N ALA F 74 19.81 0.36 53.21
CA ALA F 74 20.54 1.45 52.59
C ALA F 74 19.70 2.71 52.63
N SER F 75 20.38 3.86 52.67
CA SER F 75 19.71 5.15 52.46
C SER F 75 20.61 6.11 51.70
N GLY F 76 20.00 7.14 51.12
CA GLY F 76 20.76 8.10 50.32
C GLY F 76 19.90 9.04 49.50
N CYS F 77 20.48 9.58 48.43
CA CYS F 77 19.78 10.55 47.63
C CYS F 77 19.23 9.89 46.38
N MET F 78 17.98 10.25 46.04
CA MET F 78 17.34 9.82 44.81
C MET F 78 17.31 11.04 43.91
N LYS F 79 18.07 11.03 42.83
CA LYS F 79 18.21 12.24 42.03
C LYS F 79 16.93 12.67 41.38
N TYR F 80 16.78 13.98 41.17
CA TYR F 80 15.61 14.52 40.47
C TYR F 80 15.49 13.95 39.06
N GLU F 81 14.33 13.39 38.73
CA GLU F 81 14.18 12.66 37.48
C GLU F 81 13.38 13.39 36.40
N GLY F 82 13.20 14.69 36.58
CA GLY F 82 12.45 15.50 35.62
C GLY F 82 10.96 15.25 35.76
N SER F 83 10.29 15.02 34.64
CA SER F 83 8.88 14.69 34.67
C SER F 83 8.60 13.36 35.36
N ASP F 84 9.47 12.39 35.18
CA ASP F 84 9.26 11.09 35.79
C ASP F 84 9.49 11.14 37.31
N PHE F 85 8.71 10.33 38.04
CA PHE F 85 8.98 10.08 39.45
C PHE F 85 8.32 8.79 39.89
N GLN F 86 9.02 8.05 40.72
CA GLN F 86 8.53 6.76 41.08
C GLN F 86 9.13 6.42 42.44
N CYS F 87 8.30 6.14 43.44
CA CYS F 87 8.84 5.68 44.72
C CYS F 87 8.15 4.39 45.14
N LYS F 88 6.87 4.47 45.47
CA LYS F 88 6.09 3.29 45.84
C LYS F 88 5.61 2.48 44.63
N ASP F 89 5.31 3.14 43.52
CA ASP F 89 4.72 2.47 42.36
C ASP F 89 5.71 1.97 41.34
N SER F 90 6.34 0.85 41.65
CA SER F 90 7.32 0.22 40.76
C SER F 90 6.96 -1.23 40.56
N PRO F 91 5.87 -1.50 39.85
CA PRO F 91 5.35 -2.84 39.66
C PRO F 91 6.39 -3.83 39.14
N LYS F 92 7.45 -3.33 38.50
CA LYS F 92 8.44 -4.23 37.91
C LYS F 92 9.53 -4.63 38.89
N ALA F 93 9.63 -3.90 39.99
CA ALA F 93 10.59 -4.19 41.06
C ALA F 93 10.28 -5.50 41.80
N GLN F 94 11.33 -6.19 42.22
CA GLN F 94 11.27 -7.42 43.00
C GLN F 94 10.36 -7.25 44.21
N LEU F 95 9.76 -8.35 44.67
CA LEU F 95 8.82 -8.25 45.77
C LEU F 95 9.53 -7.95 47.07
N ARG F 96 10.68 -8.59 47.29
CA ARG F 96 11.37 -8.52 48.57
C ARG F 96 12.23 -7.27 48.67
N ARG F 97 11.59 -6.14 48.49
CA ARG F 97 12.20 -4.82 48.53
C ARG F 97 11.10 -3.86 48.93
N THR F 98 11.42 -2.91 49.80
CA THR F 98 10.47 -1.86 50.17
C THR F 98 11.25 -0.57 50.35
N ILE F 99 10.89 0.46 49.61
CA ILE F 99 11.59 1.73 49.66
C ILE F 99 10.60 2.81 50.06
N GLU F 100 11.06 3.83 50.75
CA GLU F 100 10.20 4.95 51.10
C GLU F 100 10.92 6.25 50.80
N CYS F 101 10.18 7.26 50.39
CA CYS F 101 10.78 8.54 50.07
C CYS F 101 10.14 9.66 50.84
N CYS F 102 10.82 10.82 50.87
CA CYS F 102 10.34 12.01 51.55
C CYS F 102 11.22 13.18 51.13
N ARG F 103 10.77 14.42 51.32
CA ARG F 103 11.50 15.53 50.74
C ARG F 103 11.81 16.67 51.69
N THR F 104 12.08 16.36 52.95
CA THR F 104 12.40 17.36 53.96
C THR F 104 13.85 17.17 54.36
N ASN F 105 14.55 18.24 54.70
CA ASN F 105 15.93 18.10 55.20
C ASN F 105 16.12 16.97 56.21
N LEU F 106 16.93 15.99 55.81
CA LEU F 106 17.29 14.83 56.63
C LEU F 106 16.14 13.89 56.94
N CYS F 107 15.05 14.00 56.20
CA CYS F 107 13.81 13.30 56.59
C CYS F 107 13.97 11.81 56.74
N ASN F 108 15.00 11.22 56.13
CA ASN F 108 15.06 9.77 56.05
C ASN F 108 15.66 9.05 57.25
N GLN F 109 16.27 9.79 58.17
CA GLN F 109 16.69 9.21 59.43
C GLN F 109 15.50 8.57 60.15
N TYR F 110 14.41 9.32 60.25
CA TYR F 110 13.15 8.82 60.79
C TYR F 110 12.47 7.85 59.82
N LEU F 111 13.22 6.95 59.19
CA LEU F 111 12.58 6.13 58.17
C LEU F 111 13.00 4.69 58.20
N GLN F 112 12.02 3.80 58.07
CA GLN F 112 12.11 2.49 58.69
C GLN F 112 11.38 1.43 57.86
N PRO F 113 11.65 1.39 56.55
CA PRO F 113 10.84 0.54 55.64
C PRO F 113 10.80 -0.93 56.01
N THR F 114 9.62 -1.55 55.94
CA THR F 114 9.51 -2.99 56.27
C THR F 114 9.18 -3.84 55.06
N LEU F 115 9.83 -5.00 54.96
CA LEU F 115 9.48 -6.00 53.96
C LEU F 115 8.07 -6.52 54.21
N PRO F 116 7.31 -6.77 53.14
CA PRO F 116 5.97 -7.33 53.34
C PRO F 116 6.06 -8.62 54.15
N PRO F 117 4.93 -9.14 54.63
CA PRO F 117 4.99 -10.33 55.50
C PRO F 117 4.96 -11.67 54.78
N VAL F 118 4.05 -11.81 53.82
CA VAL F 118 4.07 -12.90 52.83
C VAL F 118 3.51 -12.38 51.47
N GLN G 1 -22.78 10.45 -41.90
CA GLN G 1 -21.50 9.73 -41.65
C GLN G 1 -20.57 10.64 -40.85
N VAL G 2 -20.98 11.89 -40.76
CA VAL G 2 -20.34 12.82 -39.87
C VAL G 2 -20.43 12.29 -38.44
N GLN G 3 -19.33 12.38 -37.71
CA GLN G 3 -19.26 11.95 -36.32
C GLN G 3 -18.46 12.97 -35.55
N LEU G 4 -19.00 13.37 -34.40
CA LEU G 4 -18.31 14.24 -33.49
C LEU G 4 -18.43 13.61 -32.09
N VAL G 5 -17.30 13.35 -31.44
CA VAL G 5 -17.37 12.89 -30.05
C VAL G 5 -16.50 13.71 -29.12
N GLU G 6 -17.16 14.39 -28.18
CA GLU G 6 -16.50 15.22 -27.19
C GLU G 6 -15.93 14.35 -26.09
N SER G 7 -14.91 14.86 -25.40
CA SER G 7 -14.40 14.23 -24.21
C SER G 7 -13.68 15.27 -23.36
N GLY G 8 -13.30 14.88 -22.16
CA GLY G 8 -12.52 15.77 -21.29
C GLY G 8 -13.37 16.35 -20.19
N GLY G 9 -14.66 16.05 -20.19
CA GLY G 9 -15.53 16.55 -19.14
C GLY G 9 -15.14 16.00 -17.80
N GLY G 10 -15.66 16.58 -16.72
CA GLY G 10 -15.34 16.08 -15.41
C GLY G 10 -15.56 17.14 -14.37
N LEU G 11 -15.26 16.81 -13.11
CA LEU G 11 -15.49 17.70 -12.00
C LEU G 11 -14.26 18.58 -11.74
N VAL G 12 -14.50 19.85 -11.42
CA VAL G 12 -13.44 20.83 -11.19
C VAL G 12 -13.87 21.83 -10.14
N GLN G 13 -12.92 22.32 -9.37
CA GLN G 13 -13.19 23.37 -8.42
C GLN G 13 -13.17 24.73 -9.10
N PRO G 14 -13.97 25.66 -8.60
CA PRO G 14 -13.95 27.01 -9.16
C PRO G 14 -12.54 27.60 -9.19
N GLY G 15 -12.15 28.12 -10.35
CA GLY G 15 -10.82 28.67 -10.48
C GLY G 15 -9.89 27.67 -11.12
N GLY G 16 -10.37 26.44 -11.29
CA GLY G 16 -9.57 25.42 -11.92
C GLY G 16 -9.64 25.50 -13.41
N SER G 17 -8.98 24.60 -14.10
CA SER G 17 -9.12 24.57 -15.54
C SER G 17 -9.23 23.16 -16.07
N LEU G 18 -9.82 23.06 -17.25
CA LEU G 18 -10.15 21.81 -17.92
C LEU G 18 -9.96 21.94 -19.43
N ARG G 19 -9.52 20.87 -20.10
CA ARG G 19 -9.48 20.96 -21.54
C ARG G 19 -10.36 19.99 -22.29
N LEU G 20 -11.35 20.50 -23.04
CA LEU G 20 -12.23 19.63 -23.83
C LEU G 20 -11.73 19.40 -25.26
N SER G 21 -12.00 18.21 -25.78
CA SER G 21 -11.57 17.83 -27.11
C SER G 21 -12.78 17.31 -27.81
N CYS G 22 -12.81 17.40 -29.14
CA CYS G 22 -13.81 16.64 -29.84
C CYS G 22 -13.24 16.17 -31.17
N ALA G 23 -13.23 14.85 -31.33
CA ALA G 23 -12.70 14.21 -32.51
C ALA G 23 -13.76 14.17 -33.59
N ALA G 24 -13.39 14.58 -34.80
CA ALA G 24 -14.30 14.58 -35.92
C ALA G 24 -13.91 13.50 -36.93
N SER G 25 -14.90 12.83 -37.54
CA SER G 25 -14.62 11.93 -38.66
C SER G 25 -15.74 11.98 -39.69
N GLY G 26 -15.48 11.41 -40.85
CA GLY G 26 -16.55 11.29 -41.80
C GLY G 26 -16.80 12.54 -42.61
N PHE G 27 -15.96 13.53 -42.45
CA PHE G 27 -16.03 14.69 -43.34
C PHE G 27 -14.66 15.31 -43.37
N THR G 28 -14.39 16.14 -44.36
CA THR G 28 -13.06 16.71 -44.42
C THR G 28 -12.96 17.94 -43.49
N PHE G 29 -12.27 17.72 -42.38
CA PHE G 29 -12.29 18.59 -41.20
C PHE G 29 -11.98 20.08 -41.43
N SER G 30 -10.99 20.35 -42.27
CA SER G 30 -10.51 21.71 -42.44
C SER G 30 -11.27 22.48 -43.48
N ASN G 31 -12.44 21.95 -43.84
CA ASN G 31 -13.35 22.58 -44.78
C ASN G 31 -14.52 23.30 -44.10
N TYR G 32 -14.71 23.03 -42.80
CA TYR G 32 -15.85 23.56 -42.02
C TYR G 32 -15.43 24.34 -40.75
N THR G 33 -16.17 25.39 -40.37
CA THR G 33 -15.98 25.97 -39.04
C THR G 33 -16.62 25.07 -37.99
N LEU G 34 -16.03 25.02 -36.79
CA LEU G 34 -16.63 24.25 -35.74
C LEU G 34 -17.00 25.18 -34.60
N ASN G 35 -17.96 24.76 -33.78
CA ASN G 35 -18.35 25.55 -32.64
C ASN G 35 -18.44 24.70 -31.42
N TRP G 36 -18.32 25.36 -30.27
CA TRP G 36 -18.78 24.79 -29.02
C TRP G 36 -20.11 25.45 -28.70
N VAL G 37 -21.08 24.66 -28.30
CA VAL G 37 -22.30 25.18 -27.72
C VAL G 37 -22.47 24.44 -26.41
N ARG G 38 -23.04 25.11 -25.40
CA ARG G 38 -23.19 24.48 -24.10
C ARG G 38 -24.60 24.60 -23.57
N GLN G 39 -24.91 23.78 -22.55
CA GLN G 39 -26.24 23.77 -21.96
C GLN G 39 -26.24 23.34 -20.49
N ALA G 40 -26.57 24.26 -19.59
CA ALA G 40 -26.68 23.97 -18.17
C ALA G 40 -27.88 23.09 -17.84
N PRO G 41 -27.73 22.16 -16.89
CA PRO G 41 -28.83 21.28 -16.51
C PRO G 41 -30.20 22.00 -16.55
N GLY G 42 -31.13 21.47 -17.35
CA GLY G 42 -32.50 21.98 -17.34
C GLY G 42 -32.70 23.35 -17.97
N LYS G 43 -31.64 23.92 -18.49
CA LYS G 43 -31.71 25.25 -19.09
C LYS G 43 -31.54 25.14 -20.60
N GLY G 44 -31.43 26.28 -21.28
CA GLY G 44 -31.34 26.33 -22.74
C GLY G 44 -29.96 26.23 -23.38
N LEU G 45 -29.93 26.37 -24.69
CA LEU G 45 -28.67 26.29 -25.40
C LEU G 45 -27.99 27.67 -25.39
N GLU G 46 -26.68 27.69 -25.15
CA GLU G 46 -25.92 28.94 -25.20
C GLU G 46 -24.69 28.78 -26.07
N TRP G 47 -24.64 29.52 -27.16
CA TRP G 47 -23.44 29.51 -28.00
C TRP G 47 -22.23 29.96 -27.20
N VAL G 48 -21.06 29.37 -27.49
CA VAL G 48 -19.87 29.65 -26.70
C VAL G 48 -18.74 30.21 -27.53
N SER G 49 -18.43 29.55 -28.64
CA SER G 49 -17.28 29.95 -29.44
C SER G 49 -17.21 29.29 -30.82
N TYR G 50 -16.52 29.90 -31.78
CA TYR G 50 -16.29 29.30 -33.11
C TYR G 50 -14.83 29.46 -33.57
N THR G 51 -14.39 28.57 -34.47
CA THR G 51 -13.12 28.73 -35.21
C THR G 51 -13.43 28.48 -36.65
N SER G 52 -13.08 29.41 -37.51
CA SER G 52 -13.21 29.16 -38.95
C SER G 52 -12.48 27.89 -39.42
N SER G 53 -12.83 27.41 -40.60
CA SER G 53 -12.16 26.26 -41.19
C SER G 53 -10.63 26.25 -41.09
N SER G 54 -10.00 27.38 -41.39
CA SER G 54 -8.53 27.45 -41.23
C SER G 54 -8.14 27.77 -39.80
N GLY G 55 -9.09 28.13 -38.96
CA GLY G 55 -8.71 28.45 -37.59
C GLY G 55 -8.06 29.82 -37.38
N SER G 56 -8.00 30.63 -38.42
CA SER G 56 -7.44 31.99 -38.28
C SER G 56 -8.46 32.98 -37.69
N LEU G 57 -9.75 32.65 -37.83
CA LEU G 57 -10.82 33.47 -37.29
C LEU G 57 -11.38 32.73 -36.13
N THR G 58 -11.78 33.48 -35.11
CA THR G 58 -12.11 32.90 -33.81
C THR G 58 -13.05 33.86 -33.07
N GLY G 59 -14.02 33.35 -32.32
CA GLY G 59 -14.98 34.21 -31.65
C GLY G 59 -15.55 33.59 -30.39
N TYR G 60 -16.01 34.44 -29.48
CA TYR G 60 -16.44 34.05 -28.14
C TYR G 60 -17.68 34.78 -27.65
N ALA G 61 -18.43 34.14 -26.75
CA ALA G 61 -19.57 34.79 -26.12
C ALA G 61 -19.04 35.72 -25.06
N ASP G 62 -19.74 36.79 -24.75
CA ASP G 62 -19.20 37.71 -23.74
C ASP G 62 -18.96 36.99 -22.42
N SER G 63 -19.74 35.95 -22.12
CA SER G 63 -19.62 35.26 -20.84
C SER G 63 -18.35 34.39 -20.70
N VAL G 64 -17.59 34.21 -21.78
CA VAL G 64 -16.39 33.37 -21.71
C VAL G 64 -15.14 34.04 -22.31
N LYS G 65 -15.32 35.10 -23.10
CA LYS G 65 -14.22 35.80 -23.73
C LYS G 65 -13.09 35.96 -22.74
N GLY G 66 -11.89 35.51 -23.13
CA GLY G 66 -10.71 35.70 -22.30
C GLY G 66 -10.44 34.66 -21.23
N ARG G 67 -11.39 33.78 -20.96
CA ARG G 67 -11.13 32.71 -20.02
C ARG G 67 -11.01 31.40 -20.78
N PHE G 68 -11.68 31.35 -21.92
CA PHE G 68 -11.77 30.15 -22.74
C PHE G 68 -11.02 30.41 -24.03
N THR G 69 -10.39 29.38 -24.55
CA THR G 69 -9.66 29.52 -25.79
C THR G 69 -10.03 28.35 -26.70
N ILE G 70 -10.57 28.67 -27.85
CA ILE G 70 -10.86 27.66 -28.82
C ILE G 70 -9.62 27.53 -29.69
N SER G 71 -9.46 26.37 -30.28
CA SER G 71 -8.40 26.12 -31.23
C SER G 71 -8.62 24.73 -31.83
N ARG G 72 -7.92 24.44 -32.91
CA ARG G 72 -8.19 23.23 -33.61
C ARG G 72 -6.89 22.70 -34.15
N ASP G 73 -6.82 21.40 -34.36
CA ASP G 73 -5.62 20.84 -34.95
C ASP G 73 -5.94 20.08 -36.24
N ASN G 74 -5.76 20.73 -37.40
CA ASN G 74 -6.20 20.15 -38.67
C ASN G 74 -5.37 18.92 -39.12
N SER G 75 -4.29 18.63 -38.39
CA SER G 75 -3.47 17.42 -38.56
C SER G 75 -4.14 16.18 -38.00
N LYS G 76 -4.33 16.22 -36.68
CA LYS G 76 -5.26 15.32 -36.03
C LYS G 76 -6.58 15.87 -36.54
N ASN G 77 -7.70 15.35 -36.08
CA ASN G 77 -8.95 15.93 -36.57
C ASN G 77 -9.73 16.37 -35.37
N THR G 78 -9.11 17.23 -34.57
CA THR G 78 -9.62 17.54 -33.26
C THR G 78 -9.84 19.02 -33.03
N LEU G 79 -10.96 19.34 -32.40
CA LEU G 79 -11.26 20.68 -31.99
C LEU G 79 -11.05 20.72 -30.48
N TYR G 80 -10.60 21.85 -29.96
CA TYR G 80 -10.36 21.96 -28.52
C TYR G 80 -11.06 23.14 -27.94
N LEU G 81 -11.30 23.07 -26.63
CA LEU G 81 -11.71 24.24 -25.86
C LEU G 81 -10.93 24.26 -24.56
N GLN G 82 -9.92 25.12 -24.46
CA GLN G 82 -9.21 25.33 -23.23
C GLN G 82 -10.09 26.24 -22.37
N MET G 83 -10.48 25.78 -21.18
CA MET G 83 -11.29 26.57 -20.24
C MET G 83 -10.54 26.93 -18.96
N ASN G 84 -10.25 28.20 -18.75
CA ASN G 84 -9.59 28.60 -17.50
C ASN G 84 -10.49 29.44 -16.63
N SER G 85 -10.03 29.71 -15.41
CA SER G 85 -10.80 30.52 -14.47
C SER G 85 -12.27 30.11 -14.45
N LEU G 86 -12.52 28.81 -14.34
CA LEU G 86 -13.88 28.29 -14.30
C LEU G 86 -14.72 28.81 -13.15
N ARG G 87 -16.01 28.96 -13.43
CA ARG G 87 -17.00 29.43 -12.46
C ARG G 87 -18.10 28.39 -12.36
N ALA G 88 -18.84 28.40 -11.26
CA ALA G 88 -20.06 27.60 -11.14
C ALA G 88 -20.95 27.79 -12.36
N GLU G 89 -21.05 29.03 -12.85
CA GLU G 89 -21.93 29.31 -13.98
C GLU G 89 -21.52 28.52 -15.22
N ASP G 90 -20.27 28.06 -15.26
CA ASP G 90 -19.74 27.37 -16.44
C ASP G 90 -20.18 25.90 -16.48
N THR G 91 -20.81 25.44 -15.42
CA THR G 91 -21.14 24.05 -15.42
C THR G 91 -22.27 23.82 -16.40
N ALA G 92 -22.06 22.88 -17.32
CA ALA G 92 -23.02 22.56 -18.38
C ALA G 92 -22.55 21.36 -19.16
N VAL G 93 -23.39 20.93 -20.10
CA VAL G 93 -23.00 19.89 -21.04
C VAL G 93 -22.44 20.64 -22.22
N TYR G 94 -21.25 20.25 -22.69
CA TYR G 94 -20.60 20.99 -23.78
C TYR G 94 -20.69 20.22 -25.09
N TYR G 95 -21.18 20.86 -26.14
CA TYR G 95 -21.35 20.20 -27.44
C TYR G 95 -20.41 20.77 -28.46
N CYS G 96 -19.79 19.94 -29.30
CA CYS G 96 -19.15 20.55 -30.46
C CYS G 96 -20.09 20.42 -31.63
N ALA G 97 -20.19 21.46 -32.45
CA ALA G 97 -21.14 21.46 -33.56
C ALA G 97 -20.50 21.97 -34.82
N ARG G 98 -20.82 21.33 -35.93
CA ARG G 98 -20.28 21.75 -37.20
C ARG G 98 -21.19 22.78 -37.85
N GLU G 99 -20.59 23.89 -38.28
CA GLU G 99 -21.31 24.94 -38.98
C GLU G 99 -21.35 24.68 -40.47
N ARG G 100 -22.51 24.83 -41.07
CA ARG G 100 -22.60 24.71 -42.52
C ARG G 100 -23.50 25.84 -43.01
N TRP G 101 -23.29 26.28 -44.24
CA TRP G 101 -24.06 27.38 -44.81
C TRP G 101 -24.74 27.01 -46.12
N HIS G 102 -25.97 27.50 -46.29
CA HIS G 102 -26.61 27.49 -47.59
C HIS G 102 -26.57 28.96 -48.00
N VAL G 103 -27.65 29.71 -47.76
CA VAL G 103 -27.57 31.16 -47.82
C VAL G 103 -26.92 31.67 -46.53
N ARG G 104 -27.29 31.10 -45.38
CA ARG G 104 -26.67 31.48 -44.10
C ARG G 104 -26.41 30.25 -43.25
N GLY G 105 -25.66 30.40 -42.17
CA GLY G 105 -25.18 29.26 -41.41
C GLY G 105 -26.22 28.52 -40.60
N TYR G 106 -25.91 27.25 -40.31
CA TYR G 106 -26.65 26.42 -39.38
C TYR G 106 -25.75 25.30 -38.82
N PHE G 107 -26.10 24.77 -37.65
CA PHE G 107 -25.33 23.67 -37.10
C PHE G 107 -25.96 22.35 -37.48
N ASP G 108 -25.36 21.68 -38.46
CA ASP G 108 -25.96 20.49 -39.05
C ASP G 108 -25.61 19.18 -38.35
N HIS G 109 -24.57 19.20 -37.53
CA HIS G 109 -24.22 18.04 -36.76
C HIS G 109 -23.69 18.40 -35.37
N TRP G 110 -24.12 17.64 -34.37
CA TRP G 110 -23.73 17.88 -33.00
C TRP G 110 -23.24 16.58 -32.41
N GLY G 111 -22.18 16.64 -31.62
CA GLY G 111 -21.79 15.49 -30.79
C GLY G 111 -22.83 15.27 -29.70
N GLN G 112 -22.65 14.26 -28.88
CA GLN G 112 -23.62 13.98 -27.83
C GLN G 112 -23.18 14.65 -26.52
N GLY G 113 -22.02 15.35 -26.55
CA GLY G 113 -21.54 16.20 -25.46
C GLY G 113 -20.78 15.57 -24.28
N THR G 114 -20.06 16.41 -23.51
CA THR G 114 -19.50 16.00 -22.24
C THR G 114 -19.95 16.98 -21.18
N LEU G 115 -20.15 16.44 -19.99
CA LEU G 115 -20.54 17.16 -18.78
C LEU G 115 -19.32 17.80 -18.12
N VAL G 116 -19.38 19.12 -17.93
CA VAL G 116 -18.39 19.82 -17.15
C VAL G 116 -19.10 20.33 -15.91
N THR G 117 -18.67 19.88 -14.73
CA THR G 117 -19.28 20.41 -13.51
C THR G 117 -18.29 21.08 -12.56
N VAL G 118 -18.57 22.34 -12.26
CA VAL G 118 -17.68 23.16 -11.48
C VAL G 118 -18.33 23.45 -10.14
N SER G 119 -17.78 22.89 -9.08
CA SER G 119 -18.37 23.10 -7.77
C SER G 119 -17.28 23.01 -6.73
N SER G 120 -17.37 23.87 -5.73
CA SER G 120 -16.46 23.78 -4.59
C SER G 120 -17.14 23.11 -3.40
N ALA G 121 -18.33 22.59 -3.62
CA ALA G 121 -19.04 21.89 -2.58
C ALA G 121 -18.30 20.62 -2.17
N SER G 122 -18.25 20.41 -0.85
CA SER G 122 -17.74 19.16 -0.29
C SER G 122 -18.74 18.63 0.74
N THR G 123 -18.52 17.41 1.22
CA THR G 123 -19.52 16.77 2.05
C THR G 123 -20.00 17.67 3.17
N LYS G 124 -21.31 17.88 3.23
CA LYS G 124 -21.92 18.62 4.31
C LYS G 124 -23.27 18.03 4.66
N GLY G 125 -23.53 17.86 5.95
CA GLY G 125 -24.79 17.29 6.40
C GLY G 125 -25.86 18.37 6.45
N PRO G 126 -27.15 17.99 6.31
CA PRO G 126 -28.24 18.97 6.21
C PRO G 126 -28.66 19.56 7.55
N SER G 127 -29.18 20.78 7.53
CA SER G 127 -29.98 21.31 8.63
C SER G 127 -31.41 20.92 8.34
N VAL G 128 -32.15 20.52 9.37
CA VAL G 128 -33.52 20.10 9.19
C VAL G 128 -34.46 21.00 9.95
N PHE G 129 -35.42 21.60 9.27
CA PHE G 129 -36.35 22.53 9.91
C PHE G 129 -37.77 22.00 9.71
N PRO G 130 -38.67 22.25 10.67
CA PRO G 130 -40.06 21.85 10.56
C PRO G 130 -40.88 22.81 9.69
N LEU G 131 -41.69 22.24 8.81
CA LEU G 131 -42.70 23.04 8.10
C LEU G 131 -44.05 22.85 8.79
N ALA G 132 -44.36 23.79 9.68
CA ALA G 132 -45.54 23.72 10.52
C ALA G 132 -46.82 23.69 9.70
N PRO G 133 -47.78 22.87 10.13
CA PRO G 133 -49.13 22.96 9.57
C PRO G 133 -49.80 24.23 10.08
N SER G 134 -50.06 25.13 9.14
CA SER G 134 -50.75 26.36 9.44
C SER G 134 -52.23 26.13 9.14
N SER G 135 -53.10 26.61 10.01
CA SER G 135 -54.51 26.57 9.67
C SER G 135 -54.65 27.21 8.27
N LYS G 136 -53.53 27.73 7.75
CA LYS G 136 -53.45 28.04 6.31
C LYS G 136 -52.63 27.06 5.40
N SER G 137 -52.37 25.84 5.91
CA SER G 137 -51.96 24.68 5.10
C SER G 137 -53.04 23.61 5.24
N THR G 138 -54.24 24.09 5.58
CA THR G 138 -55.43 23.28 5.78
C THR G 138 -56.47 23.64 4.68
N SER G 139 -57.24 22.63 4.23
CA SER G 139 -58.09 22.75 3.04
C SER G 139 -59.53 22.24 3.22
N GLY G 140 -59.67 20.99 3.67
CA GLY G 140 -60.98 20.38 3.78
C GLY G 140 -61.06 19.37 4.91
N GLY G 141 -60.65 19.80 6.09
CA GLY G 141 -60.56 18.89 7.22
C GLY G 141 -59.26 18.15 7.07
N THR G 142 -58.41 18.63 6.17
CA THR G 142 -57.08 18.03 5.96
C THR G 142 -55.95 19.06 5.86
N ALA G 143 -54.82 18.78 6.51
CA ALA G 143 -53.75 19.76 6.63
C ALA G 143 -52.39 19.25 6.13
N ALA G 144 -51.52 20.16 5.70
CA ALA G 144 -50.21 19.75 5.22
C ALA G 144 -49.08 20.21 6.13
N LEU G 145 -48.09 19.35 6.32
CA LEU G 145 -46.93 19.69 7.12
C LEU G 145 -45.71 18.95 6.58
N GLY G 146 -44.51 19.38 6.94
CA GLY G 146 -43.33 18.73 6.41
C GLY G 146 -42.02 19.07 7.06
N CYS G 147 -40.95 18.76 6.36
CA CYS G 147 -39.60 19.13 6.76
C CYS G 147 -38.83 19.72 5.62
N LEU G 148 -38.12 20.78 5.93
CA LEU G 148 -37.20 21.35 4.98
C LEU G 148 -35.82 20.76 5.32
N VAL G 149 -35.22 20.03 4.38
CA VAL G 149 -33.86 19.56 4.63
C VAL G 149 -32.90 20.43 3.81
N LYS G 150 -32.13 21.25 4.51
CA LYS G 150 -31.47 22.37 3.89
C LYS G 150 -29.94 22.22 3.77
N ASP G 151 -29.43 22.50 2.57
CA ASP G 151 -27.99 22.64 2.30
C ASP G 151 -27.14 21.38 2.53
N TYR G 152 -27.38 20.32 1.77
CA TYR G 152 -26.54 19.10 1.91
C TYR G 152 -25.79 18.76 0.62
N PHE G 153 -24.72 17.98 0.76
CA PHE G 153 -23.96 17.49 -0.38
C PHE G 153 -23.10 16.35 0.11
N PRO G 154 -23.06 15.25 -0.67
CA PRO G 154 -23.80 15.16 -1.91
C PRO G 154 -25.15 14.45 -1.75
N GLU G 155 -25.82 14.21 -2.87
CA GLU G 155 -27.01 13.37 -2.93
C GLU G 155 -26.60 11.97 -2.43
N PRO G 156 -27.55 11.16 -1.92
CA PRO G 156 -28.98 11.33 -1.75
C PRO G 156 -29.30 11.52 -0.29
N VAL G 157 -30.60 11.56 0.02
CA VAL G 157 -31.07 11.63 1.41
C VAL G 157 -32.39 10.90 1.58
N THR G 158 -32.48 10.06 2.61
CA THR G 158 -33.74 9.43 2.93
C THR G 158 -34.50 10.27 3.97
N VAL G 159 -35.76 10.58 3.69
CA VAL G 159 -36.70 11.00 4.74
C VAL G 159 -37.77 9.94 4.89
N SER G 160 -38.05 9.57 6.13
CA SER G 160 -39.26 8.82 6.44
C SER G 160 -40.01 9.56 7.52
N TRP G 161 -41.28 9.22 7.70
CA TRP G 161 -42.04 9.84 8.75
C TRP G 161 -42.40 8.81 9.82
N ASN G 162 -42.34 9.23 11.08
CA ASN G 162 -42.68 8.38 12.23
C ASN G 162 -42.03 7.01 12.11
N SER G 163 -40.75 7.02 11.77
CA SER G 163 -39.96 5.80 11.66
C SER G 163 -40.53 4.78 10.64
N GLY G 164 -41.06 5.27 9.53
CA GLY G 164 -41.58 4.38 8.49
C GLY G 164 -43.04 4.02 8.67
N ALA G 165 -43.58 4.31 9.84
CA ALA G 165 -44.97 4.02 10.18
C ALA G 165 -45.96 4.88 9.40
N LEU G 166 -45.60 6.15 9.24
CA LEU G 166 -46.41 7.09 8.47
C LEU G 166 -45.87 7.12 7.03
N THR G 167 -46.68 6.57 6.13
CA THR G 167 -46.25 6.34 4.75
C THR G 167 -47.22 6.96 3.75
N SER G 168 -48.51 6.96 4.10
CA SER G 168 -49.57 7.39 3.22
C SER G 168 -49.70 8.91 3.18
N GLY G 169 -49.87 9.47 1.98
CA GLY G 169 -50.02 10.92 1.81
C GLY G 169 -48.69 11.64 1.89
N VAL G 170 -47.62 10.86 1.89
CA VAL G 170 -46.27 11.41 1.93
C VAL G 170 -45.74 11.77 0.54
N HIS G 171 -45.27 13.02 0.39
CA HIS G 171 -44.67 13.41 -0.85
C HIS G 171 -43.27 13.97 -0.59
N THR G 172 -42.23 13.23 -0.97
CA THR G 172 -40.87 13.76 -0.83
C THR G 172 -40.39 14.29 -2.20
N PHE G 173 -40.04 15.58 -2.27
CA PHE G 173 -39.77 16.23 -3.55
C PHE G 173 -38.32 16.08 -3.98
N PRO G 174 -38.10 15.95 -5.29
CA PRO G 174 -36.72 15.98 -5.75
C PRO G 174 -36.08 17.26 -5.23
N ALA G 175 -34.78 17.25 -5.01
CA ALA G 175 -34.07 18.40 -4.50
C ALA G 175 -33.66 19.46 -5.56
N VAL G 176 -33.49 20.70 -5.14
CA VAL G 176 -32.84 21.68 -6.03
C VAL G 176 -31.34 21.63 -5.88
N LEU G 177 -30.65 21.85 -7.00
CA LEU G 177 -29.22 21.95 -6.98
C LEU G 177 -28.97 23.44 -7.04
N GLN G 178 -28.74 24.02 -5.88
CA GLN G 178 -28.66 25.47 -5.79
C GLN G 178 -27.34 25.99 -6.33
N SER G 179 -27.35 27.26 -6.74
CA SER G 179 -26.13 27.96 -7.14
C SER G 179 -24.92 27.48 -6.35
N SER G 180 -25.09 27.46 -5.03
CA SER G 180 -23.97 27.24 -4.13
C SER G 180 -23.28 25.89 -4.35
N GLY G 181 -23.97 24.96 -5.02
CA GLY G 181 -23.44 23.63 -5.24
C GLY G 181 -24.02 22.66 -4.24
N LEU G 182 -24.75 23.17 -3.25
CA LEU G 182 -25.41 22.37 -2.19
C LEU G 182 -26.88 22.07 -2.45
N TYR G 183 -27.31 20.85 -2.16
CA TYR G 183 -28.69 20.44 -2.42
C TYR G 183 -29.63 20.82 -1.28
N SER G 184 -30.92 20.97 -1.62
CA SER G 184 -32.03 21.09 -0.64
C SER G 184 -33.26 20.41 -1.18
N LEU G 185 -34.04 19.80 -0.28
CA LEU G 185 -35.33 19.19 -0.68
C LEU G 185 -36.31 19.35 0.44
N SER G 186 -37.60 19.14 0.15
CA SER G 186 -38.62 19.10 1.20
C SER G 186 -39.50 17.86 1.09
N SER G 187 -40.02 17.44 2.24
CA SER G 187 -40.95 16.32 2.31
C SER G 187 -42.19 16.72 3.06
N VAL G 188 -43.35 16.66 2.41
CA VAL G 188 -44.59 17.09 3.05
C VAL G 188 -45.56 15.97 3.13
N VAL G 189 -46.32 15.92 4.22
CA VAL G 189 -47.32 14.88 4.38
C VAL G 189 -48.70 15.47 4.62
N THR G 190 -49.69 14.86 4.00
CA THR G 190 -51.06 15.31 4.15
C THR G 190 -51.80 14.50 5.19
N VAL G 191 -52.61 15.19 5.97
CA VAL G 191 -52.99 14.71 7.27
C VAL G 191 -54.33 15.29 7.70
N PRO G 192 -55.18 14.47 8.35
CA PRO G 192 -56.44 14.93 8.91
C PRO G 192 -56.23 16.03 9.96
N SER G 193 -56.89 17.16 9.76
CA SER G 193 -56.68 18.35 10.60
C SER G 193 -57.25 18.20 12.01
N SER G 194 -58.06 17.18 12.24
CA SER G 194 -58.56 16.92 13.59
C SER G 194 -57.51 16.15 14.40
N SER G 195 -56.47 15.70 13.71
CA SER G 195 -55.51 14.75 14.26
C SER G 195 -54.38 15.33 15.12
N LEU G 196 -54.17 16.65 15.07
CA LEU G 196 -52.95 17.23 15.66
C LEU G 196 -52.86 17.33 17.18
N GLY G 197 -53.96 17.71 17.83
CA GLY G 197 -53.97 17.70 19.29
C GLY G 197 -53.66 16.32 19.84
N THR G 198 -53.70 15.32 18.95
CA THR G 198 -53.62 13.91 19.31
C THR G 198 -52.41 13.18 18.71
N GLN G 199 -52.01 13.58 17.52
CA GLN G 199 -51.20 12.74 16.65
C GLN G 199 -49.83 13.40 16.46
N THR G 200 -48.78 12.63 16.77
CA THR G 200 -47.40 13.12 16.78
C THR G 200 -46.67 12.86 15.44
N TYR G 201 -46.12 13.91 14.83
CA TYR G 201 -45.51 13.75 13.54
C TYR G 201 -44.02 14.08 13.55
N ILE G 202 -43.19 13.08 13.29
CA ILE G 202 -41.75 13.29 13.26
C ILE G 202 -41.15 12.94 11.89
N CYS G 203 -40.22 13.76 11.43
CA CYS G 203 -39.49 13.38 10.25
C CYS G 203 -38.09 12.82 10.58
N ASN G 204 -37.69 11.81 9.80
CA ASN G 204 -36.45 11.09 10.02
C ASN G 204 -35.54 11.27 8.82
N VAL G 205 -34.60 12.21 8.99
CA VAL G 205 -33.68 12.56 7.92
C VAL G 205 -32.37 11.82 8.12
N ASN G 206 -31.94 11.12 7.08
CA ASN G 206 -30.67 10.44 7.11
C ASN G 206 -29.80 10.84 5.92
N HIS G 207 -28.62 11.39 6.20
CA HIS G 207 -27.65 11.77 5.17
C HIS G 207 -26.43 10.91 5.42
N LYS G 208 -26.27 9.90 4.58
CA LYS G 208 -25.30 8.88 4.90
C LYS G 208 -23.85 9.35 4.76
N PRO G 209 -23.55 10.06 3.66
CA PRO G 209 -22.16 10.50 3.46
C PRO G 209 -21.56 11.32 4.60
N SER G 210 -22.40 11.92 5.43
CA SER G 210 -21.90 12.76 6.51
C SER G 210 -22.30 12.25 7.90
N ASN G 211 -22.65 10.97 7.98
CA ASN G 211 -23.14 10.38 9.23
C ASN G 211 -24.18 11.23 9.92
N THR G 212 -25.07 11.83 9.14
CA THR G 212 -26.07 12.72 9.69
C THR G 212 -27.46 12.07 9.79
N LYS G 213 -27.92 11.92 11.03
CA LYS G 213 -29.27 11.48 11.30
C LYS G 213 -29.94 12.52 12.17
N VAL G 214 -31.07 13.03 11.69
CA VAL G 214 -31.86 13.99 12.47
C VAL G 214 -33.33 13.55 12.53
N ASP G 215 -33.93 13.67 13.70
CA ASP G 215 -35.38 13.50 13.86
C ASP G 215 -35.91 14.87 14.21
N LYS G 216 -36.78 15.44 13.41
CA LYS G 216 -37.39 16.72 13.80
C LYS G 216 -38.86 16.52 14.18
N LYS G 217 -39.23 17.05 15.33
CA LYS G 217 -40.62 17.09 15.74
C LYS G 217 -41.31 18.26 15.02
N VAL G 218 -42.35 17.95 14.26
CA VAL G 218 -43.12 18.98 13.57
C VAL G 218 -44.36 19.35 14.36
N GLU G 219 -44.37 20.53 14.97
CA GLU G 219 -45.52 20.94 15.79
C GLU G 219 -46.39 21.99 15.10
N PRO G 220 -47.72 21.88 15.28
CA PRO G 220 -48.80 22.81 14.95
C PRO G 220 -48.66 24.24 15.48
N LYS G 221 -49.09 25.17 14.65
CA LYS G 221 -48.75 26.59 14.73
C LYS G 221 -49.74 27.46 15.51
N ILE H 2 -31.14 40.60 -31.67
CA ILE H 2 -30.26 40.47 -30.46
C ILE H 2 -30.87 39.63 -29.31
N GLU H 3 -32.19 39.39 -29.32
CA GLU H 3 -32.80 38.61 -28.25
C GLU H 3 -34.06 37.93 -28.74
N LEU H 4 -34.06 36.59 -28.67
CA LEU H 4 -35.15 35.79 -29.20
C LEU H 4 -36.07 35.30 -28.09
N THR H 5 -37.38 35.46 -28.28
CA THR H 5 -38.36 35.15 -27.25
C THR H 5 -39.34 34.04 -27.64
N GLN H 6 -39.31 32.94 -26.92
CA GLN H 6 -40.26 31.83 -27.18
C GLN H 6 -41.11 31.59 -25.98
N PRO H 7 -42.37 31.18 -26.18
CA PRO H 7 -43.16 30.84 -24.99
C PRO H 7 -42.53 29.59 -24.37
N PRO H 8 -42.58 29.50 -23.04
CA PRO H 8 -41.91 28.40 -22.37
C PRO H 8 -42.49 27.05 -22.75
N SER H 9 -43.79 26.97 -23.07
CA SER H 9 -44.36 25.67 -23.40
C SER H 9 -45.59 25.75 -24.31
N VAL H 10 -45.82 24.69 -25.08
CA VAL H 10 -46.92 24.66 -26.00
C VAL H 10 -47.36 23.23 -26.09
N SER H 11 -48.68 23.01 -26.10
CA SER H 11 -49.24 21.67 -26.09
C SER H 11 -50.30 21.50 -27.16
N VAL H 12 -50.40 20.30 -27.71
CA VAL H 12 -51.40 19.99 -28.73
C VAL H 12 -52.03 18.64 -28.49
N ALA H 13 -53.24 18.44 -29.01
CA ALA H 13 -53.84 17.12 -29.02
C ALA H 13 -53.17 16.32 -30.15
N PRO H 14 -53.05 15.00 -29.96
CA PRO H 14 -52.49 14.19 -31.05
C PRO H 14 -53.21 14.46 -32.38
N GLY H 15 -52.45 14.71 -33.43
CA GLY H 15 -53.05 14.96 -34.72
C GLY H 15 -53.18 16.43 -35.06
N GLN H 16 -53.22 17.28 -34.05
CA GLN H 16 -53.41 18.70 -34.32
C GLN H 16 -52.17 19.46 -34.66
N THR H 17 -52.33 20.64 -35.23
CA THR H 17 -51.17 21.40 -35.64
C THR H 17 -50.54 22.12 -34.45
N ALA H 18 -49.21 22.09 -34.34
CA ALA H 18 -48.53 22.86 -33.29
C ALA H 18 -47.81 24.04 -33.91
N ARG H 19 -47.99 25.19 -33.28
CA ARG H 19 -47.31 26.39 -33.75
C ARG H 19 -46.43 26.91 -32.65
N ILE H 20 -45.14 26.99 -32.91
CA ILE H 20 -44.19 27.52 -31.92
C ILE H 20 -43.56 28.80 -32.42
N SER H 21 -43.75 29.88 -31.66
CA SER H 21 -43.36 31.21 -32.12
C SER H 21 -42.01 31.62 -31.55
N CYS H 22 -41.42 32.64 -32.16
CA CYS H 22 -40.06 33.09 -31.85
C CYS H 22 -40.00 34.52 -32.33
N SER H 23 -39.79 35.46 -31.39
CA SER H 23 -39.90 36.86 -31.75
C SER H 23 -38.79 37.75 -31.16
N GLY H 24 -38.43 38.78 -31.90
CA GLY H 24 -37.47 39.79 -31.45
C GLY H 24 -37.37 40.90 -32.50
N ASP H 25 -36.76 42.04 -32.14
CA ASP H 25 -36.73 43.23 -33.03
C ASP H 25 -36.24 42.88 -34.41
N SER H 26 -37.11 43.10 -35.41
CA SER H 26 -36.72 42.93 -36.80
C SER H 26 -36.29 41.52 -37.15
N LEU H 27 -36.80 40.53 -36.45
CA LEU H 27 -36.43 39.14 -36.71
C LEU H 27 -36.57 38.85 -38.19
N GLY H 28 -37.59 39.42 -38.80
CA GLY H 28 -37.90 39.12 -40.19
C GLY H 28 -36.84 39.56 -41.18
N SER H 29 -35.85 40.32 -40.72
CA SER H 29 -34.77 40.71 -41.58
C SER H 29 -33.53 39.84 -41.31
N LYS H 30 -33.72 38.81 -40.49
CA LYS H 30 -32.66 37.86 -40.19
C LYS H 30 -33.15 36.43 -40.51
N TYR H 31 -32.22 35.56 -40.87
CA TYR H 31 -32.54 34.15 -41.15
C TYR H 31 -32.55 33.31 -39.90
N VAL H 32 -33.63 32.59 -39.66
CA VAL H 32 -33.85 31.87 -38.42
C VAL H 32 -33.64 30.38 -38.65
N ILE H 33 -33.18 29.70 -37.61
CA ILE H 33 -32.81 28.30 -37.62
C ILE H 33 -33.46 27.57 -36.46
N TRP H 34 -34.03 26.40 -36.70
CA TRP H 34 -34.70 25.69 -35.61
C TRP H 34 -34.13 24.33 -35.27
N TYR H 35 -33.94 24.05 -33.98
CA TYR H 35 -33.52 22.73 -33.54
C TYR H 35 -34.57 22.04 -32.68
N GLN H 36 -34.60 20.72 -32.80
CA GLN H 36 -35.44 19.89 -31.97
C GLN H 36 -34.53 19.14 -31.00
N GLN H 37 -34.84 19.15 -29.70
CA GLN H 37 -34.03 18.38 -28.74
C GLN H 37 -34.81 17.51 -27.75
N LYS H 38 -34.58 16.20 -27.82
CA LYS H 38 -35.24 15.26 -26.91
C LYS H 38 -34.37 14.97 -25.68
N PRO H 39 -35.02 14.66 -24.55
CA PRO H 39 -34.31 14.39 -23.30
C PRO H 39 -33.13 13.50 -23.55
N GLY H 40 -31.97 13.90 -23.04
CA GLY H 40 -30.79 13.04 -23.02
C GLY H 40 -29.98 13.11 -24.28
N GLN H 41 -30.35 14.00 -25.20
CA GLN H 41 -29.63 14.03 -26.45
C GLN H 41 -29.43 15.38 -27.14
N ALA H 42 -28.59 15.34 -28.16
CA ALA H 42 -28.08 16.52 -28.80
C ALA H 42 -29.16 17.19 -29.59
N PRO H 43 -29.14 18.52 -29.65
CA PRO H 43 -30.11 19.09 -30.52
C PRO H 43 -29.98 18.55 -31.96
N VAL H 44 -31.05 18.71 -32.73
CA VAL H 44 -31.13 18.23 -34.09
C VAL H 44 -31.67 19.33 -35.00
N LEU H 45 -30.99 19.55 -36.12
CA LEU H 45 -31.43 20.54 -37.10
C LEU H 45 -32.75 20.13 -37.70
N VAL H 46 -33.75 21.01 -37.68
CA VAL H 46 -35.02 20.73 -38.36
C VAL H 46 -35.38 21.74 -39.44
N ILE H 47 -34.98 22.99 -39.27
CA ILE H 47 -35.25 24.01 -40.29
C ILE H 47 -34.18 25.07 -40.34
N TYR H 48 -33.74 25.42 -41.56
CA TYR H 48 -32.47 26.11 -41.63
C TYR H 48 -32.29 27.48 -42.27
N ASP H 49 -32.77 27.78 -43.45
CA ASP H 49 -32.80 29.21 -43.73
C ASP H 49 -34.19 29.31 -43.31
N ASP H 50 -34.86 30.43 -43.46
CA ASP H 50 -36.06 30.56 -42.66
C ASP H 50 -36.95 29.29 -42.64
N SER H 51 -36.87 28.53 -43.73
CA SER H 51 -37.87 27.50 -44.00
C SER H 51 -37.43 26.31 -44.85
N ASN H 52 -36.17 25.89 -44.76
CA ASN H 52 -35.69 24.74 -45.50
C ASN H 52 -35.63 23.58 -44.56
N ARG H 53 -35.97 22.40 -45.07
CA ARG H 53 -35.85 21.17 -44.26
C ARG H 53 -34.61 20.40 -44.63
N PRO H 54 -33.80 20.07 -43.64
CA PRO H 54 -32.74 19.22 -44.07
C PRO H 54 -33.37 17.95 -44.61
N SER H 55 -32.72 17.32 -45.57
CA SER H 55 -33.20 16.03 -46.04
C SER H 55 -33.35 15.04 -44.88
N GLY H 56 -34.54 14.48 -44.70
CA GLY H 56 -34.72 13.48 -43.66
C GLY H 56 -35.51 14.02 -42.49
N ILE H 57 -35.80 15.31 -42.50
CA ILE H 57 -36.81 15.86 -41.59
C ILE H 57 -38.19 15.80 -42.31
N PRO H 58 -39.19 15.17 -41.68
CA PRO H 58 -40.48 14.91 -42.39
C PRO H 58 -41.12 16.22 -42.84
N GLU H 59 -41.95 16.17 -43.90
CA GLU H 59 -42.64 17.39 -44.44
C GLU H 59 -43.64 18.06 -43.51
N ARG H 60 -44.19 17.29 -42.57
CA ARG H 60 -44.90 17.77 -41.37
C ARG H 60 -44.31 19.05 -40.78
N PHE H 61 -42.97 19.19 -40.77
CA PHE H 61 -42.26 20.38 -40.25
C PHE H 61 -42.08 21.46 -41.32
N SER H 62 -42.39 22.69 -40.94
CA SER H 62 -42.17 23.84 -41.81
C SER H 62 -42.03 25.06 -40.93
N GLY H 63 -41.30 26.06 -41.42
CA GLY H 63 -41.09 27.27 -40.67
C GLY H 63 -41.26 28.47 -41.57
N SER H 64 -41.57 29.61 -40.99
CA SER H 64 -41.77 30.83 -41.75
C SER H 64 -41.29 31.98 -40.89
N ASN H 65 -41.05 33.13 -41.52
CA ASN H 65 -40.56 34.28 -40.79
C ASN H 65 -40.93 35.59 -41.44
N SER H 66 -41.56 36.47 -40.69
CA SER H 66 -41.81 37.84 -41.14
C SER H 66 -42.14 38.73 -39.94
N GLY H 67 -42.18 40.03 -40.18
CA GLY H 67 -42.41 40.99 -39.09
C GLY H 67 -41.38 40.86 -37.98
N ASN H 68 -41.85 40.60 -36.76
CA ASN H 68 -40.97 40.38 -35.65
C ASN H 68 -41.03 38.92 -35.25
N THR H 69 -41.68 38.10 -36.09
CA THR H 69 -42.03 36.75 -35.66
C THR H 69 -41.65 35.60 -36.59
N ALA H 70 -40.96 34.60 -36.05
CA ALA H 70 -40.67 33.39 -36.80
C ALA H 70 -41.45 32.23 -36.18
N THR H 71 -42.00 31.37 -37.03
CA THR H 71 -42.85 30.29 -36.52
C THR H 71 -42.47 28.89 -37.01
N LEU H 72 -42.35 27.94 -36.08
CA LEU H 72 -42.19 26.51 -36.43
C LEU H 72 -43.58 25.88 -36.32
N THR H 73 -44.00 25.21 -37.37
CA THR H 73 -45.34 24.66 -37.50
C THR H 73 -45.22 23.16 -37.73
N ILE H 74 -45.82 22.38 -36.86
CA ILE H 74 -45.73 20.94 -37.02
C ILE H 74 -47.15 20.50 -37.34
N SER H 75 -47.40 20.08 -38.56
CA SER H 75 -48.77 19.66 -38.86
C SER H 75 -48.99 18.24 -38.35
N GLY H 76 -50.25 17.84 -38.23
CA GLY H 76 -50.60 16.53 -37.67
C GLY H 76 -49.50 15.91 -36.82
N THR H 77 -49.48 16.20 -35.53
CA THR H 77 -48.30 15.93 -34.74
C THR H 77 -48.47 14.69 -33.93
N GLN H 78 -47.36 14.12 -33.51
CA GLN H 78 -47.31 12.77 -33.00
C GLN H 78 -46.55 12.71 -31.69
N ALA H 79 -46.76 11.67 -30.90
CA ALA H 79 -46.04 11.49 -29.64
C ALA H 79 -44.55 11.74 -29.83
N GLU H 80 -44.01 11.26 -30.93
CA GLU H 80 -42.56 11.27 -31.19
C GLU H 80 -42.06 12.66 -31.50
N ASP H 81 -42.96 13.62 -31.54
CA ASP H 81 -42.57 15.01 -31.72
C ASP H 81 -42.39 15.73 -30.40
N GLU H 82 -42.60 15.04 -29.28
CA GLU H 82 -42.48 15.71 -28.00
C GLU H 82 -41.03 16.00 -27.80
N ALA H 83 -40.73 17.28 -27.56
CA ALA H 83 -39.35 17.72 -27.44
C ALA H 83 -39.23 19.17 -26.98
N ASP H 84 -38.00 19.63 -26.82
CA ASP H 84 -37.76 21.06 -26.76
C ASP H 84 -37.34 21.60 -28.13
N TYR H 85 -37.96 22.70 -28.54
CA TYR H 85 -37.61 23.38 -29.78
C TYR H 85 -37.01 24.76 -29.51
N TYR H 86 -35.85 25.02 -30.08
CA TYR H 86 -35.17 26.29 -29.90
C TYR H 86 -35.06 26.97 -31.24
N CYS H 87 -35.33 28.26 -31.29
CA CYS H 87 -34.96 29.04 -32.48
C CYS H 87 -33.64 29.73 -32.26
N SER H 88 -33.00 30.13 -33.35
CA SER H 88 -31.76 30.85 -33.16
C SER H 88 -31.49 31.66 -34.39
N THR H 89 -30.64 32.67 -34.25
CA THR H 89 -30.20 33.44 -35.40
C THR H 89 -28.79 33.95 -35.19
N PHE H 90 -28.18 34.46 -36.25
CA PHE H 90 -26.83 35.03 -36.17
C PHE H 90 -26.86 36.43 -35.55
N THR H 91 -26.09 36.59 -34.45
CA THR H 91 -25.84 37.88 -33.76
C THR H 91 -24.46 38.38 -34.19
N MET H 92 -24.24 39.69 -34.08
CA MET H 92 -22.92 40.27 -34.38
C MET H 92 -22.10 40.37 -33.10
N SER H 93 -22.60 39.77 -32.03
CA SER H 93 -21.96 39.85 -30.70
C SER H 93 -21.12 38.61 -30.34
N GLY H 94 -19.83 38.87 -30.21
CA GLY H 94 -18.81 37.89 -30.50
C GLY H 94 -18.91 37.29 -31.92
N ASN H 95 -19.75 37.86 -32.80
CA ASN H 95 -19.90 37.32 -34.18
C ASN H 95 -20.42 35.88 -34.14
N GLY H 96 -21.29 35.62 -33.16
CA GLY H 96 -21.83 34.28 -32.94
C GLY H 96 -23.28 34.06 -33.30
N THR H 97 -23.97 33.34 -32.42
CA THR H 97 -25.31 32.90 -32.65
C THR H 97 -26.09 33.07 -31.38
N VAL H 98 -27.38 33.35 -31.48
CA VAL H 98 -28.16 33.57 -30.28
C VAL H 98 -29.32 32.62 -30.32
N PHE H 99 -29.73 32.07 -29.17
CA PHE H 99 -30.78 31.04 -29.13
C PHE H 99 -31.98 31.57 -28.41
N GLY H 100 -33.18 31.15 -28.82
CA GLY H 100 -34.37 31.40 -28.03
C GLY H 100 -34.19 30.70 -26.69
N GLY H 101 -35.07 30.95 -25.71
CA GLY H 101 -35.01 30.17 -24.49
C GLY H 101 -35.53 28.75 -24.70
N GLY H 102 -36.10 28.48 -25.87
CA GLY H 102 -36.64 27.17 -26.19
C GLY H 102 -38.02 26.94 -25.59
N THR H 103 -38.87 26.20 -26.31
CA THR H 103 -40.21 25.88 -25.83
C THR H 103 -40.48 24.36 -25.81
N LYS H 104 -41.13 23.89 -24.74
CA LYS H 104 -41.42 22.48 -24.57
C LYS H 104 -42.75 22.06 -25.22
N LEU H 105 -42.66 21.20 -26.23
CA LEU H 105 -43.86 20.74 -26.95
C LEU H 105 -44.37 19.49 -26.27
N THR H 106 -45.58 19.55 -25.75
CA THR H 106 -46.20 18.39 -25.13
C THR H 106 -47.33 17.88 -25.99
N VAL H 107 -47.33 16.59 -26.31
CA VAL H 107 -48.42 16.04 -27.08
C VAL H 107 -49.39 15.37 -26.13
N LEU H 108 -50.48 16.07 -25.81
CA LEU H 108 -51.44 15.64 -24.79
C LEU H 108 -51.80 14.17 -24.83
N GLY H 109 -51.32 13.41 -23.86
CA GLY H 109 -51.67 12.00 -23.71
C GLY H 109 -52.69 11.74 -22.60
N GLN H 110 -53.08 12.80 -21.89
CA GLN H 110 -54.13 12.69 -20.88
C GLN H 110 -54.80 14.03 -20.67
N PRO H 111 -55.82 14.05 -19.81
CA PRO H 111 -56.48 15.34 -19.64
C PRO H 111 -55.58 16.33 -18.92
N LYS H 112 -55.59 17.55 -19.43
CA LYS H 112 -54.88 18.69 -18.86
C LYS H 112 -55.34 18.95 -17.41
N ALA H 113 -54.37 19.19 -16.53
CA ALA H 113 -54.64 19.25 -15.08
C ALA H 113 -53.85 20.34 -14.35
N ALA H 114 -54.56 21.25 -13.67
CA ALA H 114 -53.93 22.39 -12.98
C ALA H 114 -53.18 21.91 -11.73
N PRO H 115 -52.07 22.59 -11.36
CA PRO H 115 -51.22 22.15 -10.24
C PRO H 115 -51.78 22.48 -8.87
N SER H 116 -51.39 21.75 -7.85
CA SER H 116 -51.73 22.13 -6.48
C SER H 116 -50.54 22.81 -5.83
N VAL H 117 -50.79 23.93 -5.16
CA VAL H 117 -49.73 24.73 -4.62
C VAL H 117 -49.81 24.83 -3.10
N THR H 118 -48.84 24.25 -2.42
CA THR H 118 -48.73 24.45 -0.99
C THR H 118 -47.56 25.41 -0.72
N LEU H 119 -47.79 26.42 0.13
CA LEU H 119 -46.76 27.41 0.44
C LEU H 119 -46.44 27.47 1.93
N PHE H 120 -45.19 27.16 2.30
CA PHE H 120 -44.80 27.24 3.71
C PHE H 120 -43.90 28.47 4.01
N PRO H 121 -44.20 29.21 5.08
CA PRO H 121 -43.33 30.30 5.47
C PRO H 121 -42.06 29.77 6.16
N PRO H 122 -41.15 30.67 6.53
CA PRO H 122 -39.96 30.19 7.23
C PRO H 122 -40.36 29.63 8.57
N SER H 123 -39.70 28.56 9.00
CA SER H 123 -39.94 28.01 10.32
C SER H 123 -39.38 28.96 11.36
N SER H 124 -39.90 28.89 12.58
CA SER H 124 -39.34 29.79 13.59
C SER H 124 -37.96 29.31 13.99
N GLU H 125 -37.72 28.01 13.85
CA GLU H 125 -36.41 27.46 14.12
C GLU H 125 -35.36 28.01 13.12
N GLU H 126 -35.69 28.03 11.83
CA GLU H 126 -34.77 28.61 10.85
C GLU H 126 -34.55 30.11 11.09
N LEU H 127 -35.59 30.81 11.52
CA LEU H 127 -35.49 32.24 11.74
C LEU H 127 -34.47 32.54 12.85
N GLN H 128 -34.44 31.69 13.86
CA GLN H 128 -33.50 31.89 14.95
C GLN H 128 -32.05 31.57 14.56
N ALA H 129 -31.87 30.88 13.43
CA ALA H 129 -30.54 30.59 12.95
C ALA H 129 -30.15 31.63 11.91
N ASN H 130 -30.88 32.73 11.91
CA ASN H 130 -30.62 33.84 11.01
C ASN H 130 -30.71 33.56 9.53
N LYS H 131 -31.57 32.62 9.17
CA LYS H 131 -31.81 32.34 7.76
C LYS H 131 -33.31 32.32 7.56
N ALA H 132 -33.76 32.32 6.31
CA ALA H 132 -35.17 32.23 6.02
C ALA H 132 -35.43 31.74 4.60
N THR H 133 -36.17 30.63 4.50
CA THR H 133 -36.55 30.03 3.23
C THR H 133 -38.08 29.87 3.08
N LEU H 134 -38.64 30.28 1.95
CA LEU H 134 -40.04 29.99 1.66
C LEU H 134 -40.05 28.79 0.76
N VAL H 135 -40.87 27.82 1.13
CA VAL H 135 -41.02 26.61 0.35
C VAL H 135 -42.36 26.58 -0.39
N CYS H 136 -42.30 26.60 -1.72
CA CYS H 136 -43.47 26.49 -2.58
C CYS H 136 -43.55 25.12 -3.30
N LEU H 137 -44.48 24.27 -2.88
CA LEU H 137 -44.59 22.91 -3.43
C LEU H 137 -45.67 22.77 -4.51
N ILE H 138 -45.25 22.42 -5.71
CA ILE H 138 -46.16 22.35 -6.84
C ILE H 138 -46.33 20.92 -7.28
N SER H 139 -47.56 20.48 -7.52
CA SER H 139 -47.80 19.04 -7.82
C SER H 139 -49.02 18.69 -8.64
N ASP H 140 -49.07 17.45 -9.10
CA ASP H 140 -50.21 16.93 -9.82
C ASP H 140 -50.60 17.71 -11.06
N PHE H 141 -49.62 18.31 -11.75
CA PHE H 141 -49.92 19.08 -12.98
C PHE H 141 -49.58 18.34 -14.29
N TYR H 142 -50.24 18.74 -15.37
CA TYR H 142 -49.99 18.18 -16.70
C TYR H 142 -50.64 19.08 -17.72
N PRO H 143 -49.90 19.41 -18.79
CA PRO H 143 -48.51 19.00 -19.04
C PRO H 143 -47.45 19.52 -18.04
N GLY H 144 -46.30 18.89 -18.02
CA GLY H 144 -45.24 19.21 -17.06
C GLY H 144 -44.44 20.46 -17.39
N ALA H 145 -45.11 21.60 -17.34
CA ALA H 145 -44.43 22.87 -17.52
C ALA H 145 -45.13 23.95 -16.75
N VAL H 146 -44.41 24.56 -15.81
CA VAL H 146 -44.93 25.74 -15.08
C VAL H 146 -43.91 26.86 -15.02
N THR H 147 -44.42 28.08 -14.95
CA THR H 147 -43.59 29.25 -14.75
C THR H 147 -43.89 29.77 -13.38
N VAL H 148 -42.85 30.08 -12.61
CA VAL H 148 -43.06 30.38 -11.20
C VAL H 148 -42.64 31.80 -10.91
N ALA H 149 -43.53 32.58 -10.28
CA ALA H 149 -43.21 33.94 -9.96
C ALA H 149 -43.44 34.23 -8.47
N TRP H 150 -42.48 34.90 -7.84
CA TRP H 150 -42.60 35.26 -6.46
C TRP H 150 -42.87 36.74 -6.33
N LYS H 151 -43.62 37.10 -5.30
CA LYS H 151 -43.95 38.48 -5.01
C LYS H 151 -43.73 38.76 -3.54
N ALA H 152 -43.11 39.89 -3.28
CA ALA H 152 -43.14 40.47 -1.93
C ALA H 152 -44.12 41.64 -2.00
N ASP H 153 -45.18 41.57 -1.21
CA ASP H 153 -46.20 42.60 -1.22
C ASP H 153 -46.67 42.88 -2.63
N SER H 154 -46.65 41.91 -3.53
CA SER H 154 -46.95 42.25 -4.93
C SER H 154 -45.87 43.04 -5.74
N SER H 155 -44.62 43.06 -5.26
CA SER H 155 -43.48 43.44 -6.08
C SER H 155 -42.73 42.18 -6.53
N PRO H 156 -42.31 42.11 -7.79
CA PRO H 156 -41.67 40.88 -8.22
C PRO H 156 -40.35 40.66 -7.48
N VAL H 157 -39.97 39.41 -7.24
CA VAL H 157 -38.74 39.07 -6.55
C VAL H 157 -37.75 38.36 -7.46
N LYS H 158 -36.65 39.01 -7.81
CA LYS H 158 -35.70 38.42 -8.75
C LYS H 158 -34.74 37.45 -8.05
N ALA H 159 -34.16 37.94 -6.96
CA ALA H 159 -33.04 37.28 -6.32
C ALA H 159 -33.41 36.23 -5.26
N GLY H 160 -32.60 35.18 -5.18
CA GLY H 160 -32.80 34.17 -4.16
C GLY H 160 -33.89 33.17 -4.49
N VAL H 161 -34.37 33.14 -5.73
CA VAL H 161 -35.27 32.05 -6.08
C VAL H 161 -34.50 30.96 -6.79
N GLU H 162 -34.96 29.75 -6.56
CA GLU H 162 -34.27 28.55 -6.99
C GLU H 162 -35.37 27.55 -7.29
N THR H 163 -35.52 27.17 -8.55
CA THR H 163 -36.64 26.32 -8.95
C THR H 163 -36.16 25.05 -9.62
N THR H 164 -36.90 23.96 -9.46
CA THR H 164 -36.55 22.69 -10.09
C THR H 164 -37.20 22.56 -11.45
N THR H 165 -36.62 21.76 -12.33
CA THR H 165 -37.36 21.39 -13.49
C THR H 165 -38.44 20.46 -12.95
N PRO H 166 -39.48 20.17 -13.75
CA PRO H 166 -40.52 19.24 -13.33
C PRO H 166 -40.05 17.81 -13.43
N SER H 167 -40.63 16.91 -12.65
CA SER H 167 -40.40 15.48 -12.84
C SER H 167 -41.65 14.61 -12.70
N LYS H 168 -41.77 13.61 -13.59
CA LYS H 168 -42.89 12.66 -13.58
C LYS H 168 -43.10 12.06 -12.20
N GLN H 169 -44.30 12.20 -11.66
CA GLN H 169 -44.66 11.50 -10.43
C GLN H 169 -45.07 10.09 -10.81
N SER H 170 -45.33 9.25 -9.80
CA SER H 170 -45.73 7.88 -10.02
C SER H 170 -47.01 7.76 -10.87
N ASN H 171 -47.85 8.78 -10.83
CA ASN H 171 -49.12 8.79 -11.54
C ASN H 171 -49.09 9.48 -12.91
N ASN H 172 -47.90 9.89 -13.34
CA ASN H 172 -47.70 10.49 -14.68
C ASN H 172 -48.13 11.95 -14.80
N LYS H 173 -48.48 12.56 -13.67
CA LYS H 173 -48.59 14.01 -13.60
C LYS H 173 -47.23 14.55 -13.12
N TYR H 174 -47.03 15.85 -13.09
CA TYR H 174 -45.69 16.32 -12.77
C TYR H 174 -45.64 17.06 -11.45
N ALA H 175 -44.46 17.05 -10.83
CA ALA H 175 -44.18 17.86 -9.63
C ALA H 175 -42.98 18.82 -9.77
N ALA H 176 -42.96 19.86 -8.93
CA ALA H 176 -41.86 20.80 -8.92
C ALA H 176 -41.89 21.64 -7.66
N SER H 177 -40.71 22.09 -7.24
CA SER H 177 -40.60 22.96 -6.08
C SER H 177 -39.80 24.19 -6.42
N SER H 178 -40.06 25.25 -5.65
CA SER H 178 -39.36 26.50 -5.82
C SER H 178 -39.08 27.05 -4.43
N TYR H 179 -37.83 27.42 -4.16
CA TYR H 179 -37.42 27.96 -2.87
C TYR H 179 -36.96 29.42 -2.98
N LEU H 180 -37.52 30.29 -2.12
CA LEU H 180 -37.07 31.69 -2.02
C LEU H 180 -36.28 31.94 -0.74
N SER H 181 -35.01 32.27 -0.88
CA SER H 181 -34.17 32.60 0.27
C SER H 181 -34.21 34.09 0.62
N LEU H 182 -34.40 34.36 1.89
CA LEU H 182 -34.58 35.73 2.34
C LEU H 182 -33.72 36.00 3.56
N THR H 183 -33.47 37.26 3.79
CA THR H 183 -33.06 37.74 5.10
C THR H 183 -34.22 37.64 6.13
N PRO H 184 -33.91 37.32 7.38
CA PRO H 184 -35.02 37.37 8.30
C PRO H 184 -35.67 38.75 8.28
N GLU H 185 -34.89 39.82 8.30
CA GLU H 185 -35.46 41.17 8.33
C GLU H 185 -36.26 41.49 7.06
N GLN H 186 -35.90 40.87 5.94
CA GLN H 186 -36.65 41.02 4.68
C GLN H 186 -37.97 40.33 4.87
N TRP H 187 -37.93 39.14 5.44
CA TRP H 187 -39.16 38.40 5.70
C TRP H 187 -40.10 39.29 6.48
N LYS H 188 -39.64 39.82 7.62
CA LYS H 188 -40.54 40.56 8.50
C LYS H 188 -40.92 41.91 7.90
N SER H 189 -40.15 42.39 6.94
CA SER H 189 -40.29 43.78 6.50
C SER H 189 -41.36 44.00 5.45
N HIS H 190 -41.86 42.90 4.89
CA HIS H 190 -42.95 42.98 3.94
C HIS H 190 -44.14 42.45 4.68
N ARG H 191 -45.31 42.72 4.12
CA ARG H 191 -46.55 42.33 4.75
C ARG H 191 -46.92 40.90 4.41
N SER H 192 -46.41 40.41 3.28
CA SER H 192 -46.67 39.06 2.84
C SER H 192 -45.87 38.73 1.59
N TYR H 193 -45.69 37.45 1.34
CA TYR H 193 -45.03 37.00 0.15
C TYR H 193 -45.99 36.02 -0.56
N SER H 194 -45.76 35.79 -1.85
CA SER H 194 -46.67 35.01 -2.65
C SER H 194 -45.94 34.14 -3.65
N CYS H 195 -46.43 32.91 -3.79
CA CYS H 195 -45.92 31.98 -4.79
C CYS H 195 -46.94 31.85 -5.89
N GLN H 196 -46.57 32.23 -7.11
CA GLN H 196 -47.53 32.29 -8.21
C GLN H 196 -47.13 31.33 -9.30
N VAL H 197 -47.88 30.25 -9.42
CA VAL H 197 -47.58 29.25 -10.42
C VAL H 197 -48.51 29.40 -11.61
N THR H 198 -47.94 29.63 -12.79
CA THR H 198 -48.73 29.73 -14.00
C THR H 198 -48.59 28.45 -14.77
N HIS H 199 -49.72 27.90 -15.19
CA HIS H 199 -49.72 26.66 -15.96
C HIS H 199 -50.77 26.72 -17.06
N GLU H 200 -50.35 26.36 -18.28
CA GLU H 200 -51.26 26.43 -19.42
C GLU H 200 -52.02 27.75 -19.43
N GLY H 201 -51.28 28.85 -19.37
CA GLY H 201 -51.85 30.20 -19.42
C GLY H 201 -52.81 30.53 -18.28
N SER H 202 -52.69 29.83 -17.18
CA SER H 202 -53.65 29.94 -16.11
C SER H 202 -52.90 29.91 -14.77
N THR H 203 -53.23 30.80 -13.86
CA THR H 203 -52.38 31.00 -12.68
C THR H 203 -53.03 30.59 -11.36
N VAL H 204 -52.28 29.88 -10.52
CA VAL H 204 -52.75 29.60 -9.17
C VAL H 204 -51.74 30.09 -8.14
N GLU H 205 -52.25 30.78 -7.13
CA GLU H 205 -51.45 31.62 -6.23
C GLU H 205 -51.69 31.27 -4.77
N LYS H 206 -50.62 31.12 -4.03
CA LYS H 206 -50.76 30.94 -2.60
C LYS H 206 -49.90 32.00 -1.92
N THR H 207 -50.28 32.38 -0.71
CA THR H 207 -49.61 33.47 -0.04
C THR H 207 -49.46 33.33 1.50
N VAL H 208 -48.30 33.75 2.03
CA VAL H 208 -48.00 33.62 3.46
C VAL H 208 -47.64 34.94 4.10
N ALA H 209 -47.83 35.06 5.41
CA ALA H 209 -47.45 36.27 6.15
C ALA H 209 -46.60 35.96 7.38
N PRO H 210 -45.81 36.96 7.83
CA PRO H 210 -44.97 36.84 9.02
C PRO H 210 -45.80 36.79 10.30
N THR H 211 -45.28 36.13 11.34
CA THR H 211 -45.98 36.01 12.65
C THR H 211 -47.40 36.62 12.60
N PRO I 34 -41.56 44.91 -52.11
CA PRO I 34 -40.72 44.03 -52.94
C PRO I 34 -40.87 44.37 -54.44
N PHE I 35 -39.77 44.30 -55.18
CA PHE I 35 -39.71 44.89 -56.52
C PHE I 35 -38.62 44.25 -57.40
N LEU I 36 -38.14 43.06 -57.03
CA LEU I 36 -37.15 42.37 -57.84
C LEU I 36 -37.63 40.95 -58.18
N LYS I 37 -37.44 40.52 -59.42
CA LYS I 37 -37.77 39.16 -59.80
C LYS I 37 -36.52 38.32 -60.04
N CYS I 38 -36.46 37.15 -59.40
CA CYS I 38 -35.35 36.22 -59.62
C CYS I 38 -35.83 34.84 -60.10
N TYR I 39 -34.96 34.17 -60.86
CA TYR I 39 -35.11 32.75 -61.19
C TYR I 39 -34.89 31.95 -59.90
N CYS I 40 -35.57 30.81 -59.75
CA CYS I 40 -35.23 29.92 -58.65
C CYS I 40 -35.31 28.44 -58.98
N SER I 41 -34.48 27.66 -58.31
CA SER I 41 -34.51 26.20 -58.42
C SER I 41 -33.94 25.61 -57.16
N GLY I 42 -34.21 24.33 -56.95
CA GLY I 42 -33.72 23.65 -55.76
C GLY I 42 -34.65 23.89 -54.60
N HIS I 43 -34.76 25.14 -54.17
CA HIS I 43 -35.68 25.50 -53.10
C HIS I 43 -36.46 26.79 -53.39
N CYS I 44 -37.54 26.69 -54.16
CA CYS I 44 -38.39 27.85 -54.45
C CYS I 44 -39.50 27.95 -53.42
N PRO I 45 -39.74 29.16 -52.91
CA PRO I 45 -40.89 29.43 -52.05
C PRO I 45 -42.17 29.09 -52.79
N ASP I 46 -43.09 28.42 -52.08
CA ASP I 46 -44.30 27.91 -52.71
C ASP I 46 -45.25 29.02 -53.09
N ASP I 47 -44.63 30.18 -53.33
CA ASP I 47 -45.20 31.44 -53.73
C ASP I 47 -44.92 31.59 -55.18
N ALA I 48 -44.51 30.51 -55.81
CA ALA I 48 -43.86 30.65 -57.08
C ALA I 48 -44.83 30.44 -58.21
N ILE I 49 -44.91 31.42 -59.11
CA ILE I 49 -45.17 31.07 -60.47
C ILE I 49 -43.78 30.57 -60.86
N ASN I 50 -43.74 29.40 -61.47
CA ASN I 50 -42.56 28.55 -61.35
C ASN I 50 -41.20 29.13 -61.78
N ASN I 51 -40.23 28.99 -60.89
CA ASN I 51 -38.89 29.49 -61.10
C ASN I 51 -38.87 31.01 -61.10
N THR I 52 -39.71 31.57 -60.26
CA THR I 52 -39.71 33.00 -60.00
C THR I 52 -40.17 33.27 -58.58
N CYS I 53 -39.39 34.09 -57.89
CA CYS I 53 -39.75 34.64 -56.61
C CYS I 53 -39.61 36.14 -56.71
N ILE I 54 -40.42 36.88 -55.97
CA ILE I 54 -40.23 38.31 -55.88
C ILE I 54 -39.53 38.60 -54.57
N THR I 55 -38.61 39.56 -54.59
CA THR I 55 -37.91 39.96 -53.38
C THR I 55 -37.53 41.41 -53.41
N ASN I 56 -37.23 41.93 -52.23
CA ASN I 56 -36.77 43.29 -52.10
C ASN I 56 -35.24 43.30 -51.89
N GLY I 57 -34.63 42.11 -51.97
CA GLY I 57 -33.23 41.93 -51.62
C GLY I 57 -32.34 41.76 -52.82
N HIS I 58 -31.76 40.57 -52.96
CA HIS I 58 -30.96 40.22 -54.12
C HIS I 58 -31.35 38.86 -54.69
N CYS I 59 -30.98 38.62 -55.94
CA CYS I 59 -31.03 37.30 -56.51
C CYS I 59 -29.73 36.60 -56.18
N PHE I 60 -29.72 35.27 -56.23
CA PHE I 60 -28.51 34.51 -56.00
C PHE I 60 -28.52 33.20 -56.78
N ALA I 61 -27.32 32.71 -57.09
CA ALA I 61 -27.13 31.33 -57.50
C ALA I 61 -26.01 30.77 -56.62
N ILE I 62 -26.10 29.50 -56.29
CA ILE I 62 -25.13 28.88 -55.37
C ILE I 62 -24.74 27.47 -55.83
N ILE I 63 -23.49 27.09 -55.58
CA ILE I 63 -23.03 25.72 -55.83
C ILE I 63 -22.38 25.22 -54.57
N GLU I 64 -22.63 23.98 -54.23
CA GLU I 64 -21.97 23.42 -53.09
C GLU I 64 -21.78 21.93 -53.27
N GLU I 65 -20.71 21.40 -52.68
CA GLU I 65 -20.44 19.97 -52.76
C GLU I 65 -20.43 19.39 -51.36
N ASP I 66 -21.08 18.25 -51.20
CA ASP I 66 -21.26 17.64 -49.90
C ASP I 66 -20.10 16.73 -49.58
N ASP I 67 -20.27 15.89 -48.56
CA ASP I 67 -19.14 15.18 -48.00
C ASP I 67 -18.67 14.03 -48.85
N GLN I 68 -19.48 13.66 -49.85
CA GLN I 68 -18.98 12.90 -50.99
C GLN I 68 -18.92 13.87 -52.17
N GLY I 69 -18.20 13.52 -53.23
CA GLY I 69 -17.95 14.49 -54.30
C GLY I 69 -19.18 15.14 -54.93
N GLU I 70 -20.34 14.92 -54.33
CA GLU I 70 -21.58 15.30 -54.99
C GLU I 70 -21.79 16.80 -54.93
N THR I 71 -22.05 17.41 -56.08
CA THR I 71 -22.30 18.85 -56.16
C THR I 71 -23.76 19.13 -56.51
N THR I 72 -24.37 20.08 -55.78
CA THR I 72 -25.76 20.51 -56.06
C THR I 72 -25.91 22.02 -56.31
N LEU I 73 -26.70 22.36 -57.32
CA LEU I 73 -26.98 23.76 -57.64
C LEU I 73 -28.27 24.24 -56.99
N ALA I 74 -28.33 25.53 -56.70
CA ALA I 74 -29.58 26.17 -56.31
C ALA I 74 -29.57 27.66 -56.65
N SER I 75 -30.75 28.23 -56.84
CA SER I 75 -30.86 29.67 -57.01
C SER I 75 -32.22 30.10 -56.49
N GLY I 76 -32.39 31.41 -56.30
CA GLY I 76 -33.59 31.91 -55.64
C GLY I 76 -33.46 33.34 -55.16
N CYS I 77 -34.27 33.70 -54.17
CA CYS I 77 -34.27 35.05 -53.66
C CYS I 77 -33.54 35.12 -52.34
N MET I 78 -32.68 36.14 -52.16
CA MET I 78 -32.02 36.38 -50.90
C MET I 78 -32.74 37.58 -50.32
N LYS I 79 -33.39 37.41 -49.17
CA LYS I 79 -34.23 38.47 -48.64
C LYS I 79 -33.42 39.67 -48.20
N TYR I 80 -34.03 40.84 -48.23
CA TYR I 80 -33.36 42.07 -47.78
C TYR I 80 -33.05 41.97 -46.30
N GLU I 81 -31.81 42.24 -45.91
CA GLU I 81 -31.39 42.02 -44.54
C GLU I 81 -31.17 43.29 -43.73
N GLY I 82 -31.72 44.39 -44.19
CA GLY I 82 -31.57 45.64 -43.46
C GLY I 82 -30.16 46.15 -43.62
N SER I 83 -29.55 46.58 -42.52
CA SER I 83 -28.20 47.12 -42.56
C SER I 83 -27.18 46.07 -42.97
N ASP I 84 -27.41 44.82 -42.55
CA ASP I 84 -26.53 43.72 -42.88
C ASP I 84 -26.62 43.28 -44.35
N PHE I 85 -25.48 42.92 -44.92
CA PHE I 85 -25.45 42.26 -46.20
C PHE I 85 -24.16 41.48 -46.37
N GLN I 86 -24.27 40.34 -47.04
CA GLN I 86 -23.17 39.41 -47.11
C GLN I 86 -23.42 38.51 -48.31
N CYS I 87 -22.50 38.51 -49.26
CA CYS I 87 -22.60 37.58 -50.37
C CYS I 87 -21.28 36.85 -50.50
N LYS I 88 -20.25 37.56 -50.92
CA LYS I 88 -18.94 36.94 -51.09
C LYS I 88 -18.17 36.80 -49.77
N ASP I 89 -18.36 37.74 -48.85
CA ASP I 89 -17.56 37.74 -47.63
C ASP I 89 -18.19 37.00 -46.48
N SER I 90 -18.12 35.67 -46.53
CA SER I 90 -18.63 34.86 -45.43
C SER I 90 -17.55 33.90 -44.91
N PRO I 91 -16.59 34.43 -44.15
CA PRO I 91 -15.40 33.69 -43.78
C PRO I 91 -15.73 32.44 -42.99
N LYS I 92 -16.93 32.39 -42.39
CA LYS I 92 -17.30 31.23 -41.55
C LYS I 92 -17.88 30.11 -42.40
N ALA I 93 -18.34 30.44 -43.60
CA ALA I 93 -18.96 29.46 -44.49
C ALA I 93 -17.96 28.42 -44.96
N GLN I 94 -18.46 27.21 -45.14
CA GLN I 94 -17.69 26.07 -45.63
C GLN I 94 -16.91 26.44 -46.87
N LEU I 95 -15.84 25.71 -47.17
CA LEU I 95 -15.01 26.04 -48.31
C LEU I 95 -15.62 25.60 -49.63
N ARG I 96 -16.23 24.42 -49.63
CA ARG I 96 -16.80 23.87 -50.84
C ARG I 96 -18.24 24.43 -51.07
N ARG I 97 -18.31 25.75 -51.22
CA ARG I 97 -19.54 26.43 -51.51
C ARG I 97 -19.10 27.71 -52.21
N THR I 98 -19.81 28.10 -53.26
CA THR I 98 -19.54 29.37 -53.93
C THR I 98 -20.88 29.97 -54.29
N ILE I 99 -21.13 31.20 -53.81
CA ILE I 99 -22.40 31.88 -54.06
C ILE I 99 -22.13 33.22 -54.76
N GLU I 100 -23.04 33.61 -55.64
CA GLU I 100 -22.92 34.88 -56.31
C GLU I 100 -24.24 35.62 -56.24
N CYS I 101 -24.16 36.93 -56.11
CA CYS I 101 -25.38 37.73 -56.06
C CYS I 101 -25.41 38.83 -57.14
N CYS I 102 -26.61 39.34 -57.42
CA CYS I 102 -26.81 40.43 -58.38
C CYS I 102 -28.22 41.02 -58.17
N ARG I 103 -28.44 42.25 -58.60
CA ARG I 103 -29.69 42.91 -58.25
C ARG I 103 -30.48 43.46 -59.43
N THR I 104 -30.47 42.74 -60.56
CA THR I 104 -31.23 43.14 -61.74
C THR I 104 -32.32 42.14 -62.04
N ASN I 105 -33.45 42.57 -62.57
CA ASN I 105 -34.51 41.62 -62.91
C ASN I 105 -34.00 40.37 -63.62
N LEU I 106 -34.24 39.22 -62.99
CA LEU I 106 -33.83 37.92 -63.52
C LEU I 106 -32.34 37.72 -63.73
N CYS I 107 -31.52 38.54 -63.09
CA CYS I 107 -30.09 38.54 -63.37
C CYS I 107 -29.36 37.22 -63.11
N ASN I 108 -29.96 36.32 -62.32
CA ASN I 108 -29.27 35.10 -61.92
C ASN I 108 -29.28 33.92 -62.89
N GLN I 109 -30.11 33.99 -63.93
CA GLN I 109 -30.08 33.03 -65.01
C GLN I 109 -28.70 32.99 -65.64
N TYR I 110 -28.18 34.18 -65.97
CA TYR I 110 -26.81 34.34 -66.45
C TYR I 110 -25.81 34.14 -65.31
N LEU I 111 -26.00 33.16 -64.44
CA LEU I 111 -25.11 33.01 -63.30
C LEU I 111 -24.66 31.58 -63.03
N GLN I 112 -23.35 31.42 -62.86
CA GLN I 112 -22.65 30.18 -63.10
C GLN I 112 -21.53 29.96 -62.08
N PRO I 113 -21.85 30.04 -60.78
CA PRO I 113 -20.79 30.01 -59.78
C PRO I 113 -19.92 28.72 -59.85
N THR I 114 -18.60 28.85 -59.70
CA THR I 114 -17.71 27.68 -59.70
C THR I 114 -17.06 27.44 -58.32
N LEU I 115 -17.02 26.18 -57.91
CA LEU I 115 -16.27 25.80 -56.72
C LEU I 115 -14.81 26.13 -56.93
N PRO I 116 -14.11 26.53 -55.86
CA PRO I 116 -12.65 26.75 -55.99
C PRO I 116 -11.94 25.47 -56.43
N PRO I 117 -10.70 25.58 -56.96
CA PRO I 117 -10.06 24.36 -57.48
C PRO I 117 -9.48 23.51 -56.36
N VAL I 118 -9.60 24.05 -55.14
CA VAL I 118 -9.18 23.43 -53.87
C VAL I 118 -10.30 22.60 -53.19
N GLN J 1 -12.75 9.68 -13.70
CA GLN J 1 -13.59 8.43 -13.84
C GLN J 1 -13.03 7.28 -12.98
N VAL J 2 -11.78 7.43 -12.57
CA VAL J 2 -11.23 6.54 -11.55
C VAL J 2 -12.19 6.45 -10.35
N GLN J 3 -12.44 5.25 -9.87
CA GLN J 3 -13.22 5.06 -8.66
C GLN J 3 -12.56 4.03 -7.75
N LEU J 4 -12.55 4.30 -6.45
CA LEU J 4 -11.99 3.39 -5.52
C LEU J 4 -12.92 3.35 -4.32
N VAL J 5 -13.48 2.19 -4.02
CA VAL J 5 -14.30 2.13 -2.82
C VAL J 5 -13.85 1.08 -1.82
N GLU J 6 -13.51 1.52 -0.61
CA GLU J 6 -13.06 0.64 0.45
C GLU J 6 -14.25 0.00 1.11
N SER J 7 -14.03 -1.15 1.73
CA SER J 7 -15.03 -1.79 2.59
C SER J 7 -14.37 -2.82 3.51
N GLY J 8 -15.16 -3.33 4.47
CA GLY J 8 -14.64 -4.23 5.48
C GLY J 8 -14.33 -3.60 6.84
N GLY J 9 -14.44 -2.27 6.95
CA GLY J 9 -14.18 -1.62 8.25
C GLY J 9 -15.10 -2.21 9.32
N GLY J 10 -14.81 -1.96 10.58
CA GLY J 10 -15.77 -2.34 11.61
C GLY J 10 -15.08 -2.41 12.95
N LEU J 11 -15.84 -2.75 14.00
CA LEU J 11 -15.33 -2.86 15.36
C LEU J 11 -14.70 -4.23 15.65
N VAL J 12 -13.62 -4.23 16.41
CA VAL J 12 -12.83 -5.42 16.69
C VAL J 12 -12.10 -5.25 18.02
N GLN J 13 -11.96 -6.34 18.76
CA GLN J 13 -11.16 -6.33 19.98
C GLN J 13 -9.69 -6.48 19.71
N PRO J 14 -8.86 -5.90 20.58
CA PRO J 14 -7.42 -5.95 20.39
C PRO J 14 -6.95 -7.39 20.26
N GLY J 15 -6.09 -7.66 19.28
CA GLY J 15 -5.60 -9.00 19.03
C GLY J 15 -6.46 -9.76 18.05
N GLY J 16 -7.55 -9.15 17.59
CA GLY J 16 -8.41 -9.77 16.59
C GLY J 16 -7.90 -9.41 15.22
N SER J 17 -8.58 -9.85 14.18
CA SER J 17 -8.19 -9.46 12.84
C SER J 17 -9.35 -9.06 11.96
N LEU J 18 -9.04 -8.37 10.88
CA LEU J 18 -10.05 -7.79 10.01
C LEU J 18 -9.49 -7.87 8.61
N ARG J 19 -10.36 -7.91 7.62
CA ARG J 19 -9.85 -7.76 6.26
C ARG J 19 -10.49 -6.67 5.38
N LEU J 20 -9.69 -5.68 5.02
CA LEU J 20 -10.15 -4.59 4.14
C LEU J 20 -10.07 -4.93 2.64
N SER J 21 -11.04 -4.48 1.88
CA SER J 21 -10.93 -4.58 0.44
C SER J 21 -11.14 -3.22 -0.13
N CYS J 22 -10.62 -2.99 -1.31
CA CYS J 22 -11.08 -1.82 -2.01
C CYS J 22 -11.23 -2.15 -3.47
N ALA J 23 -12.42 -1.93 -4.01
CA ALA J 23 -12.73 -2.17 -5.43
C ALA J 23 -12.37 -0.98 -6.32
N ALA J 24 -11.64 -1.25 -7.41
CA ALA J 24 -11.26 -0.21 -8.35
C ALA J 24 -12.03 -0.33 -9.63
N SER J 25 -12.34 0.80 -10.25
CA SER J 25 -12.89 0.79 -11.59
C SER J 25 -12.42 2.01 -12.37
N GLY J 26 -12.71 2.01 -13.67
CA GLY J 26 -12.45 3.15 -14.52
C GLY J 26 -11.01 3.38 -14.87
N PHE J 27 -10.15 2.42 -14.59
CA PHE J 27 -8.77 2.50 -15.05
C PHE J 27 -8.23 1.10 -15.15
N THR J 28 -7.15 0.89 -15.87
CA THR J 28 -6.70 -0.46 -15.97
C THR J 28 -5.83 -0.88 -14.78
N PHE J 29 -6.47 -1.60 -13.86
CA PHE J 29 -5.97 -1.90 -12.53
C PHE J 29 -4.52 -2.40 -12.43
N SER J 30 -4.17 -3.35 -13.29
CA SER J 30 -2.83 -3.98 -13.20
C SER J 30 -1.72 -3.13 -13.84
N ASN J 31 -2.07 -1.89 -14.13
CA ASN J 31 -1.11 -0.96 -14.65
C ASN J 31 -0.60 -0.01 -13.56
N TYR J 32 -1.19 -0.01 -12.37
CA TYR J 32 -0.79 0.91 -11.29
C TYR J 32 -0.40 0.24 -9.95
N THR J 33 0.48 0.88 -9.17
CA THR J 33 0.67 0.47 -7.77
C THR J 33 -0.46 1.03 -6.87
N LEU J 34 -0.89 0.28 -5.87
CA LEU J 34 -1.92 0.79 -4.95
C LEU J 34 -1.37 0.87 -3.53
N ASN J 35 -1.95 1.74 -2.74
CA ASN J 35 -1.45 1.93 -1.38
C ASN J 35 -2.59 1.94 -0.44
N TRP J 36 -2.29 1.59 0.81
CA TRP J 36 -3.19 1.94 1.86
C TRP J 36 -2.54 3.10 2.56
N VAL J 37 -3.32 4.11 2.91
CA VAL J 37 -2.87 5.14 3.83
C VAL J 37 -3.98 5.21 4.87
N ARG J 38 -3.64 5.60 6.10
CA ARG J 38 -4.65 5.61 7.15
C ARG J 38 -4.55 6.86 7.98
N GLN J 39 -5.58 7.09 8.80
CA GLN J 39 -5.69 8.33 9.57
C GLN J 39 -6.52 8.20 10.84
N ALA J 40 -5.87 8.26 11.98
CA ALA J 40 -6.58 8.22 13.25
C ALA J 40 -7.36 9.49 13.45
N PRO J 41 -8.55 9.37 14.07
CA PRO J 41 -9.42 10.51 14.36
C PRO J 41 -8.62 11.76 14.73
N GLY J 42 -8.81 12.85 14.01
CA GLY J 42 -8.14 14.09 14.37
C GLY J 42 -6.63 14.14 14.19
N LYS J 43 -6.03 13.06 13.72
CA LYS J 43 -4.61 13.04 13.51
C LYS J 43 -4.28 13.14 12.01
N GLY J 44 -3.01 12.93 11.68
CA GLY J 44 -2.52 13.09 10.32
C GLY J 44 -2.57 11.83 9.50
N LEU J 45 -2.10 11.96 8.27
CA LEU J 45 -2.04 10.84 7.37
C LEU J 45 -0.82 10.01 7.70
N GLU J 46 -0.97 8.69 7.66
CA GLU J 46 0.15 7.75 7.84
C GLU J 46 0.15 6.67 6.76
N TRP J 47 1.19 6.66 5.92
CA TRP J 47 1.33 5.63 4.91
C TRP J 47 1.49 4.31 5.58
N VAL J 48 0.87 3.28 5.00
CA VAL J 48 0.80 1.95 5.62
C VAL J 48 1.44 0.89 4.78
N SER J 49 1.15 0.89 3.47
CA SER J 49 1.69 -0.16 2.59
C SER J 49 1.53 0.09 1.05
N TYR J 50 2.34 -0.58 0.23
CA TYR J 50 2.11 -0.55 -1.24
C TYR J 50 2.30 -1.93 -1.84
N THR J 51 1.64 -2.21 -2.96
CA THR J 51 1.96 -3.36 -3.84
C THR J 51 2.17 -2.82 -5.21
N SER J 52 3.27 -3.16 -5.86
CA SER J 52 3.47 -2.80 -7.27
C SER J 52 2.36 -3.29 -8.20
N SER J 53 2.32 -2.77 -9.40
CA SER J 53 1.31 -3.19 -10.38
C SER J 53 1.14 -4.69 -10.54
N SER J 54 2.24 -5.42 -10.63
CA SER J 54 2.13 -6.88 -10.71
C SER J 54 1.99 -7.52 -9.36
N GLY J 55 2.16 -6.73 -8.30
CA GLY J 55 2.05 -7.25 -6.93
C GLY J 55 3.24 -8.09 -6.44
N SER J 56 4.30 -8.18 -7.23
CA SER J 56 5.48 -8.92 -6.80
C SER J 56 6.34 -8.13 -5.81
N LEU J 57 6.16 -6.81 -5.78
CA LEU J 57 6.88 -5.93 -4.85
C LEU J 57 5.88 -5.38 -3.87
N THR J 58 6.31 -5.22 -2.62
CA THR J 58 5.37 -5.01 -1.54
C THR J 58 6.17 -4.35 -0.46
N GLY J 59 5.55 -3.50 0.37
CA GLY J 59 6.27 -2.68 1.34
C GLY J 59 5.37 -2.17 2.45
N TYR J 60 5.95 -1.97 3.64
CA TYR J 60 5.16 -1.75 4.86
C TYR J 60 5.78 -0.72 5.77
N ALA J 61 4.96 -0.05 6.55
CA ALA J 61 5.46 0.88 7.53
C ALA J 61 5.99 0.10 8.71
N ASP J 62 7.08 0.54 9.31
CA ASP J 62 7.58 -0.19 10.49
C ASP J 62 6.45 -0.55 11.47
N SER J 63 5.47 0.35 11.64
CA SER J 63 4.40 0.15 12.63
C SER J 63 3.41 -0.94 12.31
N VAL J 64 3.43 -1.51 11.10
CA VAL J 64 2.55 -2.65 10.75
C VAL J 64 3.25 -3.86 10.10
N LYS J 65 4.52 -3.72 9.72
CA LYS J 65 5.32 -4.83 9.20
C LYS J 65 5.02 -6.10 10.00
N GLY J 66 4.66 -7.18 9.30
CA GLY J 66 4.51 -8.51 9.89
C GLY J 66 3.15 -8.81 10.49
N ARG J 67 2.35 -7.77 10.72
CA ARG J 67 1.03 -7.95 11.28
C ARG J 67 0.00 -7.77 10.18
N PHE J 68 0.37 -6.94 9.21
CA PHE J 68 -0.53 -6.57 8.12
C PHE J 68 0.04 -7.15 6.86
N THR J 69 -0.81 -7.64 5.96
CA THR J 69 -0.34 -8.16 4.67
C THR J 69 -1.17 -7.53 3.57
N ILE J 70 -0.51 -6.83 2.67
CA ILE J 70 -1.16 -6.31 1.49
C ILE J 70 -1.12 -7.37 0.42
N SER J 71 -2.09 -7.31 -0.50
CA SER J 71 -2.13 -8.13 -1.71
C SER J 71 -3.13 -7.52 -2.69
N ARG J 72 -3.14 -8.02 -3.90
CA ARG J 72 -4.10 -7.58 -4.85
C ARG J 72 -4.58 -8.70 -5.73
N ASP J 73 -5.75 -8.53 -6.32
CA ASP J 73 -6.23 -9.56 -7.23
C ASP J 73 -6.49 -8.86 -8.54
N ASN J 74 -5.61 -9.04 -9.51
CA ASN J 74 -5.79 -8.42 -10.80
C ASN J 74 -6.90 -9.02 -11.66
N SER J 75 -7.40 -10.22 -11.32
CA SER J 75 -8.63 -10.80 -11.93
C SER J 75 -9.92 -10.04 -11.59
N LYS J 76 -10.26 -10.02 -10.30
CA LYS J 76 -11.27 -9.13 -9.80
C LYS J 76 -10.48 -7.84 -9.94
N ASN J 77 -10.95 -6.73 -9.41
CA ASN J 77 -10.14 -5.52 -9.51
C ASN J 77 -10.01 -4.96 -8.13
N THR J 78 -9.47 -5.77 -7.24
CA THR J 78 -9.54 -5.48 -5.83
C THR J 78 -8.16 -5.48 -5.18
N LEU J 79 -7.99 -4.59 -4.23
CA LEU J 79 -6.83 -4.59 -3.41
C LEU J 79 -7.28 -5.07 -2.03
N TYR J 80 -6.36 -5.67 -1.28
CA TYR J 80 -6.70 -6.13 0.06
C TYR J 80 -5.65 -5.71 1.09
N LEU J 81 -6.09 -5.65 2.34
CA LEU J 81 -5.19 -5.52 3.45
C LEU J 81 -5.66 -6.49 4.56
N GLN J 82 -4.92 -7.58 4.76
CA GLN J 82 -5.19 -8.44 5.88
C GLN J 82 -4.46 -7.90 7.13
N MET J 83 -5.21 -7.61 8.18
CA MET J 83 -4.67 -6.99 9.38
C MET J 83 -4.78 -7.96 10.54
N ASN J 84 -3.66 -8.42 11.08
CA ASN J 84 -3.75 -9.30 12.26
C ASN J 84 -3.15 -8.64 13.48
N SER J 85 -3.33 -9.28 14.63
CA SER J 85 -2.81 -8.75 15.88
C SER J 85 -3.07 -7.26 16.05
N LEU J 86 -4.33 -6.85 15.87
CA LEU J 86 -4.70 -5.44 15.96
C LEU J 86 -4.49 -4.83 17.35
N ARG J 87 -4.12 -3.56 17.34
CA ARG J 87 -3.86 -2.77 18.53
C ARG J 87 -4.80 -1.58 18.51
N ALA J 88 -5.03 -0.97 19.68
CA ALA J 88 -5.74 0.28 19.73
C ALA J 88 -5.12 1.30 18.75
N GLU J 89 -3.79 1.28 18.64
CA GLU J 89 -3.06 2.25 17.81
C GLU J 89 -3.45 2.14 16.34
N ASP J 90 -4.01 1.00 15.95
CA ASP J 90 -4.37 0.77 14.57
C ASP J 90 -5.71 1.37 14.23
N THR J 91 -6.43 1.87 15.23
CA THR J 91 -7.73 2.39 14.89
C THR J 91 -7.62 3.65 14.04
N ALA J 92 -8.22 3.61 12.87
CA ALA J 92 -8.15 4.76 11.97
C ALA J 92 -9.15 4.59 10.81
N VAL J 93 -9.30 5.62 9.98
CA VAL J 93 -9.97 5.48 8.71
C VAL J 93 -8.93 5.00 7.68
N TYR J 94 -9.23 3.94 6.93
CA TYR J 94 -8.24 3.38 6.00
C TYR J 94 -8.60 3.69 4.56
N TYR J 95 -7.65 4.27 3.82
CA TYR J 95 -7.82 4.72 2.42
C TYR J 95 -7.04 3.88 1.43
N CYS J 96 -7.67 3.42 0.34
CA CYS J 96 -6.80 2.98 -0.74
C CYS J 96 -6.48 4.14 -1.68
N ALA J 97 -5.23 4.15 -2.16
CA ALA J 97 -4.78 5.24 -3.01
C ALA J 97 -4.01 4.74 -4.21
N ARG J 98 -4.30 5.33 -5.37
CA ARG J 98 -3.58 4.98 -6.55
C ARG J 98 -2.27 5.76 -6.65
N GLU J 99 -1.16 5.08 -6.92
CA GLU J 99 0.12 5.74 -7.15
C GLU J 99 0.26 6.02 -8.64
N ARG J 100 0.69 7.22 -8.98
CA ARG J 100 1.06 7.51 -10.36
C ARG J 100 2.36 8.33 -10.34
N TRP J 101 3.16 8.27 -11.39
CA TRP J 101 4.45 8.97 -11.40
C TRP J 101 4.60 9.82 -12.63
N HIS J 102 5.19 10.98 -12.44
CA HIS J 102 5.62 11.79 -13.58
C HIS J 102 7.14 11.64 -13.54
N VAL J 103 7.86 12.60 -12.97
CA VAL J 103 9.25 12.33 -12.56
C VAL J 103 9.33 11.41 -11.33
N ARG J 104 8.49 11.67 -10.31
CA ARG J 104 8.37 10.79 -9.14
C ARG J 104 6.91 10.59 -8.73
N GLY J 105 6.66 9.67 -7.79
CA GLY J 105 5.31 9.29 -7.43
C GLY J 105 4.45 10.27 -6.66
N TYR J 106 3.13 10.10 -6.79
CA TYR J 106 2.12 10.82 -6.05
C TYR J 106 0.84 10.01 -6.08
N PHE J 107 -0.02 10.24 -5.08
CA PHE J 107 -1.30 9.53 -4.96
C PHE J 107 -2.38 10.35 -5.60
N ASP J 108 -2.80 9.97 -6.80
CA ASP J 108 -3.65 10.85 -7.60
C ASP J 108 -5.11 10.61 -7.44
N HIS J 109 -5.44 9.50 -6.77
CA HIS J 109 -6.82 9.10 -6.46
C HIS J 109 -6.92 8.30 -5.15
N TRP J 110 -7.89 8.72 -4.34
CA TRP J 110 -8.12 8.16 -3.04
C TRP J 110 -9.57 7.72 -2.96
N GLY J 111 -9.86 6.58 -2.35
CA GLY J 111 -11.23 6.24 -1.94
C GLY J 111 -11.68 7.10 -0.78
N GLN J 112 -12.88 6.92 -0.27
CA GLN J 112 -13.39 7.81 0.77
C GLN J 112 -13.20 7.15 2.12
N GLY J 113 -12.57 5.96 2.08
CA GLY J 113 -12.12 5.22 3.28
C GLY J 113 -13.13 4.40 4.09
N THR J 114 -12.65 3.39 4.83
CA THR J 114 -13.48 2.66 5.83
C THR J 114 -12.88 2.83 7.19
N LEU J 115 -13.76 2.83 8.21
CA LEU J 115 -13.39 3.00 9.62
C LEU J 115 -13.04 1.65 10.22
N VAL J 116 -11.87 1.56 10.82
CA VAL J 116 -11.54 0.38 11.61
C VAL J 116 -11.39 0.86 13.05
N THR J 117 -12.19 0.36 13.96
CA THR J 117 -11.96 0.78 15.34
C THR J 117 -11.67 -0.41 16.25
N VAL J 118 -10.53 -0.32 16.94
CA VAL J 118 -10.06 -1.44 17.75
C VAL J 118 -10.11 -1.02 19.20
N SER J 119 -10.93 -1.70 20.00
CA SER J 119 -11.12 -1.32 21.39
C SER J 119 -11.70 -2.45 22.25
N SER J 120 -11.16 -2.61 23.44
CA SER J 120 -11.67 -3.64 24.29
C SER J 120 -12.62 -3.04 25.30
N ALA J 121 -12.92 -1.76 25.14
CA ALA J 121 -13.87 -1.06 25.99
C ALA J 121 -15.25 -1.67 25.95
N SER J 122 -15.85 -1.84 27.12
CA SER J 122 -17.25 -2.25 27.18
C SER J 122 -17.96 -1.31 28.13
N THR J 123 -19.28 -1.46 28.26
CA THR J 123 -20.03 -0.51 29.02
C THR J 123 -19.44 -0.35 30.40
N LYS J 124 -19.16 0.90 30.75
CA LYS J 124 -18.72 1.23 32.10
C LYS J 124 -19.29 2.58 32.48
N GLY J 125 -19.83 2.68 33.69
CA GLY J 125 -20.30 3.96 34.24
C GLY J 125 -19.19 4.85 34.78
N PRO J 126 -19.35 6.17 34.68
CA PRO J 126 -18.29 7.10 35.05
C PRO J 126 -18.09 7.29 36.54
N SER J 127 -16.88 7.67 36.93
CA SER J 127 -16.63 8.17 38.27
C SER J 127 -16.81 9.68 38.20
N VAL J 128 -17.43 10.28 39.19
CA VAL J 128 -17.67 11.70 39.15
C VAL J 128 -16.95 12.38 40.28
N PHE J 129 -16.13 13.37 39.93
CA PHE J 129 -15.33 14.08 40.91
C PHE J 129 -15.59 15.57 40.83
N PRO J 130 -15.55 16.27 41.98
CA PRO J 130 -15.81 17.70 42.02
C PRO J 130 -14.59 18.52 41.61
N LEU J 131 -14.79 19.53 40.77
CA LEU J 131 -13.73 20.47 40.50
C LEU J 131 -13.95 21.73 41.33
N ALA J 132 -13.20 21.85 42.41
CA ALA J 132 -13.42 22.86 43.43
C ALA J 132 -13.06 24.27 42.99
N PRO J 133 -13.95 25.24 43.28
CA PRO J 133 -13.57 26.59 42.95
C PRO J 133 -12.42 26.94 43.86
N SER J 134 -11.28 27.25 43.25
CA SER J 134 -10.13 27.79 43.98
C SER J 134 -10.09 29.32 43.88
N SER J 135 -9.84 29.99 45.00
CA SER J 135 -9.71 31.44 44.98
C SER J 135 -8.46 31.83 44.17
N THR J 142 -15.70 36.82 40.08
CA THR J 142 -16.39 35.64 39.53
C THR J 142 -15.49 34.40 39.53
N ALA J 143 -16.05 33.23 39.89
CA ALA J 143 -15.27 32.01 40.05
C ALA J 143 -15.75 30.85 39.17
N ALA J 144 -14.86 29.88 38.94
CA ALA J 144 -15.21 28.70 38.14
C ALA J 144 -15.08 27.34 38.88
N LEU J 145 -16.07 26.47 38.67
CA LEU J 145 -16.13 25.19 39.37
C LEU J 145 -16.76 24.16 38.44
N GLY J 146 -16.53 22.87 38.69
CA GLY J 146 -17.10 21.88 37.78
C GLY J 146 -17.16 20.45 38.25
N CYS J 147 -17.43 19.54 37.33
CA CYS J 147 -17.35 18.11 37.58
C CYS J 147 -16.52 17.44 36.53
N LEU J 148 -15.66 16.56 36.99
CA LEU J 148 -14.91 15.73 36.10
C LEU J 148 -15.65 14.40 36.06
N VAL J 149 -16.23 14.05 34.92
CA VAL J 149 -16.86 12.73 34.76
C VAL J 149 -15.87 11.84 34.01
N LYS J 150 -15.35 10.85 34.72
CA LYS J 150 -14.13 10.19 34.31
C LYS J 150 -14.40 8.73 33.94
N ASP J 151 -13.90 8.32 32.78
CA ASP J 151 -13.81 6.92 32.35
C ASP J 151 -15.13 6.21 32.06
N TYR J 152 -15.91 6.69 31.11
CA TYR J 152 -17.19 6.03 30.81
C TYR J 152 -17.23 5.54 29.37
N PHE J 153 -18.09 4.56 29.11
CA PHE J 153 -18.32 4.05 27.76
C PHE J 153 -19.66 3.33 27.78
N PRO J 154 -20.48 3.51 26.73
CA PRO J 154 -20.12 4.39 25.63
C PRO J 154 -20.78 5.79 25.76
N GLU J 155 -20.58 6.61 24.73
CA GLU J 155 -21.19 7.91 24.61
C GLU J 155 -22.71 7.71 24.58
N PRO J 156 -23.49 8.65 25.09
CA PRO J 156 -23.28 9.99 25.62
C PRO J 156 -23.54 10.10 27.12
N VAL J 157 -23.35 11.29 27.67
CA VAL J 157 -23.66 11.55 29.07
C VAL J 157 -24.33 12.91 29.26
N THR J 158 -25.41 12.97 30.01
CA THR J 158 -25.95 14.28 30.30
C THR J 158 -25.43 14.78 31.65
N VAL J 159 -24.98 16.03 31.69
CA VAL J 159 -24.74 16.71 32.95
C VAL J 159 -25.59 17.95 32.99
N SER J 160 -26.35 18.12 34.05
CA SER J 160 -27.03 19.38 34.28
C SER J 160 -26.53 19.92 35.61
N TRP J 161 -26.91 21.14 35.96
CA TRP J 161 -26.52 21.65 37.26
C TRP J 161 -27.75 22.01 38.08
N ASN J 162 -27.71 21.72 39.37
CA ASN J 162 -28.83 21.95 40.27
C ASN J 162 -30.17 21.53 39.67
N SER J 163 -30.21 20.30 39.19
CA SER J 163 -31.44 19.74 38.63
C SER J 163 -32.05 20.56 37.48
N GLY J 164 -31.19 21.18 36.67
CA GLY J 164 -31.63 21.91 35.48
C GLY J 164 -31.87 23.38 35.76
N ALA J 165 -31.89 23.73 37.05
CA ALA J 165 -32.17 25.10 37.51
C ALA J 165 -31.00 26.03 37.22
N LEU J 166 -29.79 25.52 37.37
CA LEU J 166 -28.61 26.29 37.00
C LEU J 166 -28.19 26.00 35.55
N THR J 167 -28.41 26.97 34.70
CA THR J 167 -28.29 26.77 33.26
C THR J 167 -27.29 27.78 32.69
N SER J 168 -27.31 29.00 33.21
CA SER J 168 -26.50 30.09 32.66
C SER J 168 -25.03 30.04 33.08
N GLY J 169 -24.12 30.32 32.14
CA GLY J 169 -22.67 30.26 32.39
C GLY J 169 -22.12 28.84 32.42
N VAL J 170 -22.94 27.89 31.98
CA VAL J 170 -22.56 26.47 31.98
C VAL J 170 -21.84 26.08 30.70
N HIS J 171 -20.66 25.50 30.84
CA HIS J 171 -19.93 25.00 29.69
C HIS J 171 -19.60 23.52 29.86
N THR J 172 -20.32 22.65 29.16
CA THR J 172 -20.00 21.23 29.20
C THR J 172 -19.20 20.92 27.94
N PHE J 173 -17.96 20.47 28.12
CA PHE J 173 -17.07 20.26 26.99
C PHE J 173 -17.30 18.90 26.34
N PRO J 174 -17.14 18.83 25.02
CA PRO J 174 -17.02 17.52 24.37
C PRO J 174 -15.95 16.65 25.07
N ALA J 175 -16.11 15.33 24.99
CA ALA J 175 -15.27 14.37 25.71
C ALA J 175 -14.05 13.94 24.92
N VAL J 176 -12.98 13.56 25.61
CA VAL J 176 -11.82 12.96 24.94
C VAL J 176 -12.11 11.50 24.81
N LEU J 177 -11.59 10.93 23.72
CA LEU J 177 -11.59 9.50 23.56
C LEU J 177 -10.18 9.06 23.91
N GLN J 178 -10.02 8.54 25.13
CA GLN J 178 -8.69 8.18 25.63
C GLN J 178 -8.12 6.93 24.94
N SER J 179 -6.77 6.83 24.90
CA SER J 179 -6.12 5.57 24.51
C SER J 179 -6.96 4.38 24.94
N SER J 180 -7.35 4.38 26.22
CA SER J 180 -7.94 3.20 26.84
C SER J 180 -9.25 2.82 26.18
N GLY J 181 -9.75 3.67 25.29
CA GLY J 181 -11.01 3.42 24.61
C GLY J 181 -12.21 3.93 25.39
N LEU J 182 -11.95 4.46 26.59
CA LEU J 182 -13.02 5.04 27.44
C LEU J 182 -13.06 6.56 27.26
N TYR J 183 -14.27 7.12 27.34
CA TYR J 183 -14.46 8.57 27.34
C TYR J 183 -14.32 9.28 28.72
N SER J 184 -13.98 10.57 28.67
CA SER J 184 -14.06 11.49 29.82
C SER J 184 -14.45 12.85 29.30
N LEU J 185 -15.17 13.60 30.11
CA LEU J 185 -15.47 15.00 29.83
C LEU J 185 -15.54 15.83 31.12
N SER J 186 -15.50 17.15 30.98
CA SER J 186 -15.75 18.04 32.10
C SER J 186 -16.83 19.06 31.79
N SER J 187 -17.53 19.46 32.85
CA SER J 187 -18.55 20.50 32.77
C SER J 187 -18.22 21.56 33.84
N VAL J 188 -17.92 22.77 33.42
CA VAL J 188 -17.62 23.84 34.38
C VAL J 188 -18.63 24.97 34.30
N VAL J 189 -18.92 25.58 35.44
CA VAL J 189 -19.88 26.67 35.48
C VAL J 189 -19.25 27.92 36.08
N THR J 190 -19.65 29.07 35.56
CA THR J 190 -19.11 30.33 36.02
C THR J 190 -20.07 31.07 36.93
N VAL J 191 -19.53 31.57 38.02
CA VAL J 191 -20.35 31.84 39.16
C VAL J 191 -19.82 33.04 39.94
N PRO J 192 -20.73 33.89 40.42
CA PRO J 192 -20.36 34.98 41.33
C PRO J 192 -19.61 34.46 42.58
N SER J 193 -18.42 34.99 42.80
CA SER J 193 -17.58 34.56 43.94
C SER J 193 -18.08 34.96 45.36
N SER J 194 -19.06 35.87 45.42
CA SER J 194 -19.69 36.18 46.72
C SER J 194 -20.74 35.11 47.08
N SER J 195 -21.07 34.25 46.12
CA SER J 195 -22.23 33.39 46.20
C SER J 195 -22.05 32.10 47.01
N LEU J 196 -20.81 31.76 47.34
CA LEU J 196 -20.53 30.40 47.82
C LEU J 196 -20.95 30.07 49.26
N GLY J 197 -20.69 31.00 50.17
CA GLY J 197 -21.14 30.79 51.54
C GLY J 197 -22.63 30.55 51.55
N THR J 198 -23.28 30.90 50.43
CA THR J 198 -24.73 30.95 50.34
C THR J 198 -25.31 29.96 49.35
N GLN J 199 -24.60 29.75 48.25
CA GLN J 199 -25.14 29.04 47.09
C GLN J 199 -24.59 27.60 46.95
N THR J 200 -25.51 26.66 46.78
CA THR J 200 -25.18 25.24 46.69
C THR J 200 -25.09 24.80 45.23
N TYR J 201 -23.96 24.21 44.83
CA TYR J 201 -23.81 23.81 43.45
C TYR J 201 -23.66 22.31 43.30
N ILE J 202 -24.59 21.67 42.62
CA ILE J 202 -24.54 20.24 42.45
C ILE J 202 -24.51 19.88 40.97
N CYS J 203 -23.70 18.90 40.59
CA CYS J 203 -23.77 18.44 39.22
C CYS J 203 -24.48 17.10 39.13
N ASN J 204 -25.28 16.96 38.08
CA ASN J 204 -26.16 15.81 37.88
C ASN J 204 -25.69 15.05 36.67
N VAL J 205 -24.99 13.95 36.92
CA VAL J 205 -24.44 13.17 35.86
C VAL J 205 -25.35 11.95 35.61
N ASN J 206 -25.75 11.75 34.36
CA ASN J 206 -26.53 10.59 34.01
C ASN J 206 -25.86 9.87 32.85
N HIS J 207 -25.48 8.60 33.08
CA HIS J 207 -24.96 7.72 32.06
C HIS J 207 -26.03 6.64 31.85
N LYS J 208 -26.79 6.73 30.76
CA LYS J 208 -27.89 5.80 30.63
C LYS J 208 -27.49 4.38 30.38
N PRO J 209 -26.53 4.14 29.49
CA PRO J 209 -26.26 2.74 29.16
C PRO J 209 -25.85 1.89 30.36
N SER J 210 -25.40 2.51 31.44
CA SER J 210 -24.91 1.74 32.58
C SER J 210 -25.72 2.01 33.83
N ASN J 211 -26.93 2.52 33.64
CA ASN J 211 -27.80 2.85 34.74
C ASN J 211 -27.11 3.66 35.80
N THR J 212 -26.27 4.59 35.40
CA THR J 212 -25.49 5.39 36.34
C THR J 212 -25.99 6.82 36.51
N LYS J 213 -26.46 7.12 37.71
CA LYS J 213 -26.87 8.47 38.07
C LYS J 213 -26.15 8.95 39.32
N VAL J 214 -25.39 10.02 39.17
CA VAL J 214 -24.61 10.54 40.27
C VAL J 214 -24.89 12.05 40.44
N ASP J 215 -25.10 12.47 41.68
CA ASP J 215 -25.19 13.89 42.02
C ASP J 215 -23.98 14.26 42.89
N LYS J 216 -23.06 15.07 42.40
CA LYS J 216 -21.89 15.37 43.21
C LYS J 216 -22.02 16.76 43.75
N LYS J 217 -21.78 16.89 45.05
CA LYS J 217 -21.80 18.19 45.67
C LYS J 217 -20.43 18.82 45.46
N VAL J 218 -20.38 19.96 44.77
CA VAL J 218 -19.12 20.68 44.54
C VAL J 218 -18.86 21.75 45.60
N GLU J 219 -17.94 21.50 46.54
CA GLU J 219 -17.70 22.45 47.64
C GLU J 219 -16.42 23.26 47.48
N PRO J 220 -16.48 24.56 47.81
CA PRO J 220 -15.37 25.49 47.96
C PRO J 220 -14.26 25.03 48.92
N LYS J 221 -13.01 25.04 48.48
CA LYS J 221 -11.87 24.78 49.39
C LYS J 221 -10.72 25.76 49.14
N ILE K 2 13.49 12.00 5.60
CA ILE K 2 12.99 10.97 6.57
C ILE K 2 11.92 11.53 7.54
N GLU K 3 11.80 12.85 7.66
CA GLU K 3 10.82 13.39 8.60
C GLU K 3 10.42 14.82 8.29
N LEU K 4 9.15 15.00 7.92
CA LEU K 4 8.69 16.29 7.42
C LEU K 4 8.02 17.14 8.51
N THR K 5 8.40 18.40 8.61
CA THR K 5 7.87 19.24 9.67
C THR K 5 7.04 20.40 9.12
N GLN K 6 5.76 20.44 9.51
CA GLN K 6 4.82 21.53 9.10
C GLN K 6 4.30 22.24 10.34
N PRO K 7 4.06 23.57 10.22
CA PRO K 7 3.47 24.27 11.35
C PRO K 7 2.07 23.77 11.52
N PRO K 8 1.60 23.62 12.76
CA PRO K 8 0.29 22.98 12.97
C PRO K 8 -0.85 23.82 12.41
N SER K 9 -0.68 25.14 12.33
CA SER K 9 -1.75 25.96 11.80
C SER K 9 -1.31 27.30 11.20
N VAL K 10 -2.04 27.76 10.20
CA VAL K 10 -1.67 28.96 9.48
C VAL K 10 -2.98 29.61 9.10
N SER K 11 -3.05 30.94 9.19
CA SER K 11 -4.27 31.67 8.94
C SER K 11 -3.99 32.93 8.12
N VAL K 12 -4.97 33.29 7.29
CA VAL K 12 -4.88 34.42 6.35
C VAL K 12 -6.17 35.23 6.28
N ALA K 13 -6.04 36.52 6.00
CA ALA K 13 -7.22 37.31 5.76
C ALA K 13 -7.74 37.00 4.35
N PRO K 14 -9.06 37.10 4.16
CA PRO K 14 -9.59 36.78 2.85
C PRO K 14 -8.88 37.60 1.80
N GLY K 15 -8.42 36.94 0.76
CA GLY K 15 -7.75 37.64 -0.34
C GLY K 15 -6.24 37.55 -0.28
N GLN K 16 -5.70 37.39 0.91
CA GLN K 16 -4.25 37.44 1.03
C GLN K 16 -3.60 36.14 0.66
N THR K 17 -2.29 36.13 0.53
CA THR K 17 -1.59 34.95 0.10
C THR K 17 -1.31 34.10 1.32
N ALA K 18 -1.44 32.78 1.19
CA ALA K 18 -1.10 31.89 2.28
C ALA K 18 0.14 31.11 1.93
N ARG K 19 1.04 31.00 2.90
CA ARG K 19 2.25 30.21 2.72
C ARG K 19 2.32 29.08 3.75
N ILE K 20 2.32 27.83 3.28
CA ILE K 20 2.47 26.69 4.18
C ILE K 20 3.79 25.98 3.96
N SER K 21 4.60 25.88 5.02
CA SER K 21 5.95 25.36 4.87
C SER K 21 6.06 23.89 5.31
N CYS K 22 7.12 23.24 4.82
CA CYS K 22 7.34 21.83 5.02
C CYS K 22 8.84 21.64 4.96
N SER K 23 9.45 21.24 6.06
CA SER K 23 10.91 21.18 6.08
C SER K 23 11.46 19.89 6.67
N GLY K 24 12.65 19.48 6.21
CA GLY K 24 13.37 18.33 6.76
C GLY K 24 14.74 18.24 6.10
N ASP K 25 15.62 17.37 6.60
CA ASP K 25 16.98 17.24 6.06
C ASP K 25 17.04 17.03 4.55
N SER K 26 17.60 18.00 3.84
CA SER K 26 17.87 17.86 2.42
C SER K 26 16.60 17.68 1.65
N LEU K 27 15.51 18.22 2.15
CA LEU K 27 14.24 18.09 1.49
C LEU K 27 14.38 18.50 0.02
N GLY K 28 15.20 19.51 -0.24
CA GLY K 28 15.35 20.05 -1.57
C GLY K 28 16.05 19.13 -2.53
N SER K 29 16.47 17.95 -2.07
CA SER K 29 16.99 16.94 -2.99
C SER K 29 15.95 15.83 -3.17
N LYS K 30 14.74 16.08 -2.67
CA LYS K 30 13.61 15.17 -2.81
C LYS K 30 12.38 15.87 -3.40
N TYR K 31 11.59 15.12 -4.16
CA TYR K 31 10.39 15.68 -4.73
C TYR K 31 9.25 15.64 -3.72
N VAL K 32 8.59 16.77 -3.53
CA VAL K 32 7.54 16.92 -2.55
C VAL K 32 6.16 17.03 -3.19
N ILE K 33 5.17 16.48 -2.51
CA ILE K 33 3.82 16.33 -3.04
C ILE K 33 2.86 16.93 -2.03
N TRP K 34 1.77 17.57 -2.47
CA TRP K 34 0.89 18.17 -1.46
C TRP K 34 -0.55 17.76 -1.62
N TYR K 35 -1.20 17.51 -0.48
CA TYR K 35 -2.62 17.21 -0.50
C TYR K 35 -3.44 18.21 0.30
N GLN K 36 -4.62 18.51 -0.21
CA GLN K 36 -5.59 19.28 0.49
C GLN K 36 -6.68 18.34 1.01
N GLN K 37 -7.11 18.51 2.26
CA GLN K 37 -8.16 17.66 2.81
C GLN K 37 -9.20 18.39 3.62
N LYS K 38 -10.44 18.32 3.19
CA LYS K 38 -11.53 18.97 3.88
C LYS K 38 -12.26 18.00 4.79
N PRO K 39 -12.82 18.50 5.91
CA PRO K 39 -13.54 17.70 6.90
C PRO K 39 -14.46 16.69 6.25
N GLY K 40 -14.40 15.44 6.70
CA GLY K 40 -15.28 14.42 6.17
C GLY K 40 -14.93 13.76 4.85
N GLN K 41 -13.75 14.04 4.30
CA GLN K 41 -13.41 13.50 2.99
C GLN K 41 -11.94 13.20 2.70
N ALA K 42 -11.71 12.53 1.59
CA ALA K 42 -10.41 11.98 1.28
C ALA K 42 -9.48 13.10 0.88
N PRO K 43 -8.18 12.91 1.09
CA PRO K 43 -7.30 13.95 0.65
C PRO K 43 -7.35 14.09 -0.88
N VAL K 44 -6.90 15.22 -1.40
CA VAL K 44 -7.01 15.53 -2.81
C VAL K 44 -5.65 16.04 -3.24
N LEU K 45 -5.11 15.48 -4.32
CA LEU K 45 -3.85 15.93 -4.91
C LEU K 45 -3.88 17.40 -5.38
N VAL K 46 -3.01 18.27 -4.86
CA VAL K 46 -2.97 19.66 -5.33
C VAL K 46 -1.64 20.05 -5.99
N ILE K 47 -0.53 19.40 -5.59
CA ILE K 47 0.74 19.65 -6.25
C ILE K 47 1.65 18.45 -6.22
N TYR K 48 2.31 18.15 -7.33
CA TYR K 48 2.87 16.81 -7.46
C TYR K 48 4.35 16.51 -7.69
N ASP K 49 5.04 17.13 -8.63
CA ASP K 49 6.51 16.97 -8.54
C ASP K 49 6.61 18.26 -7.83
N ASP K 50 7.75 18.84 -7.49
CA ASP K 50 7.61 19.87 -6.44
C ASP K 50 6.62 20.99 -6.70
N SER K 51 6.22 21.16 -7.97
CA SER K 51 5.40 22.30 -8.36
C SER K 51 4.50 22.13 -9.60
N ASN K 52 3.96 20.93 -9.86
CA ASN K 52 2.97 20.73 -10.96
C ASN K 52 1.59 20.73 -10.40
N ARG K 53 0.63 21.26 -11.14
CA ARG K 53 -0.74 21.23 -10.70
C ARG K 53 -1.50 20.25 -11.51
N PRO K 54 -2.19 19.34 -10.85
CA PRO K 54 -3.02 18.49 -11.68
C PRO K 54 -4.00 19.40 -12.40
N SER K 55 -4.27 19.13 -13.66
CA SER K 55 -5.30 19.86 -14.37
C SER K 55 -6.56 19.86 -13.47
N GLY K 56 -7.07 21.05 -13.16
CA GLY K 56 -8.32 21.11 -12.43
C GLY K 56 -8.17 21.62 -11.02
N ILE K 57 -6.93 21.77 -10.59
CA ILE K 57 -6.61 22.55 -9.40
C ILE K 57 -6.34 23.99 -9.87
N PRO K 58 -6.94 24.98 -9.23
CA PRO K 58 -6.80 26.37 -9.65
C PRO K 58 -5.36 26.93 -9.62
N GLU K 59 -5.02 27.81 -10.58
CA GLU K 59 -3.69 28.43 -10.71
C GLU K 59 -3.23 29.13 -9.45
N ARG K 60 -4.21 29.57 -8.66
CA ARG K 60 -4.02 30.09 -7.31
C ARG K 60 -3.00 29.27 -6.51
N PHE K 61 -3.02 27.94 -6.66
CA PHE K 61 -2.06 27.04 -5.99
C PHE K 61 -0.74 26.89 -6.73
N SER K 62 0.35 26.93 -5.99
CA SER K 62 1.67 26.67 -6.56
C SER K 62 2.52 26.20 -5.42
N GLY K 63 3.64 25.57 -5.76
CA GLY K 63 4.52 25.01 -4.76
C GLY K 63 5.95 25.19 -5.22
N SER K 64 6.87 25.30 -4.26
CA SER K 64 8.30 25.36 -4.58
C SER K 64 9.10 24.60 -3.52
N ASN K 65 10.34 24.29 -3.84
CA ASN K 65 11.16 23.47 -2.95
C ASN K 65 12.63 23.74 -3.13
N SER K 66 13.27 24.13 -2.05
CA SER K 66 14.72 24.27 -2.06
C SER K 66 15.26 24.30 -0.63
N GLY K 67 16.56 24.09 -0.49
CA GLY K 67 17.20 24.09 0.81
C GLY K 67 16.68 22.93 1.64
N ASN K 68 16.09 23.26 2.79
CA ASN K 68 15.47 22.24 3.61
C ASN K 68 13.97 22.44 3.62
N THR K 69 13.45 23.28 2.71
CA THR K 69 12.06 23.75 2.81
C THR K 69 11.21 23.73 1.55
N ALA K 70 10.03 23.17 1.68
CA ALA K 70 9.11 23.10 0.56
C ALA K 70 7.91 23.93 0.97
N THR K 71 7.35 24.70 0.04
CA THR K 71 6.31 25.67 0.37
C THR K 71 5.10 25.58 -0.55
N LEU K 72 3.90 25.46 0.05
CA LEU K 72 2.64 25.55 -0.68
C LEU K 72 2.12 26.97 -0.54
N THR K 73 1.88 27.60 -1.68
CA THR K 73 1.51 29.00 -1.75
C THR K 73 0.13 29.11 -2.41
N ILE K 74 -0.79 29.75 -1.72
CA ILE K 74 -2.15 29.90 -2.22
C ILE K 74 -2.36 31.39 -2.35
N SER K 75 -2.30 31.89 -3.57
CA SER K 75 -2.48 33.31 -3.78
C SER K 75 -3.97 33.65 -3.63
N GLY K 76 -4.27 34.92 -3.43
CA GLY K 76 -5.66 35.41 -3.22
C GLY K 76 -6.63 34.34 -2.76
N THR K 77 -6.59 33.97 -1.49
CA THR K 77 -7.27 32.77 -1.01
C THR K 77 -8.70 33.05 -0.61
N GLN K 78 -9.54 31.99 -0.66
CA GLN K 78 -10.98 32.10 -0.40
C GLN K 78 -11.48 31.16 0.68
N ALA K 79 -12.71 31.38 1.16
CA ALA K 79 -13.29 30.58 2.23
C ALA K 79 -13.20 29.10 1.93
N GLU K 80 -13.34 28.77 0.64
CA GLU K 80 -13.36 27.39 0.17
C GLU K 80 -11.98 26.75 0.23
N ASP K 81 -10.95 27.53 0.57
CA ASP K 81 -9.61 27.01 0.70
C ASP K 81 -9.33 26.46 2.08
N GLU K 82 -10.23 26.75 3.02
CA GLU K 82 -10.08 26.19 4.37
C GLU K 82 -10.00 24.68 4.38
N ALA K 83 -8.89 24.17 4.89
CA ALA K 83 -8.69 22.76 4.85
C ALA K 83 -7.42 22.39 5.59
N ASP K 84 -7.19 21.09 5.70
CA ASP K 84 -5.87 20.59 6.09
C ASP K 84 -5.00 20.34 4.85
N TYR K 85 -3.76 20.84 4.89
CA TYR K 85 -2.78 20.55 3.84
C TYR K 85 -1.62 19.72 4.36
N TYR K 86 -1.32 18.62 3.66
CA TYR K 86 -0.20 17.76 4.06
C TYR K 86 0.87 17.76 2.99
N CYS K 87 2.13 17.87 3.36
CA CYS K 87 3.18 17.54 2.42
C CYS K 87 3.60 16.08 2.59
N SER K 88 4.41 15.60 1.68
CA SER K 88 4.85 14.25 1.76
C SER K 88 5.99 14.07 0.82
N THR K 89 6.76 12.99 1.00
CA THR K 89 7.79 12.62 0.04
C THR K 89 8.10 11.10 0.13
N PHE K 90 8.80 10.57 -0.86
CA PHE K 90 9.15 9.18 -0.89
C PHE K 90 10.31 8.92 0.07
N THR K 91 10.07 8.02 1.03
CA THR K 91 11.07 7.50 1.98
C THR K 91 11.57 6.13 1.52
N MET K 92 12.78 5.74 1.92
CA MET K 92 13.29 4.44 1.52
C MET K 92 12.94 3.41 2.59
N SER K 93 12.05 3.82 3.50
CA SER K 93 11.67 3.00 4.69
C SER K 93 10.31 2.30 4.52
N GLY K 94 10.41 0.98 4.38
CA GLY K 94 9.44 0.19 3.66
C GLY K 94 9.23 0.68 2.21
N ASN K 95 10.19 1.44 1.68
CA ASN K 95 10.14 1.85 0.27
C ASN K 95 8.82 2.54 0.03
N GLY K 96 8.34 3.25 1.04
CA GLY K 96 7.06 3.94 0.96
C GLY K 96 7.11 5.45 0.90
N THR K 97 6.17 6.09 1.58
CA THR K 97 5.98 7.53 1.53
C THR K 97 5.84 8.09 2.93
N VAL K 98 6.30 9.30 3.16
CA VAL K 98 6.17 9.89 4.47
C VAL K 98 5.38 11.20 4.44
N PHE K 99 4.55 11.44 5.46
CA PHE K 99 3.68 12.62 5.42
C PHE K 99 4.11 13.62 6.45
N GLY K 100 3.93 14.90 6.15
CA GLY K 100 4.08 15.93 7.17
C GLY K 100 2.96 15.77 8.19
N GLY K 101 3.05 16.50 9.30
CA GLY K 101 2.03 16.34 10.34
C GLY K 101 0.76 17.01 9.87
N GLY K 102 0.85 17.73 8.74
CA GLY K 102 -0.28 18.48 8.19
C GLY K 102 -0.49 19.80 8.92
N THR K 103 -0.90 20.84 8.18
CA THR K 103 -1.28 22.12 8.75
C THR K 103 -2.72 22.58 8.39
N LYS K 104 -3.37 23.28 9.32
CA LYS K 104 -4.76 23.70 9.15
C LYS K 104 -4.83 25.15 8.72
N LEU K 105 -5.26 25.36 7.47
CA LEU K 105 -5.35 26.71 6.91
C LEU K 105 -6.70 27.30 7.24
N THR K 106 -6.72 28.37 8.03
CA THR K 106 -7.98 29.02 8.37
C THR K 106 -8.03 30.33 7.63
N VAL K 107 -9.17 30.62 7.02
CA VAL K 107 -9.34 31.88 6.34
C VAL K 107 -10.20 32.75 7.21
N LEU K 108 -9.52 33.60 7.97
CA LEU K 108 -10.12 34.49 8.97
C LEU K 108 -11.46 35.11 8.60
N GLY K 109 -12.53 34.63 9.21
CA GLY K 109 -13.87 35.17 8.97
C GLY K 109 -14.36 36.01 10.12
N GLN K 110 -13.50 36.20 11.12
CA GLN K 110 -13.82 37.05 12.28
C GLN K 110 -12.51 37.51 12.93
N PRO K 111 -12.60 38.43 13.91
CA PRO K 111 -11.37 38.80 14.60
C PRO K 111 -10.77 37.61 15.40
N LYS K 112 -9.47 37.48 15.26
CA LYS K 112 -8.67 36.52 15.97
C LYS K 112 -8.75 36.76 17.49
N ALA K 113 -8.87 35.67 18.25
CA ALA K 113 -9.15 35.75 19.68
C ALA K 113 -8.38 34.67 20.46
N ALA K 114 -7.69 35.10 21.52
CA ALA K 114 -6.91 34.18 22.34
C ALA K 114 -7.82 33.36 23.27
N PRO K 115 -7.37 32.15 23.64
CA PRO K 115 -8.21 31.19 24.39
C PRO K 115 -8.25 31.51 25.87
N SER K 116 -9.29 31.06 26.56
CA SER K 116 -9.31 31.13 28.03
C SER K 116 -8.94 29.77 28.59
N VAL K 117 -8.03 29.76 29.56
CA VAL K 117 -7.55 28.52 30.12
C VAL K 117 -7.88 28.40 31.60
N THR K 118 -8.65 27.37 31.94
CA THR K 118 -8.90 27.09 33.33
C THR K 118 -8.23 25.78 33.64
N LEU K 119 -7.57 25.69 34.80
CA LEU K 119 -6.83 24.49 35.18
C LEU K 119 -7.24 24.02 36.56
N PHE K 120 -7.75 22.79 36.64
CA PHE K 120 -8.13 22.21 37.92
C PHE K 120 -7.14 21.12 38.28
N PRO K 121 -6.69 21.11 39.54
CA PRO K 121 -5.83 20.05 40.07
C PRO K 121 -6.66 18.79 40.31
N PRO K 122 -6.01 17.70 40.75
CA PRO K 122 -6.77 16.51 41.10
C PRO K 122 -7.67 16.78 42.29
N SER K 123 -8.90 16.27 42.27
CA SER K 123 -9.78 16.35 43.42
C SER K 123 -9.19 15.51 44.54
N SER K 124 -9.57 15.79 45.78
CA SER K 124 -9.05 14.97 46.87
C SER K 124 -9.76 13.63 46.87
N GLU K 125 -10.97 13.60 46.31
CA GLU K 125 -11.74 12.38 46.20
C GLU K 125 -11.06 11.40 45.20
N GLU K 126 -10.67 11.91 44.05
CA GLU K 126 -9.90 11.10 43.12
C GLU K 126 -8.59 10.65 43.73
N LEU K 127 -7.95 11.51 44.51
CA LEU K 127 -6.65 11.16 45.08
C LEU K 127 -6.81 9.96 46.00
N GLN K 128 -7.84 9.95 46.83
CA GLN K 128 -8.09 8.84 47.71
C GLN K 128 -8.41 7.52 47.01
N ALA K 129 -8.78 7.59 45.74
CA ALA K 129 -9.03 6.38 44.97
C ALA K 129 -7.79 6.01 44.17
N ASN K 130 -6.65 6.57 44.56
CA ASN K 130 -5.36 6.28 43.94
C ASN K 130 -5.20 6.58 42.47
N LYS K 131 -5.78 7.69 42.08
CA LYS K 131 -5.69 8.16 40.73
C LYS K 131 -5.53 9.66 40.83
N ALA K 132 -5.15 10.29 39.72
CA ALA K 132 -4.97 11.73 39.65
C ALA K 132 -5.04 12.24 38.20
N THR K 133 -5.98 13.16 37.96
CA THR K 133 -6.18 13.76 36.64
C THR K 133 -6.16 15.27 36.71
N LEU K 134 -5.35 15.92 35.87
CA LEU K 134 -5.36 17.38 35.79
C LEU K 134 -6.25 17.77 34.63
N VAL K 135 -7.12 18.73 34.83
CA VAL K 135 -8.07 19.09 33.80
C VAL K 135 -7.81 20.50 33.31
N CYS K 136 -7.43 20.63 32.05
CA CYS K 136 -7.15 21.92 31.46
C CYS K 136 -8.19 22.28 30.40
N LEU K 137 -9.04 23.24 30.73
CA LEU K 137 -10.14 23.62 29.85
C LEU K 137 -9.84 24.85 28.97
N ILE K 138 -9.88 24.66 27.67
CA ILE K 138 -9.48 25.72 26.73
C ILE K 138 -10.68 26.22 25.91
N SER K 139 -10.93 27.53 25.90
CA SER K 139 -12.16 27.99 25.27
C SER K 139 -12.13 29.38 24.61
N ASP K 140 -13.16 29.65 23.81
CA ASP K 140 -13.37 30.95 23.22
C ASP K 140 -12.23 31.39 22.29
N PHE K 141 -11.57 30.45 21.64
CA PHE K 141 -10.47 30.83 20.76
C PHE K 141 -10.80 30.76 19.25
N TYR K 142 -10.11 31.58 18.47
CA TYR K 142 -10.27 31.58 17.03
C TYR K 142 -9.05 32.23 16.41
N PRO K 143 -8.47 31.60 15.37
CA PRO K 143 -8.93 30.33 14.77
C PRO K 143 -8.87 29.10 15.69
N GLY K 144 -9.59 28.03 15.35
CA GLY K 144 -9.63 26.82 16.17
C GLY K 144 -8.46 25.90 15.99
N ALA K 145 -7.29 26.32 16.46
CA ALA K 145 -6.10 25.48 16.47
C ALA K 145 -5.25 25.90 17.65
N VAL K 146 -4.99 24.97 18.55
CA VAL K 146 -4.04 25.22 19.65
C VAL K 146 -3.06 24.05 19.77
N THR K 147 -1.93 24.32 20.38
CA THR K 147 -0.99 23.30 20.67
C THR K 147 -0.92 23.38 22.16
N VAL K 148 -0.95 22.22 22.81
CA VAL K 148 -0.96 22.12 24.29
C VAL K 148 0.28 21.41 24.84
N ALA K 149 0.90 22.00 25.86
CA ALA K 149 2.11 21.45 26.43
C ALA K 149 1.98 21.49 27.91
N TRP K 150 2.36 20.39 28.54
CA TRP K 150 2.28 20.26 29.99
C TRP K 150 3.67 20.29 30.58
N LYS K 151 3.78 20.80 31.78
CA LYS K 151 5.04 20.92 32.47
C LYS K 151 4.85 20.42 33.89
N ALA K 152 5.79 19.59 34.33
CA ALA K 152 5.99 19.34 35.74
C ALA K 152 7.20 20.15 36.19
N ASP K 153 7.03 21.07 37.12
CA ASP K 153 8.15 21.91 37.57
C ASP K 153 8.89 22.52 36.39
N SER K 154 8.21 22.82 35.29
CA SER K 154 8.97 23.30 34.12
C SER K 154 9.85 22.25 33.40
N SER K 155 9.58 20.97 33.62
CA SER K 155 10.04 19.90 32.73
C SER K 155 8.88 19.45 31.82
N PRO K 156 9.15 19.16 30.53
CA PRO K 156 8.07 18.78 29.65
C PRO K 156 7.50 17.42 29.98
N VAL K 157 6.18 17.26 29.82
CA VAL K 157 5.50 16.01 30.17
C VAL K 157 5.00 15.25 28.96
N LYS K 158 5.63 14.12 28.63
CA LYS K 158 5.28 13.38 27.43
C LYS K 158 4.07 12.47 27.67
N ALA K 159 4.10 11.77 28.80
CA ALA K 159 3.20 10.63 28.98
C ALA K 159 1.88 10.98 29.64
N GLY K 160 0.82 10.32 29.19
CA GLY K 160 -0.44 10.41 29.89
C GLY K 160 -1.23 11.67 29.61
N VAL K 161 -0.82 12.43 28.60
CA VAL K 161 -1.67 13.54 28.15
C VAL K 161 -2.56 13.03 27.05
N GLU K 162 -3.70 13.69 26.92
CA GLU K 162 -4.80 13.19 26.12
C GLU K 162 -5.66 14.42 25.76
N THR K 163 -5.57 14.82 24.51
CA THR K 163 -6.14 16.11 24.12
C THR K 163 -7.23 15.96 23.03
N THR K 164 -8.26 16.78 23.11
CA THR K 164 -9.29 16.75 22.07
C THR K 164 -8.92 17.62 20.87
N THR K 165 -9.52 17.32 19.74
CA THR K 165 -9.42 18.26 18.64
C THR K 165 -10.39 19.36 19.04
N PRO K 166 -10.24 20.57 18.47
CA PRO K 166 -11.14 21.70 18.77
C PRO K 166 -12.53 21.51 18.18
N SER K 167 -13.55 22.05 18.82
CA SER K 167 -14.89 22.05 18.22
C SER K 167 -15.63 23.41 18.31
N LYS K 168 -16.27 23.82 17.22
CA LYS K 168 -17.03 25.06 17.18
C LYS K 168 -17.98 25.15 18.35
N GLN K 169 -17.97 26.28 19.03
CA GLN K 169 -18.91 26.53 20.11
C GLN K 169 -20.13 27.19 19.52
N SER K 170 -21.19 27.33 20.31
CA SER K 170 -22.41 27.98 19.80
C SER K 170 -22.16 29.36 19.18
N ASN K 171 -21.10 30.04 19.63
CA ASN K 171 -20.77 31.39 19.18
C ASN K 171 -19.69 31.46 18.08
N ASN K 172 -19.35 30.31 17.52
CA ASN K 172 -18.37 30.21 16.43
C ASN K 172 -16.90 30.50 16.79
N LYS K 173 -16.61 30.46 18.09
CA LYS K 173 -15.24 30.36 18.53
C LYS K 173 -15.06 28.87 18.86
N TYR K 174 -13.86 28.45 19.31
CA TYR K 174 -13.60 27.03 19.45
C TYR K 174 -13.28 26.70 20.88
N ALA K 175 -13.52 25.45 21.26
CA ALA K 175 -13.16 24.95 22.59
C ALA K 175 -12.34 23.71 22.47
N ALA K 176 -11.60 23.36 23.52
CA ALA K 176 -10.89 22.08 23.60
C ALA K 176 -10.48 21.79 25.04
N SER K 177 -10.20 20.52 25.32
CA SER K 177 -9.78 20.11 26.65
C SER K 177 -8.61 19.16 26.53
N SER K 178 -7.79 19.15 27.59
CA SER K 178 -6.61 18.31 27.68
C SER K 178 -6.52 17.74 29.10
N TYR K 179 -6.41 16.42 29.20
CA TYR K 179 -6.32 15.74 30.50
C TYR K 179 -4.93 15.09 30.70
N LEU K 180 -4.29 15.38 31.85
CA LEU K 180 -3.01 14.74 32.22
C LEU K 180 -3.21 13.77 33.36
N SER K 181 -2.94 12.49 33.12
CA SER K 181 -3.09 11.43 34.13
C SER K 181 -1.83 11.18 34.91
N LEU K 182 -1.91 11.25 36.22
CA LEU K 182 -0.74 11.13 37.04
C LEU K 182 -0.92 10.04 38.08
N THR K 183 0.19 9.61 38.66
CA THR K 183 0.23 8.87 39.88
C THR K 183 0.06 9.85 41.02
N PRO K 184 -0.69 9.48 42.06
CA PRO K 184 -0.78 10.40 43.20
C PRO K 184 0.62 10.83 43.72
N GLU K 185 1.56 9.89 43.80
CA GLU K 185 2.90 10.25 44.24
C GLU K 185 3.65 11.16 43.24
N GLN K 186 3.28 11.12 41.95
CA GLN K 186 3.93 11.99 40.99
C GLN K 186 3.40 13.39 41.22
N TRP K 187 2.08 13.48 41.43
CA TRP K 187 1.42 14.74 41.72
C TRP K 187 2.08 15.42 42.90
N LYS K 188 2.18 14.73 44.03
CA LYS K 188 2.75 15.35 45.23
C LYS K 188 4.25 15.57 45.10
N SER K 189 4.91 14.89 44.18
CA SER K 189 6.36 14.89 44.18
C SER K 189 6.96 16.05 43.39
N HIS K 190 6.10 16.75 42.65
CA HIS K 190 6.55 17.95 41.98
C HIS K 190 6.00 19.12 42.73
N ARG K 191 6.50 20.28 42.38
CA ARG K 191 6.15 21.41 43.18
C ARG K 191 4.99 22.18 42.54
N SER K 192 4.76 21.88 41.27
CA SER K 192 3.63 22.39 40.55
C SER K 192 3.59 21.79 39.17
N TYR K 193 2.43 21.89 38.52
CA TYR K 193 2.26 21.45 37.12
C TYR K 193 1.67 22.60 36.36
N SER K 194 1.88 22.62 35.05
CA SER K 194 1.37 23.72 34.24
C SER K 194 0.69 23.26 32.95
N CYS K 195 -0.38 23.97 32.58
CA CYS K 195 -0.99 23.79 31.29
C CYS K 195 -0.60 24.96 30.40
N GLN K 196 0.10 24.66 29.32
CA GLN K 196 0.54 25.72 28.41
C GLN K 196 -0.11 25.65 27.02
N VAL K 197 -1.01 26.59 26.75
CA VAL K 197 -1.76 26.59 25.51
C VAL K 197 -1.19 27.64 24.57
N THR K 198 -0.74 27.21 23.40
CA THR K 198 -0.18 28.13 22.42
C THR K 198 -1.14 28.34 21.27
N HIS K 199 -1.40 29.58 20.92
CA HIS K 199 -2.39 29.87 19.92
C HIS K 199 -1.88 31.07 19.12
N GLU K 200 -1.97 30.99 17.79
CA GLU K 200 -1.43 32.01 16.90
C GLU K 200 -0.07 32.55 17.36
N GLY K 201 0.87 31.62 17.60
CA GLY K 201 2.23 31.95 18.05
C GLY K 201 2.31 32.67 19.40
N SER K 202 1.27 32.49 20.21
CA SER K 202 1.14 33.27 21.44
C SER K 202 0.67 32.29 22.52
N THR K 203 1.28 32.34 23.69
CA THR K 203 1.05 31.33 24.71
C THR K 203 0.35 31.83 25.96
N VAL K 204 -0.69 31.12 26.37
CA VAL K 204 -1.27 31.36 27.68
C VAL K 204 -1.14 30.16 28.60
N GLU K 205 -0.76 30.42 29.86
CA GLU K 205 -0.31 29.39 30.79
C GLU K 205 -1.04 29.50 32.13
N LYS K 206 -1.52 28.37 32.64
CA LYS K 206 -2.12 28.33 33.96
C LYS K 206 -1.40 27.26 34.72
N THR K 207 -1.34 27.36 36.04
CA THR K 207 -0.53 26.41 36.81
C THR K 207 -1.14 26.04 38.15
N VAL K 208 -1.02 24.79 38.58
CA VAL K 208 -1.62 24.35 39.85
C VAL K 208 -0.60 23.67 40.75
N ALA K 209 -0.86 23.68 42.05
CA ALA K 209 0.05 23.02 43.00
C ALA K 209 -0.68 22.09 43.96
N PRO K 210 0.05 21.10 44.53
CA PRO K 210 -0.50 20.14 45.49
C PRO K 210 -0.87 20.83 46.80
N THR K 211 -1.86 20.29 47.53
CA THR K 211 -2.27 20.79 48.87
C THR K 211 -1.52 22.06 49.29
N PRO L 34 24.74 24.87 -10.04
CA PRO L 34 24.06 24.33 -11.23
C PRO L 34 24.84 24.69 -12.50
N PHE L 35 24.88 23.79 -13.48
CA PHE L 35 25.82 23.90 -14.59
C PHE L 35 25.38 23.10 -15.80
N LEU L 36 24.11 22.70 -15.85
CA LEU L 36 23.59 21.97 -16.99
C LEU L 36 22.38 22.70 -17.57
N LYS L 37 22.30 22.81 -18.90
CA LYS L 37 21.13 23.37 -19.57
C LYS L 37 20.30 22.31 -20.27
N CYS L 38 18.99 22.34 -20.04
CA CYS L 38 18.05 21.37 -20.63
C CYS L 38 16.88 22.05 -21.35
N TYR L 39 16.39 21.41 -22.40
CA TYR L 39 15.18 21.86 -23.09
C TYR L 39 14.05 21.62 -22.12
N CYS L 40 12.97 22.38 -22.21
CA CYS L 40 11.77 21.99 -21.46
C CYS L 40 10.46 22.37 -22.15
N SER L 41 9.43 21.60 -21.82
CA SER L 41 8.09 21.84 -22.32
C SER L 41 7.11 21.10 -21.41
N GLY L 42 5.85 21.52 -21.48
CA GLY L 42 4.80 20.95 -20.63
C GLY L 42 4.77 21.63 -19.27
N HIS L 43 5.87 21.48 -18.53
CA HIS L 43 6.00 22.13 -17.24
C HIS L 43 7.37 22.75 -16.98
N CYS L 44 7.62 23.93 -17.55
CA CYS L 44 8.87 24.64 -17.36
C CYS L 44 8.77 25.53 -16.14
N PRO L 45 9.81 25.51 -15.28
CA PRO L 45 9.93 26.48 -14.19
C PRO L 45 9.89 27.88 -14.72
N ASP L 46 9.22 28.78 -14.02
CA ASP L 46 9.01 30.13 -14.53
C ASP L 46 10.25 31.01 -14.39
N ASP L 47 11.40 30.38 -14.21
CA ASP L 47 12.67 31.07 -14.45
C ASP L 47 13.25 30.59 -15.76
N ALA L 48 12.37 30.52 -16.75
CA ALA L 48 12.77 30.07 -18.06
C ALA L 48 13.01 31.27 -18.97
N ILE L 49 14.20 31.31 -19.57
CA ILE L 49 14.30 31.85 -20.91
C ILE L 49 13.80 30.64 -21.69
N ASN L 50 12.82 30.86 -22.56
CA ASN L 50 11.86 29.80 -22.89
C ASN L 50 12.42 28.48 -23.42
N ASN L 51 11.94 27.40 -22.80
CA ASN L 51 12.38 26.04 -23.14
C ASN L 51 13.83 25.80 -22.72
N THR L 52 14.19 26.42 -21.60
CA THR L 52 15.49 26.17 -20.99
C THR L 52 15.39 26.34 -19.48
N CYS L 53 15.85 25.32 -18.77
CA CYS L 53 16.08 25.40 -17.33
C CYS L 53 17.54 25.06 -17.08
N ILE L 54 18.11 25.64 -16.03
CA ILE L 54 19.43 25.23 -15.59
C ILE L 54 19.26 24.30 -14.40
N THR L 55 20.07 23.25 -14.35
CA THR L 55 20.04 22.32 -13.24
C THR L 55 21.41 21.74 -12.98
N ASN L 56 21.54 21.09 -11.84
CA ASN L 56 22.79 20.47 -11.44
C ASN L 56 22.61 18.97 -11.54
N GLY L 57 21.42 18.58 -11.98
CA GLY L 57 21.05 17.17 -12.03
C GLY L 57 21.16 16.53 -13.39
N HIS L 58 20.01 16.21 -13.98
CA HIS L 58 19.97 15.62 -15.32
C HIS L 58 18.91 16.27 -16.16
N CYS L 59 18.99 16.08 -17.47
CA CYS L 59 17.90 16.43 -18.35
C CYS L 59 17.02 15.20 -18.52
N PHE L 60 15.74 15.42 -18.78
CA PHE L 60 14.81 14.33 -19.02
C PHE L 60 13.76 14.70 -20.07
N ALA L 61 13.24 13.67 -20.72
CA ALA L 61 12.04 13.74 -21.55
C ALA L 61 11.21 12.56 -21.10
N ILE L 62 9.90 12.72 -21.17
CA ILE L 62 8.97 11.73 -20.67
C ILE L 62 7.73 11.63 -21.58
N ILE L 63 7.20 10.42 -21.69
CA ILE L 63 5.91 10.20 -22.34
C ILE L 63 5.04 9.45 -21.34
N GLU L 64 3.75 9.77 -21.32
CA GLU L 64 2.83 8.99 -20.54
C GLU L 64 1.46 9.00 -21.16
N GLU L 65 0.71 7.94 -20.93
CA GLU L 65 -0.63 7.87 -21.45
C GLU L 65 -1.61 7.72 -20.30
N ASP L 66 -2.69 8.49 -20.32
CA ASP L 66 -3.63 8.55 -19.22
C ASP L 66 -4.68 7.49 -19.37
N ASP L 67 -5.74 7.59 -18.57
CA ASP L 67 -6.71 6.52 -18.48
C ASP L 67 -7.62 6.38 -19.70
N GLN L 68 -7.68 7.41 -20.54
CA GLN L 68 -8.10 7.22 -21.93
C GLN L 68 -6.83 7.18 -22.79
N GLY L 69 -6.93 6.80 -24.06
CA GLY L 69 -5.71 6.57 -24.83
C GLY L 69 -4.78 7.75 -24.99
N GLU L 70 -5.06 8.86 -24.31
CA GLU L 70 -4.38 10.12 -24.58
C GLU L 70 -2.95 10.12 -24.08
N THR L 71 -2.00 10.44 -24.96
CA THR L 71 -0.59 10.50 -24.57
C THR L 71 -0.10 11.94 -24.53
N THR L 72 0.65 12.32 -23.50
CA THR L 72 1.23 13.67 -23.40
C THR L 72 2.74 13.63 -23.19
N LEU L 73 3.45 14.51 -23.88
CA LEU L 73 4.90 14.59 -23.75
C LEU L 73 5.29 15.68 -22.78
N ALA L 74 6.46 15.53 -22.17
CA ALA L 74 7.04 16.61 -21.37
C ALA L 74 8.55 16.45 -21.32
N SER L 75 9.25 17.56 -21.13
CA SER L 75 10.67 17.52 -20.88
C SER L 75 11.05 18.67 -19.95
N GLY L 76 12.22 18.57 -19.32
CA GLY L 76 12.66 19.61 -18.40
C GLY L 76 13.85 19.18 -17.59
N CYS L 77 13.99 19.78 -16.42
CA CYS L 77 15.10 19.47 -15.53
C CYS L 77 14.72 18.50 -14.41
N MET L 78 15.62 17.57 -14.11
CA MET L 78 15.45 16.64 -13.01
C MET L 78 16.49 17.08 -12.01
N LYS L 79 16.06 17.65 -10.89
CA LYS L 79 17.02 18.19 -9.92
C LYS L 79 17.95 17.13 -9.34
N TYR L 80 19.12 17.54 -8.91
CA TYR L 80 20.11 16.64 -8.33
C TYR L 80 19.58 16.10 -7.01
N GLU L 81 19.60 14.78 -6.86
CA GLU L 81 18.96 14.16 -5.72
C GLU L 81 19.93 13.61 -4.68
N GLY L 82 21.17 14.08 -4.70
CA GLY L 82 22.16 13.66 -3.72
C GLY L 82 22.62 12.25 -3.99
N SER L 83 22.65 11.41 -2.97
CA SER L 83 23.03 10.01 -3.14
C SER L 83 22.01 9.23 -3.97
N ASP L 84 20.74 9.57 -3.87
CA ASP L 84 19.70 8.90 -4.62
C ASP L 84 19.72 9.28 -6.10
N PHE L 85 19.45 8.33 -6.98
CA PHE L 85 19.17 8.62 -8.37
C PHE L 85 18.40 7.50 -8.99
N GLN L 86 17.51 7.87 -9.89
CA GLN L 86 16.54 6.95 -10.44
C GLN L 86 16.03 7.54 -11.76
N CYS L 87 16.18 6.82 -12.85
CA CYS L 87 15.60 7.25 -14.12
C CYS L 87 14.84 6.10 -14.73
N LYS L 88 15.56 5.07 -15.18
CA LYS L 88 14.89 3.89 -15.71
C LYS L 88 14.25 2.96 -14.66
N ASP L 89 14.93 2.77 -13.53
CA ASP L 89 14.57 1.77 -12.52
C ASP L 89 13.58 2.25 -11.47
N SER L 90 12.31 2.43 -11.87
CA SER L 90 11.27 2.87 -10.96
C SER L 90 10.12 1.88 -10.92
N PRO L 91 10.31 0.72 -10.28
CA PRO L 91 9.39 -0.41 -10.33
C PRO L 91 8.02 -0.06 -9.85
N LYS L 92 7.92 0.98 -9.04
CA LYS L 92 6.61 1.44 -8.52
C LYS L 92 5.86 2.37 -9.48
N ALA L 93 6.53 2.94 -10.47
CA ALA L 93 5.87 3.82 -11.43
C ALA L 93 4.88 3.08 -12.29
N GLN L 94 3.83 3.77 -12.70
CA GLN L 94 2.83 3.28 -13.64
C GLN L 94 3.46 2.70 -14.89
N LEU L 95 2.80 1.73 -15.49
CA LEU L 95 3.36 1.05 -16.67
C LEU L 95 3.40 1.91 -17.93
N ARG L 96 2.34 2.68 -18.18
CA ARG L 96 2.22 3.48 -19.39
C ARG L 96 2.88 4.86 -19.23
N ARG L 97 4.19 4.83 -19.00
CA ARG L 97 5.03 5.99 -18.79
C ARG L 97 6.41 5.52 -19.13
N THR L 98 7.18 6.29 -19.87
CA THR L 98 8.57 5.93 -20.18
C THR L 98 9.37 7.21 -20.11
N ILE L 99 10.46 7.20 -19.35
CA ILE L 99 11.24 8.42 -19.17
C ILE L 99 12.69 8.13 -19.51
N GLU L 100 13.40 9.11 -20.05
CA GLU L 100 14.80 8.91 -20.36
C GLU L 100 15.60 10.10 -19.90
N CYS L 101 16.82 9.86 -19.47
CA CYS L 101 17.63 10.91 -18.91
C CYS L 101 19.00 10.96 -19.59
N CYS L 102 19.68 12.09 -19.45
CA CYS L 102 21.00 12.28 -20.05
C CYS L 102 21.59 13.53 -19.43
N ARG L 103 22.91 13.67 -19.48
CA ARG L 103 23.58 14.73 -18.72
C ARG L 103 24.52 15.62 -19.54
N THR L 104 24.16 15.88 -20.78
CA THR L 104 24.94 16.77 -21.64
C THR L 104 24.14 18.02 -21.99
N ASN L 105 24.80 19.15 -22.16
CA ASN L 105 24.08 20.37 -22.50
C ASN L 105 23.04 20.17 -23.60
N LEU L 106 21.78 20.41 -23.26
CA LEU L 106 20.65 20.31 -24.18
C LEU L 106 20.39 18.91 -24.73
N CYS L 107 20.90 17.88 -24.05
CA CYS L 107 20.86 16.52 -24.58
C CYS L 107 19.48 15.95 -24.82
N ASN L 108 18.45 16.58 -24.26
CA ASN L 108 17.10 15.99 -24.33
C ASN L 108 16.26 16.37 -25.55
N GLN L 109 16.74 17.33 -26.34
CA GLN L 109 16.09 17.61 -27.61
C GLN L 109 16.11 16.34 -28.45
N TYR L 110 17.30 15.74 -28.57
CA TYR L 110 17.49 14.46 -29.28
C TYR L 110 16.86 13.29 -28.53
N LEU L 111 15.70 13.47 -27.91
CA LEU L 111 15.18 12.43 -27.01
C LEU L 111 13.69 12.15 -27.15
N GLN L 112 13.39 10.86 -27.30
CA GLN L 112 12.20 10.40 -28.03
C GLN L 112 11.58 9.18 -27.36
N PRO L 113 11.31 9.25 -26.05
CA PRO L 113 10.90 8.05 -25.34
C PRO L 113 9.63 7.43 -25.91
N THR L 114 9.60 6.09 -26.01
CA THR L 114 8.40 5.38 -26.47
C THR L 114 7.74 4.51 -25.38
N LEU L 115 6.42 4.58 -25.29
CA LEU L 115 5.65 3.69 -24.45
C LEU L 115 5.91 2.26 -24.88
N PRO L 116 5.93 1.31 -23.92
CA PRO L 116 6.03 -0.11 -24.27
C PRO L 116 4.85 -0.55 -25.13
N PRO L 117 4.96 -1.72 -25.76
CA PRO L 117 3.91 -2.05 -26.73
C PRO L 117 2.60 -2.67 -26.21
N VAL L 118 2.48 -3.04 -24.93
CA VAL L 118 1.29 -3.84 -24.51
C VAL L 118 -0.03 -3.38 -25.16
#